data_3QEL
#
_entry.id   3QEL
#
_cell.length_a   267.993
_cell.length_b   60.869
_cell.length_c   144.923
_cell.angle_alpha   90.00
_cell.angle_beta   116.49
_cell.angle_gamma   90.00
#
_symmetry.space_group_name_H-M   'C 1 2 1'
#
loop_
_entity.id
_entity.type
_entity.pdbx_description
1 polymer 'NMDA glutamate receptor subunit'
2 polymer 'Glutamate [NMDA] receptor subunit epsilon-2'
3 branched alpha-D-mannopyranose-(1-3)-[alpha-D-mannopyranose-(1-6)]beta-D-mannopyranose-(1-4)-2-acetamido-2-deoxy-beta-D-glucopyranose-(1-4)-[alpha-L-fucopyranose-(1-3)]2-acetamido-2-deoxy-beta-D-glucopyranose
4 non-polymer 'SODIUM ION'
5 non-polymer 2-acetamido-2-deoxy-beta-D-glucopyranose
6 non-polymer 4-[(1R,2S)-2-(4-benzylpiperidin-1-yl)-1-hydroxypropyl]phenol
7 water water
#
loop_
_entity_poly.entity_id
_entity_poly.type
_entity_poly.pdbx_seq_one_letter_code
_entity_poly.pdbx_strand_id
1 'polypeptide(L)'
;DPKIVNIGAVLSTKKHEQIFREAVNQANKRHFTRKIQLQATSVTHRPNAIQMALSVCEDLISSQVYAILVSHPPAPTDHL
TPTPISYTAGFYRIPVIGLTTRMSIYSDKSIHLSFLRTVPPYSHQALVWFEMMRLFNWNHVILIVSDDHEGRAAQKKLET
LLEGKESKSKKRNYENLDQLSYDNKRGPKADKVLQFEPGTKNLTALLLEAKELEARVIILSASEDDATAVYKSAAMLDMT
GAGYVWLVGEREISGSALRYAPDGIIGLQLINGKNESAHISDAVAVVAQAIHELFEMENITDPPRGCVGNTNIWKTGPLF
KRVLMSSKYPDGVTGRIEFNEDGDRKFAQYSIMNLQNRKLVQVGIFNGSYIIQNDRKIIWPGG
;
A,C
2 'polypeptide(L)'
;SPPSIGIAVILVGTSDEVAIKDAHEKDDFHHLSVVPRVELVAMNETDPKSIITRICDLMSDRKIQGVVFADDTDQEAIAQ
ILDFISAQTLTPILGIHGGSSMIMADKDESSMFFQFGPSIEQQASVMLNIMEEYDWYIFSIVTTYFPGYQDFVNKIRSTI
ENSFVGWELEEVLLLDMSLDDGDSKIQNQLKKLQSPIILLYCTKEEATYIFEVANSVGLTGYGYTWIVPSLVAGDTDTVP
SEFPTGLISVSYDEWDYGLPARVRDGIAIITTAASDMLSEHSFIPEPKSSCYNTHEKRIYQSNMLNRYLINVTFEGRDLS
FSEDGYQMHPKLVIILLNKERKWERVGKWKDKSLQMKYYVWPRM
;
B,D
#
loop_
_chem_comp.id
_chem_comp.type
_chem_comp.name
_chem_comp.formula
BMA D-saccharide, beta linking beta-D-mannopyranose 'C6 H12 O6'
FUC L-saccharide, alpha linking alpha-L-fucopyranose 'C6 H12 O5'
MAN D-saccharide, alpha linking alpha-D-mannopyranose 'C6 H12 O6'
NA non-polymer 'SODIUM ION' 'Na 1'
NAG D-saccharide, beta linking 2-acetamido-2-deoxy-beta-D-glucopyranose 'C8 H15 N O6'
QEL non-polymer 4-[(1R,2S)-2-(4-benzylpiperidin-1-yl)-1-hydroxypropyl]phenol 'C21 H27 N O2'
#
# COMPACT_ATOMS: atom_id res chain seq x y z
N ASP A 1 -34.55 49.75 -12.19
CA ASP A 1 -34.28 48.42 -11.65
C ASP A 1 -33.45 48.49 -10.36
N PRO A 2 -33.63 47.48 -9.48
CA PRO A 2 -32.88 47.35 -8.23
C PRO A 2 -31.54 46.64 -8.38
N LYS A 3 -30.67 46.75 -7.38
CA LYS A 3 -29.43 46.02 -7.39
C LYS A 3 -29.65 44.57 -6.95
N ILE A 4 -29.25 43.63 -7.79
CA ILE A 4 -29.49 42.23 -7.49
C ILE A 4 -28.39 41.63 -6.64
N VAL A 5 -28.75 41.22 -5.43
CA VAL A 5 -27.84 40.64 -4.45
C VAL A 5 -28.02 39.11 -4.33
N ASN A 6 -27.04 38.33 -4.80
CA ASN A 6 -27.13 36.86 -4.72
C ASN A 6 -26.81 36.27 -3.37
N ILE A 7 -27.66 35.37 -2.92
CA ILE A 7 -27.39 34.50 -1.78
C ILE A 7 -27.18 33.10 -2.32
N GLY A 8 -26.20 32.41 -1.77
CA GLY A 8 -25.94 31.05 -2.19
C GLY A 8 -26.37 30.00 -1.18
N ALA A 9 -26.37 28.75 -1.63
CA ALA A 9 -26.62 27.63 -0.74
C ALA A 9 -26.11 26.32 -1.32
N VAL A 10 -25.47 25.53 -0.47
CA VAL A 10 -25.20 24.14 -0.76
C VAL A 10 -26.18 23.28 0.04
N LEU A 11 -27.17 22.70 -0.62
CA LEU A 11 -28.22 21.94 0.06
C LEU A 11 -28.26 20.46 -0.35
N SER A 12 -29.11 19.69 0.31
CA SER A 12 -29.14 18.23 0.15
C SER A 12 -29.69 17.73 -1.16
N THR A 13 -30.86 18.23 -1.56
CA THR A 13 -31.55 17.71 -2.73
C THR A 13 -32.08 18.86 -3.56
N LYS A 14 -32.42 18.56 -4.80
CA LYS A 14 -33.15 19.51 -5.63
C LYS A 14 -34.46 20.01 -4.96
N LYS A 15 -35.14 19.19 -4.15
CA LYS A 15 -36.37 19.65 -3.47
C LYS A 15 -36.04 20.80 -2.52
N HIS A 16 -35.00 20.61 -1.73
CA HIS A 16 -34.55 21.65 -0.84
C HIS A 16 -34.00 22.87 -1.56
N GLU A 17 -33.50 22.68 -2.78
CA GLU A 17 -33.06 23.83 -3.59
C GLU A 17 -34.27 24.69 -3.89
N GLN A 18 -35.38 24.04 -4.21
CA GLN A 18 -36.61 24.73 -4.58
C GLN A 18 -37.22 25.44 -3.38
N ILE A 19 -37.02 24.89 -2.18
CA ILE A 19 -37.45 25.55 -0.97
C ILE A 19 -36.65 26.83 -0.73
N PHE A 20 -35.32 26.74 -0.85
CA PHE A 20 -34.46 27.90 -0.80
C PHE A 20 -34.91 28.98 -1.80
N ARG A 21 -35.08 28.61 -3.06
CA ARG A 21 -35.56 29.54 -4.08
C ARG A 21 -36.84 30.21 -3.60
N GLU A 22 -37.73 29.45 -2.99
CA GLU A 22 -39.03 29.98 -2.60
C GLU A 22 -38.93 30.86 -1.35
N ALA A 23 -38.00 30.54 -0.46
CA ALA A 23 -37.80 31.37 0.72
C ALA A 23 -37.30 32.74 0.31
N VAL A 24 -36.44 32.79 -0.71
CA VAL A 24 -35.84 34.03 -1.14
C VAL A 24 -36.90 34.85 -1.84
N ASN A 25 -37.63 34.23 -2.74
CA ASN A 25 -38.80 34.86 -3.36
C ASN A 25 -39.76 35.50 -2.32
N GLN A 26 -40.06 34.81 -1.22
CA GLN A 26 -40.91 35.39 -0.18
C GLN A 26 -40.26 36.59 0.53
N ALA A 27 -38.96 36.49 0.81
CA ALA A 27 -38.21 37.59 1.40
C ALA A 27 -38.31 38.82 0.50
N ASN A 28 -38.21 38.61 -0.81
CA ASN A 28 -38.39 39.71 -1.72
C ASN A 28 -39.78 40.31 -1.59
N LYS A 29 -40.78 39.46 -1.46
CA LYS A 29 -42.15 39.89 -1.34
C LYS A 29 -42.39 40.68 -0.06
N ARG A 30 -41.88 40.19 1.06
CA ARG A 30 -42.18 40.79 2.34
C ARG A 30 -41.34 42.05 2.60
N HIS A 31 -40.16 42.11 1.99
CA HIS A 31 -39.31 43.31 2.08
C HIS A 31 -39.59 44.39 1.04
N PHE A 32 -39.19 45.60 1.39
CA PHE A 32 -39.17 46.71 0.44
C PHE A 32 -37.92 46.55 -0.44
N THR A 33 -38.14 46.33 -1.75
CA THR A 33 -37.07 45.92 -2.63
C THR A 33 -36.92 46.81 -3.87
N ARG A 34 -37.04 48.12 -3.68
CA ARG A 34 -36.78 49.08 -4.76
C ARG A 34 -35.27 49.23 -4.96
N LYS A 35 -34.54 49.32 -3.86
CA LYS A 35 -33.09 49.47 -3.91
C LYS A 35 -32.38 48.14 -4.12
N ILE A 36 -32.56 47.20 -3.19
CA ILE A 36 -31.92 45.90 -3.33
C ILE A 36 -32.88 44.73 -3.34
N GLN A 37 -32.63 43.79 -4.24
CA GLN A 37 -33.45 42.58 -4.33
C GLN A 37 -32.57 41.32 -4.37
N LEU A 38 -32.96 40.30 -3.61
CA LEU A 38 -32.18 39.06 -3.49
C LEU A 38 -32.41 38.12 -4.66
N GLN A 39 -31.38 37.34 -4.99
CA GLN A 39 -31.54 36.24 -5.94
C GLN A 39 -30.91 34.96 -5.39
N ALA A 40 -31.62 33.85 -5.52
CA ALA A 40 -31.14 32.57 -4.98
C ALA A 40 -30.23 31.86 -5.98
N THR A 41 -29.10 31.37 -5.48
CA THR A 41 -28.16 30.59 -6.29
C THR A 41 -27.74 29.38 -5.46
N SER A 42 -27.91 28.16 -6.00
CA SER A 42 -27.64 26.96 -5.20
C SER A 42 -27.11 25.77 -5.98
N VAL A 43 -26.48 24.85 -5.24
CA VAL A 43 -26.06 23.57 -5.78
C VAL A 43 -26.30 22.55 -4.70
N THR A 44 -26.14 21.28 -5.05
CA THR A 44 -26.21 20.21 -4.06
C THR A 44 -24.77 19.81 -3.80
N HIS A 45 -24.54 19.02 -2.76
CA HIS A 45 -23.21 18.57 -2.37
C HIS A 45 -22.47 17.76 -3.43
N ARG A 46 -21.15 17.96 -3.54
CA ARG A 46 -20.32 17.14 -4.41
C ARG A 46 -19.86 15.87 -3.72
N PRO A 47 -19.40 14.89 -4.49
CA PRO A 47 -19.04 13.57 -3.97
C PRO A 47 -17.80 13.60 -3.08
N ASN A 48 -16.92 14.57 -3.28
CA ASN A 48 -15.75 14.72 -2.40
C ASN A 48 -15.37 16.17 -2.11
N ALA A 49 -14.51 16.36 -1.11
CA ALA A 49 -14.10 17.70 -0.65
C ALA A 49 -13.43 18.62 -1.69
N ILE A 50 -12.56 18.09 -2.53
CA ILE A 50 -11.97 18.90 -3.61
C ILE A 50 -12.99 19.38 -4.66
N GLN A 51 -13.82 18.47 -5.15
CA GLN A 51 -14.87 18.86 -6.08
C GLN A 51 -15.86 19.85 -5.46
N MET A 52 -16.05 19.77 -4.14
CA MET A 52 -16.98 20.65 -3.44
C MET A 52 -16.44 22.09 -3.39
N ALA A 53 -15.17 22.21 -3.05
CA ALA A 53 -14.50 23.49 -3.05
C ALA A 53 -14.59 24.12 -4.43
N LEU A 54 -14.35 23.32 -5.46
CA LEU A 54 -14.35 23.85 -6.81
C LEU A 54 -15.75 24.30 -7.18
N SER A 55 -16.76 23.55 -6.71
CA SER A 55 -18.15 23.91 -6.98
C SER A 55 -18.48 25.25 -6.32
N VAL A 56 -18.05 25.41 -5.08
CA VAL A 56 -18.18 26.71 -4.43
C VAL A 56 -17.68 27.84 -5.34
N CYS A 57 -16.50 27.68 -5.93
CA CYS A 57 -15.93 28.70 -6.80
C CYS A 57 -16.67 28.91 -8.12
N GLU A 58 -16.94 27.83 -8.83
CA GLU A 58 -17.49 27.90 -10.17
C GLU A 58 -18.96 28.23 -10.17
N ASP A 59 -19.67 27.81 -9.12
CA ASP A 59 -21.12 27.93 -9.11
C ASP A 59 -21.63 29.05 -8.25
N LEU A 60 -20.94 29.32 -7.15
CA LEU A 60 -21.44 30.29 -6.20
C LEU A 60 -20.66 31.60 -6.22
N ILE A 61 -19.37 31.54 -5.87
CA ILE A 61 -18.57 32.74 -5.77
C ILE A 61 -18.50 33.41 -7.14
N SER A 62 -18.76 32.63 -8.19
CA SER A 62 -18.80 33.17 -9.54
C SER A 62 -20.00 34.10 -9.70
N SER A 63 -20.93 34.03 -8.76
CA SER A 63 -22.16 34.81 -8.87
C SER A 63 -22.19 35.88 -7.80
N GLN A 64 -21.07 36.04 -7.12
CA GLN A 64 -20.95 37.05 -6.09
C GLN A 64 -21.98 36.89 -5.00
N VAL A 65 -21.95 35.76 -4.31
CA VAL A 65 -22.91 35.55 -3.25
C VAL A 65 -22.43 36.31 -2.05
N TYR A 66 -23.35 36.98 -1.36
CA TYR A 66 -23.02 37.71 -0.14
C TYR A 66 -22.90 36.73 1.01
N ALA A 67 -23.44 35.53 0.83
CA ALA A 67 -23.52 34.52 1.90
C ALA A 67 -23.86 33.15 1.31
N ILE A 68 -23.50 32.11 2.04
CA ILE A 68 -23.76 30.75 1.58
C ILE A 68 -24.40 29.89 2.69
N LEU A 69 -25.67 29.53 2.52
CA LEU A 69 -26.33 28.55 3.40
C LEU A 69 -25.76 27.17 3.14
N VAL A 70 -25.48 26.41 4.19
CA VAL A 70 -24.95 25.06 4.02
C VAL A 70 -25.57 24.05 4.95
N SER A 71 -26.05 22.96 4.37
CA SER A 71 -26.66 21.91 5.18
C SER A 71 -25.78 20.66 5.20
N HIS A 72 -26.14 19.70 6.05
CA HIS A 72 -25.51 18.39 6.05
C HIS A 72 -26.23 17.51 5.03
N PRO A 73 -25.49 17.01 4.05
CA PRO A 73 -26.06 16.16 2.99
C PRO A 73 -26.71 14.90 3.55
N PRO A 74 -27.17 14.03 2.65
CA PRO A 74 -27.82 12.78 3.04
C PRO A 74 -26.83 11.62 3.14
N LEU A 80 -18.24 13.86 4.34
CA LEU A 80 -18.67 14.96 3.48
C LEU A 80 -19.24 16.16 4.28
N THR A 81 -18.34 16.89 4.95
CA THR A 81 -18.75 17.96 5.86
C THR A 81 -18.86 19.30 5.15
N PRO A 82 -19.34 20.32 5.88
CA PRO A 82 -19.36 21.70 5.35
C PRO A 82 -17.96 22.30 5.22
N THR A 83 -16.92 21.62 5.71
CA THR A 83 -15.58 22.21 5.79
C THR A 83 -15.00 22.86 4.50
N PRO A 84 -14.98 22.12 3.38
CA PRO A 84 -14.49 22.72 2.14
C PRO A 84 -15.28 23.97 1.80
N ILE A 85 -16.53 24.05 2.21
CA ILE A 85 -17.32 25.21 1.87
C ILE A 85 -16.93 26.40 2.76
N SER A 86 -16.66 26.12 4.02
CA SER A 86 -16.18 27.10 4.97
C SER A 86 -14.78 27.64 4.62
N TYR A 87 -13.82 26.77 4.36
CA TYR A 87 -12.50 27.19 3.92
C TYR A 87 -12.54 28.10 2.67
N THR A 88 -13.25 27.67 1.63
CA THR A 88 -13.27 28.39 0.38
C THR A 88 -13.95 29.72 0.62
N ALA A 89 -15.06 29.72 1.32
CA ALA A 89 -15.80 30.96 1.50
C ALA A 89 -15.02 31.87 2.47
N GLY A 90 -14.36 31.26 3.45
CA GLY A 90 -13.59 32.02 4.42
C GLY A 90 -12.33 32.63 3.82
N PHE A 91 -11.86 32.08 2.71
CA PHE A 91 -10.71 32.66 2.04
C PHE A 91 -11.06 34.12 1.71
N TYR A 92 -12.31 34.37 1.34
CA TYR A 92 -12.78 35.71 0.97
C TYR A 92 -13.53 36.47 2.06
N ARG A 93 -13.81 35.80 3.19
CA ARG A 93 -14.63 36.36 4.29
C ARG A 93 -16.10 36.51 3.91
N ILE A 94 -16.54 35.67 2.98
CA ILE A 94 -17.96 35.52 2.69
C ILE A 94 -18.57 34.62 3.76
N PRO A 95 -19.57 35.12 4.51
CA PRO A 95 -20.16 34.33 5.61
C PRO A 95 -20.85 33.03 5.19
N VAL A 96 -20.66 32.02 6.02
CA VAL A 96 -21.34 30.74 5.83
C VAL A 96 -22.30 30.51 7.00
N ILE A 97 -23.55 30.13 6.66
CA ILE A 97 -24.57 29.77 7.67
C ILE A 97 -24.82 28.25 7.66
N GLY A 98 -24.24 27.55 8.63
CA GLY A 98 -24.49 26.13 8.78
C GLY A 98 -25.94 25.90 9.23
N LEU A 99 -26.67 25.08 8.48
CA LEU A 99 -28.06 24.77 8.79
C LEU A 99 -28.20 23.56 9.69
N THR A 100 -27.30 22.58 9.63
CA THR A 100 -27.56 21.37 10.41
C THR A 100 -26.39 20.72 11.16
N THR A 101 -25.18 21.19 10.96
CA THR A 101 -24.04 20.61 11.66
C THR A 101 -23.98 21.03 13.11
N ARG A 102 -23.71 20.06 13.97
CA ARG A 102 -23.68 20.30 15.42
C ARG A 102 -22.26 20.04 15.95
N MET A 103 -21.34 19.67 15.08
CA MET A 103 -19.98 19.46 15.58
C MET A 103 -19.39 20.78 16.12
N SER A 104 -18.74 20.68 17.27
CA SER A 104 -18.24 21.84 18.01
C SER A 104 -17.07 22.54 17.33
N ILE A 105 -16.41 21.82 16.43
CA ILE A 105 -15.23 22.31 15.72
C ILE A 105 -15.54 23.54 14.89
N TYR A 106 -16.79 23.69 14.48
CA TYR A 106 -17.16 24.82 13.66
C TYR A 106 -17.35 26.12 14.46
N SER A 107 -17.03 26.08 15.74
CA SER A 107 -17.25 27.22 16.64
C SER A 107 -15.91 27.89 16.89
N ASP A 108 -14.89 27.29 16.28
CA ASP A 108 -13.51 27.74 16.41
C ASP A 108 -13.14 28.78 15.34
N LYS A 109 -13.09 30.05 15.72
CA LYS A 109 -12.72 31.15 14.79
C LYS A 109 -11.39 31.02 14.01
N SER A 110 -10.37 30.37 14.57
CA SER A 110 -9.12 30.16 13.82
C SER A 110 -9.32 29.39 12.51
N ILE A 111 -10.21 28.40 12.54
CA ILE A 111 -10.41 27.53 11.39
C ILE A 111 -11.62 27.98 10.59
N HIS A 112 -12.70 28.31 11.30
CA HIS A 112 -13.91 28.73 10.63
C HIS A 112 -14.24 30.20 10.87
N LEU A 113 -13.65 31.04 10.03
CA LEU A 113 -13.55 32.47 10.29
C LEU A 113 -14.86 33.19 10.20
N SER A 114 -15.72 32.79 9.27
CA SER A 114 -16.98 33.50 9.10
C SER A 114 -18.12 32.49 9.02
N PHE A 115 -18.30 31.75 10.09
CA PHE A 115 -19.25 30.66 10.07
C PHE A 115 -20.26 30.94 11.14
N LEU A 116 -21.53 31.01 10.79
CA LEU A 116 -22.59 31.00 11.79
C LEU A 116 -23.50 29.79 11.53
N ARG A 117 -24.29 29.39 12.51
CA ARG A 117 -25.23 28.26 12.30
C ARG A 117 -26.50 28.44 13.06
N THR A 118 -27.61 27.99 12.45
CA THR A 118 -28.92 28.11 13.08
C THR A 118 -29.25 26.95 14.04
N VAL A 119 -28.28 26.07 14.28
CA VAL A 119 -28.46 25.04 15.30
C VAL A 119 -27.27 25.13 16.22
N PRO A 120 -27.45 24.74 17.49
CA PRO A 120 -26.35 24.81 18.46
C PRO A 120 -25.39 23.63 18.31
N PRO A 121 -24.13 23.81 18.73
CA PRO A 121 -23.18 22.69 18.75
C PRO A 121 -23.56 21.71 19.86
N TYR A 122 -23.28 20.42 19.67
CA TYR A 122 -23.53 19.40 20.70
C TYR A 122 -23.20 19.86 22.11
N SER A 123 -21.99 20.39 22.30
CA SER A 123 -21.53 20.83 23.61
C SER A 123 -22.47 21.78 24.33
N HIS A 124 -23.31 22.51 23.62
CA HIS A 124 -24.23 23.41 24.31
C HIS A 124 -25.31 22.65 25.12
N GLN A 125 -25.39 21.33 24.91
CA GLN A 125 -26.32 20.50 25.66
C GLN A 125 -26.00 20.68 27.13
N ALA A 126 -24.76 21.06 27.43
CA ALA A 126 -24.36 21.33 28.80
C ALA A 126 -25.29 22.34 29.52
N LEU A 127 -25.77 23.35 28.77
CA LEU A 127 -26.74 24.33 29.29
C LEU A 127 -27.99 23.64 29.82
N VAL A 128 -28.44 22.58 29.14
CA VAL A 128 -29.62 21.89 29.59
C VAL A 128 -29.31 21.01 30.80
N TRP A 129 -28.19 20.29 30.73
CA TRP A 129 -27.76 19.44 31.84
C TRP A 129 -27.69 20.28 33.10
N PHE A 130 -27.09 21.47 32.96
CA PHE A 130 -26.92 22.35 34.10
C PHE A 130 -28.26 22.74 34.69
N GLU A 131 -29.22 23.08 33.84
CA GLU A 131 -30.54 23.46 34.31
C GLU A 131 -31.23 22.29 34.96
N MET A 132 -30.86 21.11 34.49
CA MET A 132 -31.43 19.84 34.95
C MET A 132 -30.86 19.49 36.32
N MET A 133 -29.57 19.75 36.50
CA MET A 133 -28.92 19.61 37.81
C MET A 133 -29.49 20.50 38.91
N ARG A 134 -29.90 21.72 38.57
CA ARG A 134 -30.51 22.58 39.60
C ARG A 134 -31.90 22.08 39.95
N LEU A 135 -32.66 21.72 38.92
CA LEU A 135 -34.02 21.26 39.09
C LEU A 135 -34.10 20.02 40.01
N PHE A 136 -33.42 18.95 39.64
CA PHE A 136 -33.50 17.74 40.41
C PHE A 136 -32.45 17.69 41.52
N ASN A 137 -31.82 18.83 41.76
CA ASN A 137 -30.85 18.97 42.84
C ASN A 137 -29.73 17.94 42.86
N TRP A 138 -29.12 17.71 41.70
CA TRP A 138 -27.94 16.85 41.60
C TRP A 138 -26.74 17.73 41.78
N ASN A 139 -26.19 17.72 42.99
CA ASN A 139 -25.09 18.60 43.33
C ASN A 139 -23.74 17.95 43.11
N HIS A 140 -23.72 16.64 42.92
CA HIS A 140 -22.46 15.93 42.75
C HIS A 140 -22.52 14.97 41.56
N VAL A 141 -21.66 15.22 40.58
CA VAL A 141 -21.73 14.48 39.34
C VAL A 141 -20.36 14.06 38.83
N ILE A 142 -20.36 12.95 38.11
CA ILE A 142 -19.17 12.44 37.45
C ILE A 142 -19.35 12.72 35.99
N LEU A 143 -18.36 13.31 35.35
CA LEU A 143 -18.49 13.56 33.93
C LEU A 143 -17.62 12.56 33.18
N ILE A 144 -18.19 11.90 32.19
CA ILE A 144 -17.42 10.99 31.35
C ILE A 144 -17.44 11.50 29.92
N VAL A 145 -16.29 11.86 29.37
CA VAL A 145 -16.25 12.36 27.99
C VAL A 145 -15.23 11.58 27.14
N SER A 146 -15.49 11.50 25.84
CA SER A 146 -14.51 10.95 24.92
C SER A 146 -13.38 11.95 24.73
N ASP A 147 -12.16 11.47 24.62
CA ASP A 147 -11.00 12.35 24.48
C ASP A 147 -10.80 12.73 23.02
N ASP A 148 -11.77 13.40 22.45
CA ASP A 148 -11.61 14.00 21.14
C ASP A 148 -12.15 15.42 21.22
N HIS A 149 -12.29 16.09 20.09
CA HIS A 149 -12.66 17.49 20.15
C HIS A 149 -14.05 17.66 20.79
N GLU A 150 -14.99 16.84 20.36
CA GLU A 150 -16.36 16.98 20.83
C GLU A 150 -16.49 16.65 22.32
N GLY A 151 -15.79 15.62 22.78
CA GLY A 151 -15.80 15.28 24.18
C GLY A 151 -15.25 16.43 25.01
N ARG A 152 -14.10 16.95 24.60
CA ARG A 152 -13.49 18.06 25.32
C ARG A 152 -14.33 19.34 25.29
N ALA A 153 -14.98 19.63 24.16
CA ALA A 153 -15.91 20.76 24.07
C ALA A 153 -17.03 20.68 25.11
N ALA A 154 -17.61 19.51 25.29
CA ALA A 154 -18.68 19.38 26.26
C ALA A 154 -18.16 19.57 27.68
N GLN A 155 -16.95 19.10 27.93
CA GLN A 155 -16.36 19.29 29.25
C GLN A 155 -16.08 20.76 29.54
N LYS A 156 -15.41 21.45 28.62
CA LYS A 156 -15.10 22.87 28.82
C LYS A 156 -16.39 23.65 29.06
N LYS A 157 -17.42 23.32 28.31
CA LYS A 157 -18.66 24.07 28.35
C LYS A 157 -19.42 23.89 29.68
N LEU A 158 -19.39 22.69 30.23
CA LEU A 158 -20.07 22.43 31.50
C LEU A 158 -19.24 22.91 32.67
N GLU A 159 -17.92 22.85 32.57
CA GLU A 159 -17.06 23.34 33.63
C GLU A 159 -17.21 24.85 33.79
N THR A 160 -17.42 25.51 32.66
CA THR A 160 -17.69 26.93 32.64
C THR A 160 -18.95 27.26 33.43
N LEU A 161 -20.01 26.47 33.23
CA LEU A 161 -21.28 26.72 33.90
C LEU A 161 -21.19 26.41 35.40
N LEU A 162 -20.34 25.47 35.77
CA LEU A 162 -20.19 25.06 37.17
C LEU A 162 -19.36 26.05 37.98
N GLU A 163 -18.44 26.74 37.30
CA GLU A 163 -17.55 27.74 37.90
C GLU A 163 -17.83 29.15 37.38
N GLY A 187 -22.63 26.23 44.33
CA GLY A 187 -23.68 25.47 43.67
C GLY A 187 -23.34 24.00 43.49
N PRO A 188 -23.83 23.38 42.40
CA PRO A 188 -23.49 22.01 42.00
C PRO A 188 -22.07 21.94 41.42
N LYS A 189 -21.38 20.84 41.71
CA LYS A 189 -19.97 20.67 41.33
C LYS A 189 -19.69 19.30 40.69
N ALA A 190 -18.70 19.23 39.80
CA ALA A 190 -18.27 17.95 39.24
C ALA A 190 -17.22 17.30 40.12
N ASP A 191 -17.47 16.08 40.58
CA ASP A 191 -16.55 15.39 41.49
C ASP A 191 -15.30 14.87 40.79
N LYS A 192 -15.45 14.50 39.53
CA LYS A 192 -14.32 14.10 38.70
C LYS A 192 -14.78 14.04 37.26
N VAL A 193 -13.84 14.24 36.36
CA VAL A 193 -14.10 14.11 34.94
C VAL A 193 -13.18 13.01 34.44
N LEU A 194 -13.75 11.98 33.84
CA LEU A 194 -12.95 10.90 33.30
C LEU A 194 -13.01 11.00 31.80
N GLN A 195 -11.88 10.75 31.14
CA GLN A 195 -11.80 10.83 29.68
C GLN A 195 -11.26 9.52 29.12
N PHE A 196 -11.80 9.07 28.00
CA PHE A 196 -11.40 7.80 27.41
C PHE A 196 -11.05 7.93 25.92
N GLU A 197 -10.11 7.12 25.43
CA GLU A 197 -9.73 7.15 24.03
C GLU A 197 -10.86 6.65 23.15
N PRO A 198 -11.30 7.48 22.19
CA PRO A 198 -12.39 7.10 21.27
C PRO A 198 -12.07 5.79 20.55
N GLY A 199 -13.05 4.89 20.44
CA GLY A 199 -12.87 3.64 19.74
C GLY A 199 -12.46 2.48 20.65
N THR A 200 -12.14 2.81 21.90
CA THR A 200 -11.87 1.79 22.92
C THR A 200 -13.12 0.99 23.29
N LYS A 201 -13.04 -0.34 23.22
CA LYS A 201 -14.20 -1.20 23.43
C LYS A 201 -14.35 -1.78 24.85
N ASN A 202 -13.27 -1.86 25.61
CA ASN A 202 -13.40 -2.25 27.02
C ASN A 202 -13.06 -1.11 27.95
N LEU A 203 -14.09 -0.58 28.59
CA LEU A 203 -13.98 0.58 29.46
C LEU A 203 -14.14 0.21 30.93
N THR A 204 -14.11 -1.09 31.21
CA THR A 204 -14.25 -1.58 32.59
C THR A 204 -13.27 -0.83 33.50
N ALA A 205 -12.07 -0.59 33.01
CA ALA A 205 -11.07 0.18 33.75
C ALA A 205 -11.59 1.57 34.09
N LEU A 206 -11.98 2.33 33.07
CA LEU A 206 -12.49 3.68 33.23
C LEU A 206 -13.66 3.74 34.20
N LEU A 207 -14.62 2.83 34.01
CA LEU A 207 -15.85 2.84 34.79
C LEU A 207 -15.68 2.40 36.26
N LEU A 208 -14.67 1.60 36.54
CA LEU A 208 -14.44 1.17 37.91
C LEU A 208 -13.88 2.33 38.73
N GLU A 209 -13.20 3.25 38.06
CA GLU A 209 -12.69 4.46 38.71
C GLU A 209 -13.83 5.38 39.15
N ALA A 210 -14.96 5.32 38.43
CA ALA A 210 -16.12 6.14 38.75
C ALA A 210 -17.11 5.45 39.71
N LYS A 211 -17.04 4.13 39.76
CA LYS A 211 -17.85 3.38 40.71
C LYS A 211 -17.37 3.64 42.14
N GLU A 212 -16.05 3.79 42.29
CA GLU A 212 -15.42 3.95 43.59
C GLU A 212 -15.70 5.32 44.23
N LEU A 213 -16.05 6.28 43.39
CA LEU A 213 -16.42 7.61 43.87
C LEU A 213 -17.83 7.55 44.42
N GLU A 214 -18.20 8.53 45.24
CA GLU A 214 -19.52 8.50 45.89
C GLU A 214 -20.64 8.89 44.93
N ALA A 215 -20.51 10.07 44.32
CA ALA A 215 -21.49 10.61 43.38
C ALA A 215 -22.01 9.59 42.36
N ARG A 216 -23.33 9.53 42.23
CA ARG A 216 -23.98 8.53 41.40
C ARG A 216 -24.64 9.10 40.14
N VAL A 217 -24.61 10.42 39.98
CA VAL A 217 -25.06 11.06 38.74
C VAL A 217 -23.94 11.07 37.72
N ILE A 218 -24.19 10.51 36.54
CA ILE A 218 -23.14 10.37 35.53
C ILE A 218 -23.56 11.00 34.22
N ILE A 219 -22.74 11.93 33.74
CA ILE A 219 -23.05 12.64 32.51
C ILE A 219 -22.11 12.11 31.45
N LEU A 220 -22.63 11.82 30.27
CA LEU A 220 -21.80 11.23 29.24
C LEU A 220 -21.83 12.01 27.95
N SER A 221 -20.65 12.21 27.36
CA SER A 221 -20.54 12.77 26.03
C SER A 221 -19.61 11.89 25.20
N ALA A 222 -20.14 11.37 24.09
CA ALA A 222 -19.42 10.40 23.26
C ALA A 222 -20.16 10.25 21.94
N SER A 223 -19.50 9.71 20.92
CA SER A 223 -20.18 9.46 19.67
C SER A 223 -21.13 8.29 19.91
N GLU A 224 -21.92 7.91 18.90
CA GLU A 224 -22.78 6.72 18.99
C GLU A 224 -22.05 5.45 19.42
N ASP A 225 -20.98 5.12 18.70
CA ASP A 225 -20.30 3.84 18.89
C ASP A 225 -19.54 3.77 20.20
N ASP A 226 -19.13 4.92 20.73
CA ASP A 226 -18.46 4.94 22.02
C ASP A 226 -19.48 4.88 23.16
N ALA A 227 -20.62 5.54 23.01
CA ALA A 227 -21.68 5.38 24.00
C ALA A 227 -22.02 3.90 24.17
N THR A 228 -22.08 3.15 23.06
CA THR A 228 -22.39 1.74 23.13
C THR A 228 -21.37 1.02 23.98
N ALA A 229 -20.09 1.31 23.76
CA ALA A 229 -19.07 0.68 24.58
C ALA A 229 -19.20 1.03 26.07
N VAL A 230 -19.65 2.24 26.38
CA VAL A 230 -19.79 2.64 27.78
C VAL A 230 -20.98 1.95 28.42
N TYR A 231 -22.10 1.91 27.71
CA TYR A 231 -23.34 1.34 28.20
C TYR A 231 -23.17 -0.13 28.58
N LYS A 232 -22.52 -0.88 27.70
CA LYS A 232 -22.22 -2.28 27.96
C LYS A 232 -21.38 -2.46 29.21
N SER A 233 -20.20 -1.85 29.23
CA SER A 233 -19.31 -1.92 30.40
C SER A 233 -20.07 -1.50 31.64
N ALA A 234 -20.75 -0.37 31.54
CA ALA A 234 -21.52 0.14 32.67
C ALA A 234 -22.39 -0.98 33.21
N ALA A 235 -23.09 -1.68 32.33
CA ALA A 235 -24.06 -2.71 32.75
C ALA A 235 -23.35 -3.90 33.40
N MET A 236 -22.31 -4.41 32.75
CA MET A 236 -21.58 -5.54 33.30
C MET A 236 -21.03 -5.22 34.71
N LEU A 237 -20.81 -3.94 34.99
CA LEU A 237 -20.35 -3.51 36.33
C LEU A 237 -21.55 -3.12 37.19
N ASP A 238 -22.74 -3.39 36.67
CA ASP A 238 -23.98 -3.14 37.39
C ASP A 238 -24.04 -1.73 37.97
N MET A 239 -23.93 -0.75 37.08
CA MET A 239 -23.93 0.67 37.44
C MET A 239 -25.12 1.34 36.76
N THR A 240 -26.07 0.54 36.31
CA THR A 240 -27.17 1.06 35.53
C THR A 240 -28.53 0.86 36.21
N GLY A 241 -28.50 0.43 37.47
CA GLY A 241 -29.72 0.18 38.21
C GLY A 241 -30.12 1.25 39.21
N ALA A 242 -30.91 0.86 40.21
CA ALA A 242 -31.43 1.82 41.19
C ALA A 242 -30.29 2.59 41.83
N GLY A 243 -30.51 3.88 42.08
CA GLY A 243 -29.50 4.70 42.71
C GLY A 243 -28.68 5.55 41.74
N TYR A 244 -28.42 5.01 40.56
CA TYR A 244 -27.64 5.69 39.53
C TYR A 244 -28.50 6.53 38.58
N VAL A 245 -28.05 7.75 38.27
CA VAL A 245 -28.70 8.58 37.25
C VAL A 245 -27.78 8.74 36.05
N TRP A 246 -28.32 8.56 34.85
CA TRP A 246 -27.55 8.77 33.62
C TRP A 246 -28.14 9.90 32.78
N LEU A 247 -27.35 10.95 32.58
CA LEU A 247 -27.75 12.12 31.80
C LEU A 247 -26.85 12.23 30.58
N VAL A 248 -27.45 12.37 29.41
CA VAL A 248 -26.73 12.12 28.18
C VAL A 248 -27.16 13.16 27.13
N GLY A 249 -26.58 13.12 25.92
CA GLY A 249 -26.94 14.06 24.87
C GLY A 249 -27.76 13.42 23.78
N GLU A 250 -27.65 13.90 22.56
CA GLU A 250 -28.44 13.33 21.49
C GLU A 250 -27.74 12.14 20.84
N ARG A 251 -26.44 12.25 20.67
CA ARG A 251 -25.72 11.20 19.97
C ARG A 251 -25.77 9.90 20.78
N GLU A 252 -25.99 10.03 22.07
CA GLU A 252 -25.88 8.90 22.98
C GLU A 252 -27.20 8.11 23.17
N ILE A 253 -28.25 8.57 22.50
CA ILE A 253 -29.53 7.89 22.43
C ILE A 253 -29.97 7.89 20.96
N SER A 254 -29.00 7.81 20.07
CA SER A 254 -29.27 7.75 18.65
C SER A 254 -28.74 6.48 18.00
N GLY A 255 -29.45 6.06 16.95
CA GLY A 255 -29.05 4.87 16.22
C GLY A 255 -28.62 3.73 17.12
N SER A 256 -27.38 3.30 16.96
CA SER A 256 -26.91 2.12 17.65
C SER A 256 -26.78 2.35 19.15
N ALA A 257 -26.60 3.60 19.57
CA ALA A 257 -26.38 3.87 20.99
C ALA A 257 -27.63 3.49 21.75
N LEU A 258 -28.74 3.44 21.03
CA LEU A 258 -30.01 3.03 21.63
C LEU A 258 -30.11 1.50 21.87
N ARG A 259 -29.48 0.70 20.99
CA ARG A 259 -29.58 -0.76 21.10
C ARG A 259 -29.13 -1.31 22.44
N TYR A 260 -28.25 -0.59 23.13
CA TYR A 260 -27.71 -1.15 24.36
C TYR A 260 -27.85 -0.18 25.52
N ALA A 261 -28.60 0.90 25.30
CA ALA A 261 -28.78 1.92 26.32
C ALA A 261 -29.67 1.42 27.45
N PRO A 262 -29.24 1.65 28.69
CA PRO A 262 -29.95 1.24 29.90
C PRO A 262 -31.29 1.98 30.03
N ASP A 263 -32.20 1.44 30.82
CA ASP A 263 -33.48 2.08 30.95
C ASP A 263 -33.42 3.14 32.02
N GLY A 264 -34.24 4.17 31.89
CA GLY A 264 -34.23 5.25 32.85
C GLY A 264 -33.22 6.33 32.52
N ILE A 265 -32.42 6.11 31.48
CA ILE A 265 -31.53 7.14 30.94
C ILE A 265 -32.32 8.38 30.54
N ILE A 266 -31.75 9.55 30.82
CA ILE A 266 -32.27 10.81 30.31
C ILE A 266 -31.38 11.33 29.18
N GLY A 267 -32.01 11.76 28.08
CA GLY A 267 -31.30 12.20 26.89
C GLY A 267 -31.96 13.43 26.26
N LEU A 268 -31.39 13.93 25.16
CA LEU A 268 -31.90 15.15 24.55
C LEU A 268 -32.06 14.99 23.04
N GLN A 269 -33.06 15.65 22.48
CA GLN A 269 -33.14 15.82 21.04
C GLN A 269 -33.43 17.29 20.70
N LEU A 270 -32.59 17.87 19.85
CA LEU A 270 -32.81 19.24 19.38
C LEU A 270 -34.06 19.25 18.52
N ILE A 271 -35.06 19.98 18.97
CA ILE A 271 -36.31 20.10 18.22
C ILE A 271 -36.04 20.78 16.87
N ASN A 272 -36.53 20.17 15.80
CA ASN A 272 -36.27 20.63 14.42
C ASN A 272 -34.81 20.52 13.95
N GLY A 273 -33.96 19.95 14.78
CA GLY A 273 -32.54 19.93 14.52
C GLY A 273 -32.23 19.26 13.21
N LYS A 274 -33.19 18.54 12.66
CA LYS A 274 -32.90 17.78 11.47
C LYS A 274 -33.80 18.21 10.33
N ASN A 275 -34.62 19.21 10.58
CA ASN A 275 -35.52 19.72 9.56
C ASN A 275 -34.82 20.74 8.64
N GLU A 276 -34.17 20.26 7.59
CA GLU A 276 -33.54 21.13 6.62
C GLU A 276 -34.53 22.16 6.09
N SER A 277 -35.76 21.77 5.83
CA SER A 277 -36.72 22.74 5.33
C SER A 277 -36.92 23.88 6.33
N ALA A 278 -37.10 23.57 7.61
CA ALA A 278 -37.33 24.63 8.58
C ALA A 278 -36.13 25.58 8.65
N HIS A 279 -34.93 25.03 8.61
CA HIS A 279 -33.74 25.82 8.77
C HIS A 279 -33.41 26.67 7.56
N ILE A 280 -33.82 26.20 6.38
CA ILE A 280 -33.64 27.01 5.19
C ILE A 280 -34.55 28.22 5.33
N SER A 281 -35.78 27.98 5.72
CA SER A 281 -36.75 29.04 5.89
C SER A 281 -36.23 30.13 6.84
N ASP A 282 -35.72 29.73 7.98
CA ASP A 282 -35.24 30.67 8.99
C ASP A 282 -33.94 31.38 8.61
N ALA A 283 -32.98 30.62 8.07
CA ALA A 283 -31.70 31.19 7.67
C ALA A 283 -31.92 32.28 6.62
N VAL A 284 -32.87 32.06 5.70
CA VAL A 284 -33.10 33.01 4.63
C VAL A 284 -33.74 34.28 5.17
N ALA A 285 -34.60 34.11 6.16
CA ALA A 285 -35.24 35.24 6.78
C ALA A 285 -34.22 36.10 7.53
N VAL A 286 -33.34 35.45 8.29
CA VAL A 286 -32.31 36.20 9.02
C VAL A 286 -31.36 36.92 8.04
N VAL A 287 -30.98 36.24 6.97
CA VAL A 287 -30.04 36.75 5.99
C VAL A 287 -30.63 37.88 5.17
N ALA A 288 -31.92 37.76 4.82
CA ALA A 288 -32.57 38.84 4.07
C ALA A 288 -32.59 40.10 4.92
N GLN A 289 -32.94 39.93 6.19
CA GLN A 289 -32.98 41.03 7.13
C GLN A 289 -31.60 41.70 7.27
N ALA A 290 -30.56 40.88 7.33
CA ALA A 290 -29.21 41.36 7.49
C ALA A 290 -28.73 42.09 6.23
N ILE A 291 -29.08 41.57 5.06
CA ILE A 291 -28.72 42.22 3.82
C ILE A 291 -29.30 43.62 3.80
N HIS A 292 -30.58 43.75 4.14
CA HIS A 292 -31.24 45.05 4.10
C HIS A 292 -30.66 46.00 5.13
N GLU A 293 -30.39 45.50 6.32
CA GLU A 293 -29.70 46.29 7.31
C GLU A 293 -28.30 46.73 6.81
N LEU A 294 -27.59 45.86 6.09
CA LEU A 294 -26.25 46.17 5.59
C LEU A 294 -26.29 47.34 4.57
N PHE A 295 -27.30 47.37 3.71
CA PHE A 295 -27.38 48.41 2.71
C PHE A 295 -27.96 49.70 3.27
N GLU A 296 -28.19 49.75 4.57
CA GLU A 296 -28.57 51.01 5.18
C GLU A 296 -27.27 51.76 5.53
N MET A 297 -26.14 51.10 5.35
CA MET A 297 -24.82 51.67 5.61
C MET A 297 -24.10 52.09 4.35
N GLU A 298 -22.94 52.71 4.52
CA GLU A 298 -22.27 53.31 3.38
C GLU A 298 -21.01 52.55 2.96
N ASN A 299 -20.64 52.69 1.69
CA ASN A 299 -19.40 52.09 1.20
C ASN A 299 -19.39 50.55 1.31
N ILE A 300 -20.54 49.96 0.98
CA ILE A 300 -20.69 48.54 0.86
C ILE A 300 -20.18 48.16 -0.51
N THR A 301 -19.15 47.32 -0.56
CA THR A 301 -18.65 46.81 -1.82
C THR A 301 -19.21 45.42 -2.12
N ASP A 302 -19.22 45.04 -3.39
CA ASP A 302 -19.63 43.69 -3.79
C ASP A 302 -18.52 42.67 -3.54
N PRO A 303 -18.90 41.40 -3.36
CA PRO A 303 -17.93 40.30 -3.29
C PRO A 303 -17.21 40.14 -4.61
N PRO A 304 -16.08 39.42 -4.59
CA PRO A 304 -15.34 39.06 -5.80
C PRO A 304 -16.21 38.28 -6.80
N ARG A 305 -16.04 38.49 -8.10
CA ARG A 305 -16.75 37.67 -9.09
C ARG A 305 -15.81 36.55 -9.46
N GLY A 306 -16.11 35.34 -8.99
CA GLY A 306 -15.25 34.19 -9.24
C GLY A 306 -13.99 34.12 -8.40
N CYS A 307 -13.34 32.96 -8.41
CA CYS A 307 -12.14 32.76 -7.61
C CYS A 307 -10.87 33.11 -8.38
N VAL A 308 -10.84 32.82 -9.67
CA VAL A 308 -9.60 32.84 -10.45
C VAL A 308 -8.98 34.23 -10.53
N GLY A 309 -7.81 34.39 -9.91
CA GLY A 309 -7.07 35.62 -9.97
C GLY A 309 -7.43 36.62 -8.88
N ASN A 310 -8.38 36.25 -8.02
CA ASN A 310 -8.77 37.06 -6.88
C ASN A 310 -8.23 36.49 -5.60
N THR A 311 -7.39 37.26 -4.94
CA THR A 311 -6.79 36.80 -3.70
C THR A 311 -6.99 37.80 -2.56
N ASN A 312 -7.78 38.85 -2.77
CA ASN A 312 -8.08 39.77 -1.67
C ASN A 312 -9.40 39.43 -1.06
N ILE A 313 -9.50 39.66 0.24
CA ILE A 313 -10.76 39.36 0.91
C ILE A 313 -11.81 40.31 0.42
N TRP A 314 -13.07 39.92 0.52
CA TRP A 314 -14.19 40.81 0.30
C TRP A 314 -14.19 41.85 1.40
N LYS A 315 -13.87 43.09 1.06
CA LYS A 315 -13.73 44.17 2.04
C LYS A 315 -14.92 44.35 3.00
N THR A 316 -16.13 44.10 2.51
CA THR A 316 -17.30 44.26 3.35
C THR A 316 -17.66 42.98 4.12
N GLY A 317 -16.87 41.93 3.92
CA GLY A 317 -17.12 40.65 4.56
C GLY A 317 -17.24 40.70 6.08
N PRO A 318 -16.21 41.22 6.75
CA PRO A 318 -16.23 41.40 8.21
C PRO A 318 -17.41 42.26 8.72
N LEU A 319 -17.85 43.26 7.96
CA LEU A 319 -19.00 44.05 8.38
C LEU A 319 -20.32 43.25 8.20
N PHE A 320 -20.45 42.58 7.07
CA PHE A 320 -21.61 41.74 6.88
C PHE A 320 -21.68 40.71 8.02
N LYS A 321 -20.54 40.15 8.41
CA LYS A 321 -20.54 39.20 9.51
C LYS A 321 -21.04 39.80 10.82
N ARG A 322 -20.59 41.02 11.13
CA ARG A 322 -20.98 41.71 12.36
C ARG A 322 -22.51 41.93 12.42
N VAL A 323 -23.07 42.36 11.29
CA VAL A 323 -24.50 42.57 11.16
C VAL A 323 -25.25 41.27 11.40
N LEU A 324 -24.82 40.19 10.75
CA LEU A 324 -25.41 38.86 10.94
C LEU A 324 -25.32 38.39 12.38
N MET A 325 -24.13 38.45 12.96
CA MET A 325 -23.90 37.99 14.33
C MET A 325 -24.87 38.58 15.34
N SER A 326 -25.42 39.74 15.02
CA SER A 326 -26.18 40.49 16.01
C SER A 326 -27.59 40.66 15.50
N SER A 327 -27.91 39.92 14.45
CA SER A 327 -29.27 39.81 13.96
C SER A 327 -30.09 39.12 15.03
N LYS A 328 -31.37 39.44 15.07
CA LYS A 328 -32.31 38.86 16.04
C LYS A 328 -33.63 38.64 15.28
N TYR A 329 -34.06 37.38 15.17
CA TYR A 329 -35.31 37.06 14.49
C TYR A 329 -36.24 36.28 15.45
N PRO A 330 -37.31 36.92 15.94
CA PRO A 330 -38.09 36.39 17.06
C PRO A 330 -39.09 35.30 16.67
N ASP A 331 -39.72 35.46 15.50
CA ASP A 331 -40.79 34.57 15.08
C ASP A 331 -40.28 33.54 14.08
N GLY A 332 -39.31 32.76 14.50
CA GLY A 332 -38.71 31.75 13.64
C GLY A 332 -39.42 30.42 13.77
N VAL A 333 -39.53 29.72 12.65
CA VAL A 333 -40.10 28.39 12.64
C VAL A 333 -39.39 27.47 13.62
N THR A 334 -38.10 27.72 13.85
CA THR A 334 -37.32 26.92 14.79
C THR A 334 -37.17 27.63 16.12
N GLY A 335 -37.99 28.66 16.35
CA GLY A 335 -37.92 29.41 17.58
C GLY A 335 -37.31 30.79 17.46
N ARG A 336 -36.68 31.22 18.55
CA ARG A 336 -36.11 32.56 18.62
C ARG A 336 -34.66 32.50 18.17
N ILE A 337 -34.37 33.21 17.09
CA ILE A 337 -33.05 33.17 16.50
C ILE A 337 -32.15 34.30 16.94
N GLU A 338 -31.14 33.96 17.72
CA GLU A 338 -30.05 34.90 18.00
C GLU A 338 -28.80 34.06 17.94
N PHE A 339 -27.66 34.74 17.72
CA PHE A 339 -26.37 34.09 17.66
C PHE A 339 -25.52 34.53 18.83
N ASN A 340 -24.75 33.61 19.40
CA ASN A 340 -23.80 33.98 20.43
C ASN A 340 -22.48 34.48 19.84
N GLU A 341 -21.44 34.55 20.67
CA GLU A 341 -20.20 35.23 20.29
C GLU A 341 -19.39 34.42 19.28
N ASP A 342 -19.59 33.09 19.28
CA ASP A 342 -18.98 32.18 18.34
C ASP A 342 -19.84 32.02 17.08
N GLY A 343 -20.96 32.73 17.01
CA GLY A 343 -21.85 32.59 15.87
C GLY A 343 -22.77 31.36 15.95
N ASP A 344 -22.75 30.69 17.10
CA ASP A 344 -23.64 29.57 17.38
C ASP A 344 -25.04 30.01 17.82
N ARG A 345 -26.06 29.29 17.36
CA ARG A 345 -27.43 29.50 17.79
C ARG A 345 -27.65 29.48 19.29
N LYS A 346 -28.40 30.48 19.76
CA LYS A 346 -28.83 30.58 21.13
C LYS A 346 -30.33 30.35 21.20
N PHE A 347 -30.83 30.04 22.39
CA PHE A 347 -32.28 29.78 22.56
C PHE A 347 -32.81 28.56 21.78
N ALA A 348 -31.98 27.52 21.65
CA ALA A 348 -32.41 26.30 20.99
C ALA A 348 -33.38 25.59 21.91
N GLN A 349 -34.29 24.81 21.35
CA GLN A 349 -35.23 24.05 22.17
C GLN A 349 -34.95 22.55 22.14
N TYR A 350 -34.98 21.91 23.31
CA TYR A 350 -34.71 20.46 23.38
C TYR A 350 -35.88 19.64 23.94
N SER A 351 -36.12 18.49 23.33
CA SER A 351 -36.98 17.46 23.91
C SER A 351 -36.17 16.78 24.99
N ILE A 352 -36.72 16.69 26.19
CA ILE A 352 -36.10 15.88 27.23
C ILE A 352 -36.71 14.45 27.21
N MET A 353 -35.86 13.48 26.90
CA MET A 353 -36.28 12.12 26.58
C MET A 353 -35.81 11.16 27.67
N ASN A 354 -36.69 10.24 28.05
CA ASN A 354 -36.39 9.26 29.08
C ASN A 354 -36.66 7.90 28.45
N LEU A 355 -35.74 6.95 28.62
CA LEU A 355 -35.95 5.61 28.06
C LEU A 355 -36.75 4.75 29.05
N GLN A 356 -38.01 4.48 28.69
CA GLN A 356 -38.95 3.78 29.55
C GLN A 356 -39.45 2.50 28.89
N ASN A 357 -39.22 1.35 29.53
CA ASN A 357 -39.57 0.07 28.92
C ASN A 357 -39.01 0.05 27.49
N ARG A 358 -37.74 0.45 27.37
CA ARG A 358 -37.04 0.49 26.10
C ARG A 358 -37.67 1.37 25.01
N LYS A 359 -38.52 2.32 25.40
CA LYS A 359 -39.07 3.28 24.46
C LYS A 359 -38.62 4.70 24.85
N LEU A 360 -38.30 5.52 23.85
CA LEU A 360 -37.95 6.90 24.13
C LEU A 360 -39.21 7.70 24.30
N VAL A 361 -39.32 8.28 25.49
CA VAL A 361 -40.51 8.99 25.88
C VAL A 361 -40.17 10.44 26.21
N GLN A 362 -40.95 11.36 25.69
CA GLN A 362 -40.70 12.75 26.03
C GLN A 362 -41.26 13.10 27.40
N VAL A 363 -40.38 13.45 28.34
CA VAL A 363 -40.84 13.85 29.66
C VAL A 363 -40.81 15.39 29.84
N GLY A 364 -40.36 16.10 28.81
CA GLY A 364 -40.24 17.55 28.91
C GLY A 364 -39.55 18.26 27.76
N ILE A 365 -39.52 19.58 27.86
CA ILE A 365 -38.72 20.37 26.95
C ILE A 365 -37.92 21.42 27.69
N PHE A 366 -36.75 21.74 27.15
CA PHE A 366 -36.01 22.94 27.51
C PHE A 366 -36.40 23.91 26.42
N ASN A 367 -37.06 24.99 26.80
CA ASN A 367 -37.73 25.89 25.84
C ASN A 367 -36.87 27.03 25.34
N GLY A 368 -35.60 27.03 25.73
CA GLY A 368 -34.71 28.09 25.38
C GLY A 368 -34.01 28.60 26.63
N SER A 369 -34.72 28.60 27.74
CA SER A 369 -34.14 29.13 28.97
C SER A 369 -34.73 28.46 30.19
N TYR A 370 -35.82 27.75 29.98
CA TYR A 370 -36.60 27.19 31.09
C TYR A 370 -36.89 25.71 30.84
N ILE A 371 -36.77 24.90 31.89
CA ILE A 371 -37.26 23.51 31.84
C ILE A 371 -38.76 23.42 32.09
N ILE A 372 -39.47 22.73 31.21
CA ILE A 372 -40.90 22.53 31.37
C ILE A 372 -41.24 21.07 31.41
N GLN A 373 -41.56 20.54 32.58
CA GLN A 373 -41.92 19.12 32.71
C GLN A 373 -43.37 18.89 32.29
N ASN A 374 -43.58 17.91 31.41
CA ASN A 374 -44.94 17.51 31.01
C ASN A 374 -45.52 16.44 31.95
N ASP A 375 -46.76 16.02 31.65
CA ASP A 375 -47.51 15.06 32.49
C ASP A 375 -46.96 13.64 32.54
N ARG A 376 -46.16 13.25 31.55
CA ARG A 376 -45.50 11.93 31.59
C ARG A 376 -44.38 11.91 32.64
N LYS A 377 -44.45 10.94 33.54
CA LYS A 377 -43.53 10.83 34.66
C LYS A 377 -42.18 10.23 34.25
N ILE A 378 -41.10 10.81 34.75
CA ILE A 378 -39.78 10.21 34.60
C ILE A 378 -39.68 8.91 35.39
N ILE A 379 -39.30 7.82 34.73
CA ILE A 379 -38.86 6.61 35.42
C ILE A 379 -37.32 6.54 35.45
N TRP A 380 -36.75 6.62 36.64
CA TRP A 380 -35.31 6.59 36.79
C TRP A 380 -34.74 5.18 36.64
N PRO A 381 -33.42 5.06 36.42
CA PRO A 381 -32.83 3.72 36.32
C PRO A 381 -33.11 2.92 37.60
N GLY A 382 -33.49 1.65 37.45
CA GLY A 382 -34.06 0.90 38.55
C GLY A 382 -35.57 0.82 38.39
N GLY A 383 -36.27 1.90 38.77
CA GLY A 383 -37.72 1.98 38.69
C GLY A 383 -38.34 1.29 37.48
N PRO B 2 17.37 2.16 -13.10
CA PRO B 2 16.50 2.41 -11.95
C PRO B 2 15.19 3.11 -12.36
N PRO B 3 14.09 2.82 -11.66
CA PRO B 3 12.76 3.34 -12.02
C PRO B 3 12.59 4.82 -11.69
N SER B 4 11.65 5.47 -12.36
CA SER B 4 11.49 6.92 -12.29
C SER B 4 10.20 7.40 -11.60
N ILE B 5 10.34 8.35 -10.68
CA ILE B 5 9.19 8.98 -10.03
C ILE B 5 8.98 10.39 -10.58
N GLY B 6 7.73 10.76 -10.80
CA GLY B 6 7.43 12.09 -11.29
C GLY B 6 7.42 13.13 -10.17
N ILE B 7 8.25 14.17 -10.31
CA ILE B 7 8.21 15.26 -9.33
C ILE B 7 7.87 16.61 -9.94
N ALA B 8 6.64 17.08 -9.74
CA ALA B 8 6.27 18.40 -10.23
C ALA B 8 6.86 19.49 -9.36
N VAL B 9 7.50 20.47 -9.99
CA VAL B 9 8.03 21.62 -9.28
C VAL B 9 7.30 22.86 -9.76
N ILE B 10 6.47 23.42 -8.87
CA ILE B 10 5.61 24.55 -9.24
C ILE B 10 6.18 25.89 -8.79
N LEU B 11 6.47 26.76 -9.76
CA LEU B 11 7.01 28.10 -9.48
C LEU B 11 6.00 29.18 -9.78
N VAL B 12 5.66 29.96 -8.76
CA VAL B 12 4.71 31.05 -8.93
C VAL B 12 5.49 32.34 -8.88
N GLY B 13 5.30 33.18 -9.89
CA GLY B 13 5.96 34.47 -9.92
C GLY B 13 7.31 34.44 -10.61
N THR B 14 7.86 35.63 -10.88
CA THR B 14 9.13 35.75 -11.58
C THR B 14 10.16 34.86 -10.90
N SER B 15 10.68 33.90 -11.65
CA SER B 15 11.65 32.94 -11.13
C SER B 15 12.71 32.64 -12.20
N ASP B 16 13.95 32.39 -11.76
CA ASP B 16 15.02 32.02 -12.67
C ASP B 16 15.08 30.52 -12.84
N GLU B 17 14.47 30.02 -13.92
CA GLU B 17 14.41 28.59 -14.18
C GLU B 17 15.77 27.99 -14.55
N VAL B 18 16.62 28.78 -15.20
CA VAL B 18 17.96 28.31 -15.57
C VAL B 18 18.76 27.99 -14.30
N ALA B 19 18.86 28.96 -13.41
CA ALA B 19 19.58 28.78 -12.15
C ALA B 19 18.95 27.65 -11.35
N ILE B 20 17.62 27.56 -11.41
CA ILE B 20 16.91 26.48 -10.74
C ILE B 20 17.32 25.14 -11.35
N LYS B 21 17.14 25.01 -12.67
CA LYS B 21 17.41 23.76 -13.37
C LYS B 21 18.90 23.38 -13.38
N ASP B 22 19.60 23.62 -12.28
CA ASP B 22 20.96 23.12 -12.06
C ASP B 22 21.23 22.92 -10.56
N LEU B 32 20.91 6.02 -5.00
CA LEU B 32 19.50 5.80 -4.68
C LEU B 32 18.84 4.74 -5.58
N SER B 33 17.87 4.03 -5.01
CA SER B 33 17.19 2.94 -5.69
C SER B 33 16.18 3.43 -6.74
N VAL B 34 15.90 4.73 -6.71
CA VAL B 34 14.94 5.34 -7.63
C VAL B 34 15.44 6.71 -8.06
N VAL B 35 15.05 7.14 -9.26
CA VAL B 35 15.58 8.38 -9.85
C VAL B 35 14.46 9.37 -10.23
N PRO B 36 14.68 10.67 -9.94
CA PRO B 36 13.70 11.75 -10.15
C PRO B 36 13.50 12.16 -11.61
N ARG B 37 12.25 12.30 -12.05
CA ARG B 37 11.97 12.95 -13.33
C ARG B 37 11.25 14.29 -13.10
N VAL B 38 12.04 15.33 -12.86
CA VAL B 38 11.53 16.68 -12.64
C VAL B 38 10.78 17.24 -13.84
N GLU B 39 9.81 18.10 -13.57
CA GLU B 39 9.17 18.89 -14.62
C GLU B 39 8.76 20.22 -14.00
N LEU B 40 9.46 21.30 -14.36
CA LEU B 40 9.11 22.65 -13.87
C LEU B 40 7.82 23.12 -14.51
N VAL B 41 6.90 23.57 -13.66
CA VAL B 41 5.66 24.16 -14.14
C VAL B 41 5.50 25.56 -13.54
N ALA B 42 5.13 26.51 -14.37
CA ALA B 42 4.82 27.84 -13.87
C ALA B 42 3.36 27.90 -13.46
N MET B 43 3.01 28.90 -12.65
CA MET B 43 1.63 29.14 -12.29
C MET B 43 1.42 30.63 -12.03
N ASN B 44 0.32 31.16 -12.53
CA ASN B 44 0.08 32.59 -12.53
C ASN B 44 -0.72 33.06 -11.33
N GLU B 45 -1.73 32.28 -10.95
CA GLU B 45 -2.64 32.73 -9.89
C GLU B 45 -2.51 31.89 -8.60
N THR B 46 -2.92 32.47 -7.46
CA THR B 46 -2.82 31.77 -6.18
C THR B 46 -4.10 31.78 -5.33
N ASP B 47 -5.24 32.03 -5.97
CA ASP B 47 -6.53 31.77 -5.37
C ASP B 47 -6.76 30.21 -5.28
N PRO B 48 -7.80 29.76 -4.54
CA PRO B 48 -8.00 28.32 -4.36
C PRO B 48 -8.30 27.50 -5.64
N LYS B 49 -9.12 28.02 -6.55
CA LYS B 49 -9.44 27.28 -7.79
C LYS B 49 -8.22 27.13 -8.72
N SER B 50 -7.43 28.19 -8.84
CA SER B 50 -6.25 28.11 -9.68
C SER B 50 -5.28 27.06 -9.12
N ILE B 51 -5.01 27.12 -7.83
CA ILE B 51 -4.04 26.21 -7.25
C ILE B 51 -4.54 24.75 -7.23
N ILE B 52 -5.79 24.54 -6.83
CA ILE B 52 -6.39 23.20 -6.86
C ILE B 52 -6.36 22.66 -8.29
N THR B 53 -6.81 23.46 -9.22
CA THR B 53 -6.84 23.05 -10.62
C THR B 53 -5.48 22.72 -11.23
N ARG B 54 -4.47 23.57 -11.05
CA ARG B 54 -3.18 23.31 -11.67
C ARG B 54 -2.57 22.01 -11.14
N ILE B 55 -2.75 21.74 -9.87
CA ILE B 55 -2.23 20.50 -9.30
C ILE B 55 -3.01 19.27 -9.77
N CYS B 56 -4.34 19.36 -9.78
CA CYS B 56 -5.12 18.24 -10.25
C CYS B 56 -4.91 17.95 -11.74
N ASP B 57 -4.61 18.96 -12.53
CA ASP B 57 -4.29 18.74 -13.92
C ASP B 57 -2.90 18.13 -14.03
N LEU B 58 -1.93 18.74 -13.35
CA LEU B 58 -0.57 18.20 -13.36
C LEU B 58 -0.63 16.71 -12.99
N MET B 59 -1.50 16.36 -12.05
CA MET B 59 -1.57 14.98 -11.57
C MET B 59 -2.26 14.00 -12.51
N SER B 60 -3.05 14.50 -13.45
CA SER B 60 -3.79 13.62 -14.36
C SER B 60 -3.07 13.43 -15.69
N ASP B 61 -2.01 14.20 -15.91
CA ASP B 61 -1.19 14.06 -17.10
C ASP B 61 -0.03 13.10 -16.79
N ARG B 62 0.80 13.48 -15.84
CA ARG B 62 1.93 12.64 -15.46
C ARG B 62 1.62 11.85 -14.19
N LYS B 63 2.54 10.99 -13.80
CA LYS B 63 2.45 10.33 -12.51
C LYS B 63 3.29 11.09 -11.50
N ILE B 64 2.73 12.17 -10.96
CA ILE B 64 3.42 12.97 -9.95
C ILE B 64 3.41 12.22 -8.61
N GLN B 65 4.60 11.98 -8.08
CA GLN B 65 4.75 11.27 -6.81
C GLN B 65 4.86 12.27 -5.68
N GLY B 66 5.43 13.44 -5.95
CA GLY B 66 5.59 14.46 -4.95
C GLY B 66 5.51 15.81 -5.64
N VAL B 67 5.42 16.89 -4.85
CA VAL B 67 5.28 18.25 -5.38
C VAL B 67 6.18 19.22 -4.61
N VAL B 68 6.97 20.00 -5.34
CA VAL B 68 7.76 21.04 -4.72
C VAL B 68 7.15 22.38 -5.10
N PHE B 69 6.78 23.17 -4.10
CA PHE B 69 6.03 24.41 -4.33
C PHE B 69 6.78 25.61 -3.80
N ALA B 70 7.01 26.59 -4.67
CA ALA B 70 7.63 27.84 -4.27
C ALA B 70 6.76 28.97 -4.79
N ASP B 71 6.57 30.02 -4.01
CA ASP B 71 5.92 31.21 -4.56
C ASP B 71 6.55 32.52 -4.10
N ASP B 72 6.23 33.60 -4.82
CA ASP B 72 6.78 34.94 -4.55
C ASP B 72 5.86 35.90 -3.80
N THR B 73 4.95 35.37 -2.98
CA THR B 73 3.96 36.19 -2.33
C THR B 73 4.07 36.19 -0.81
N ASP B 74 3.16 36.95 -0.20
CA ASP B 74 3.04 37.01 1.24
C ASP B 74 1.70 36.42 1.66
N GLN B 75 1.15 35.49 0.87
CA GLN B 75 -0.19 34.96 1.15
C GLN B 75 -0.13 33.63 1.90
N GLU B 76 -0.27 33.68 3.23
CA GLU B 76 -0.19 32.47 4.05
C GLU B 76 -1.31 31.45 3.72
N ALA B 77 -2.41 31.95 3.17
CA ALA B 77 -3.49 31.08 2.67
C ALA B 77 -2.98 30.01 1.75
N ILE B 78 -1.92 30.29 0.99
CA ILE B 78 -1.38 29.27 0.09
C ILE B 78 -0.99 28.02 0.86
N ALA B 79 -0.32 28.19 1.98
CA ALA B 79 0.02 27.04 2.80
C ALA B 79 -1.23 26.20 3.11
N GLN B 80 -2.34 26.85 3.45
CA GLN B 80 -3.53 26.10 3.84
C GLN B 80 -4.21 25.44 2.67
N ILE B 81 -4.23 26.11 1.53
CA ILE B 81 -4.73 25.49 0.33
C ILE B 81 -3.96 24.21 0.07
N LEU B 82 -2.63 24.27 0.10
CA LEU B 82 -1.80 23.11 -0.19
C LEU B 82 -2.03 21.97 0.77
N ASP B 83 -2.07 22.31 2.06
CA ASP B 83 -2.26 21.29 3.08
C ASP B 83 -3.53 20.48 2.82
N PHE B 84 -4.59 21.18 2.47
CA PHE B 84 -5.86 20.57 2.14
C PHE B 84 -5.71 19.66 0.90
N ILE B 85 -5.04 20.15 -0.14
CA ILE B 85 -4.82 19.34 -1.33
C ILE B 85 -4.04 18.09 -0.97
N SER B 86 -2.98 18.28 -0.18
CA SER B 86 -2.09 17.18 0.16
C SER B 86 -2.83 16.10 0.94
N ALA B 87 -3.75 16.53 1.80
CA ALA B 87 -4.48 15.62 2.66
C ALA B 87 -5.60 14.93 1.89
N GLN B 88 -6.25 15.66 0.99
CA GLN B 88 -7.31 15.07 0.18
C GLN B 88 -6.81 14.02 -0.82
N THR B 89 -5.61 14.23 -1.35
CA THR B 89 -5.13 13.37 -2.42
C THR B 89 -3.96 12.53 -1.95
N LEU B 90 -3.57 12.67 -0.68
CA LEU B 90 -2.47 11.91 -0.15
C LEU B 90 -1.24 11.99 -1.07
N THR B 91 -0.81 13.22 -1.33
CA THR B 91 0.39 13.47 -2.11
C THR B 91 1.29 14.31 -1.24
N PRO B 92 2.60 13.99 -1.23
CA PRO B 92 3.51 14.89 -0.53
C PRO B 92 3.57 16.24 -1.25
N ILE B 93 3.61 17.30 -0.47
CA ILE B 93 3.77 18.64 -1.00
C ILE B 93 4.74 19.33 -0.08
N LEU B 94 5.73 20.00 -0.68
CA LEU B 94 6.72 20.76 0.08
C LEU B 94 6.58 22.24 -0.24
N GLY B 95 6.18 23.04 0.75
CA GLY B 95 6.17 24.48 0.62
C GLY B 95 7.55 25.00 0.99
N ILE B 96 8.35 25.34 -0.01
CA ILE B 96 9.75 25.69 0.22
C ILE B 96 10.02 27.20 0.23
N HIS B 97 9.03 28.01 -0.16
CA HIS B 97 9.27 29.42 -0.35
C HIS B 97 8.02 30.27 -0.58
N GLY B 98 7.89 31.36 0.15
CA GLY B 98 6.79 32.27 -0.06
C GLY B 98 5.71 32.02 0.98
N GLY B 99 4.47 32.33 0.61
CA GLY B 99 3.33 31.97 1.41
C GLY B 99 3.25 30.46 1.63
N SER B 100 3.73 29.70 0.65
CA SER B 100 3.66 28.26 0.76
C SER B 100 4.46 27.77 1.96
N SER B 101 5.44 28.56 2.40
CA SER B 101 6.29 28.15 3.51
C SER B 101 5.95 28.86 4.81
N MET B 102 4.98 29.76 4.78
CA MET B 102 4.51 30.38 6.00
C MET B 102 3.88 29.38 6.96
N ILE B 103 4.43 29.29 8.16
CA ILE B 103 4.08 28.17 9.02
C ILE B 103 2.55 27.97 9.22
N MET B 104 2.09 26.75 8.98
CA MET B 104 0.70 26.38 9.22
C MET B 104 0.60 25.48 10.45
N ALA B 105 -0.24 25.87 11.40
CA ALA B 105 -0.41 25.11 12.63
C ALA B 105 -1.59 24.15 12.50
N ASP B 106 -1.50 22.96 13.08
CA ASP B 106 -2.63 22.04 13.00
C ASP B 106 -2.99 21.68 11.55
N LYS B 107 -2.03 21.14 10.81
CA LYS B 107 -2.29 20.53 9.53
C LYS B 107 -3.14 19.27 9.73
N ASP B 108 -3.86 18.87 8.68
CA ASP B 108 -4.73 17.69 8.73
C ASP B 108 -4.04 16.44 9.28
N GLU B 109 -4.80 15.59 9.96
CA GLU B 109 -4.27 14.30 10.41
C GLU B 109 -3.57 13.55 9.28
N SER B 110 -4.15 13.60 8.08
CA SER B 110 -3.59 12.86 6.95
C SER B 110 -2.78 13.72 5.96
N SER B 111 -2.30 14.86 6.41
CA SER B 111 -1.49 15.71 5.56
C SER B 111 -0.11 15.09 5.26
N MET B 112 0.35 15.29 4.04
CA MET B 112 1.72 15.02 3.71
C MET B 112 2.32 16.35 3.23
N PHE B 113 2.04 17.40 3.99
CA PHE B 113 2.50 18.72 3.65
C PHE B 113 3.58 19.12 4.63
N PHE B 114 4.72 19.54 4.08
CA PHE B 114 5.86 19.94 4.88
C PHE B 114 6.39 21.27 4.39
N GLN B 115 6.90 22.07 5.32
CA GLN B 115 7.26 23.44 5.01
C GLN B 115 8.68 23.70 5.45
N PHE B 116 9.44 24.41 4.61
CA PHE B 116 10.78 24.87 4.99
C PHE B 116 10.63 26.08 5.88
N GLY B 117 10.86 25.91 7.17
CA GLY B 117 10.75 27.06 8.04
C GLY B 117 10.64 26.62 9.47
N PRO B 118 10.84 27.57 10.40
CA PRO B 118 10.83 27.23 11.82
C PRO B 118 9.40 27.13 12.31
N SER B 119 9.18 26.23 13.26
CA SER B 119 7.87 26.11 13.89
C SER B 119 7.51 27.37 14.68
N ILE B 120 6.22 27.56 14.91
CA ILE B 120 5.75 28.65 15.72
C ILE B 120 6.42 28.65 17.08
N GLU B 121 6.58 27.47 17.68
CA GLU B 121 7.12 27.43 19.04
C GLU B 121 8.59 27.82 19.09
N GLN B 122 9.32 27.50 18.02
CA GLN B 122 10.73 27.81 17.98
C GLN B 122 10.97 29.31 17.74
N GLN B 123 10.21 29.89 16.84
CA GLN B 123 10.29 31.32 16.68
C GLN B 123 10.02 32.01 18.02
N ALA B 124 9.08 31.49 18.78
CA ALA B 124 8.73 32.10 20.07
C ALA B 124 9.87 31.95 21.05
N SER B 125 10.51 30.80 21.06
CA SER B 125 11.71 30.60 21.87
C SER B 125 12.82 31.59 21.47
N VAL B 126 13.09 31.68 20.17
CA VAL B 126 14.06 32.61 19.65
C VAL B 126 13.79 34.04 20.12
N MET B 127 12.52 34.42 20.19
CA MET B 127 12.14 35.76 20.65
C MET B 127 12.56 36.01 22.11
N LEU B 128 12.30 35.02 22.96
CA LEU B 128 12.69 35.09 24.36
C LEU B 128 14.21 35.12 24.53
N ASN B 129 14.93 34.48 23.62
CA ASN B 129 16.39 34.51 23.68
C ASN B 129 16.92 35.90 23.39
N ILE B 130 16.30 36.57 22.43
CA ILE B 130 16.63 37.93 22.10
C ILE B 130 16.33 38.80 23.30
N MET B 131 15.17 38.60 23.91
CA MET B 131 14.83 39.42 25.07
C MET B 131 15.84 39.23 26.20
N GLU B 132 16.17 37.97 26.52
CA GLU B 132 17.13 37.73 27.60
C GLU B 132 18.48 38.37 27.34
N GLU B 133 18.92 38.41 26.09
CA GLU B 133 20.25 38.94 25.78
C GLU B 133 20.35 40.42 26.14
N TYR B 134 19.32 41.17 25.78
CA TYR B 134 19.26 42.62 26.03
C TYR B 134 18.52 42.96 27.32
N ASP B 135 18.32 41.95 28.15
CA ASP B 135 17.62 42.07 29.43
C ASP B 135 16.31 42.84 29.33
N TRP B 136 15.54 42.52 28.28
CA TRP B 136 14.16 42.97 28.15
C TRP B 136 13.25 41.90 28.73
N TYR B 137 12.84 42.08 29.98
CA TYR B 137 12.15 41.03 30.71
C TYR B 137 10.67 41.31 30.89
N ILE B 138 10.29 42.56 30.72
CA ILE B 138 8.89 42.98 30.86
C ILE B 138 8.25 43.20 29.50
N PHE B 139 7.16 42.49 29.21
CA PHE B 139 6.55 42.51 27.88
C PHE B 139 5.07 42.14 27.89
N SER B 140 4.43 42.27 26.73
CA SER B 140 3.03 41.92 26.55
C SER B 140 2.85 41.21 25.21
N ILE B 141 1.73 40.50 25.07
CA ILE B 141 1.47 39.77 23.82
C ILE B 141 0.19 40.22 23.12
N VAL B 142 0.27 40.34 21.80
CA VAL B 142 -0.90 40.63 21.01
C VAL B 142 -0.97 39.56 19.92
N THR B 143 -2.11 38.88 19.79
CA THR B 143 -2.30 37.99 18.65
C THR B 143 -3.68 38.18 18.06
N THR B 144 -3.88 37.63 16.87
CA THR B 144 -5.22 37.49 16.32
C THR B 144 -5.65 36.03 16.51
N TYR B 145 -6.72 35.61 15.82
CA TYR B 145 -7.09 34.21 15.91
C TYR B 145 -6.34 33.35 14.89
N PHE B 146 -5.39 33.95 14.19
CA PHE B 146 -4.66 33.17 13.20
C PHE B 146 -4.10 31.90 13.84
N PRO B 147 -4.33 30.75 13.20
CA PRO B 147 -3.94 29.45 13.75
C PRO B 147 -2.48 29.45 14.17
N GLY B 148 -2.20 28.95 15.36
CA GLY B 148 -0.85 28.99 15.87
C GLY B 148 -0.78 29.86 17.11
N TYR B 149 -1.69 30.81 17.21
CA TYR B 149 -1.64 31.80 18.28
C TYR B 149 -1.59 31.17 19.66
N GLN B 150 -2.26 30.03 19.84
CA GLN B 150 -2.24 29.33 21.11
C GLN B 150 -0.89 28.68 21.32
N ASP B 151 -0.38 28.03 20.29
CA ASP B 151 0.96 27.49 20.39
C ASP B 151 1.94 28.58 20.82
N PHE B 152 1.80 29.76 20.21
CA PHE B 152 2.62 30.92 20.53
C PHE B 152 2.46 31.37 21.98
N VAL B 153 1.24 31.69 22.38
CA VAL B 153 1.03 32.14 23.74
C VAL B 153 1.43 31.09 24.81
N ASN B 154 1.16 29.81 24.55
CA ASN B 154 1.53 28.75 25.50
C ASN B 154 3.02 28.48 25.55
N LYS B 155 3.68 28.51 24.40
CA LYS B 155 5.13 28.36 24.37
C LYS B 155 5.84 29.41 25.23
N ILE B 156 5.38 30.66 25.11
CA ILE B 156 5.90 31.75 25.94
C ILE B 156 5.59 31.43 27.40
N ARG B 157 4.33 31.13 27.70
CA ARG B 157 3.88 30.95 29.08
C ARG B 157 4.63 29.87 29.85
N SER B 158 4.99 28.80 29.16
CA SER B 158 5.67 27.70 29.83
C SER B 158 7.19 27.84 29.81
N THR B 159 7.71 28.67 28.92
CA THR B 159 9.13 29.01 28.99
C THR B 159 9.35 29.93 30.19
N ILE B 160 8.53 30.98 30.25
CA ILE B 160 8.48 31.87 31.40
C ILE B 160 8.36 31.07 32.69
N GLU B 161 7.24 30.37 32.84
CA GLU B 161 6.94 29.62 34.05
C GLU B 161 8.12 28.78 34.56
N ASN B 162 8.88 28.21 33.64
CA ASN B 162 9.98 27.31 33.99
C ASN B 162 11.39 27.95 34.00
N SER B 163 11.46 29.23 34.33
CA SER B 163 12.75 29.96 34.29
C SER B 163 13.08 30.67 35.60
N PHE B 164 14.36 30.64 35.96
CA PHE B 164 14.86 31.40 37.11
C PHE B 164 15.24 32.83 36.66
N VAL B 165 14.41 33.39 35.79
CA VAL B 165 14.62 34.74 35.26
C VAL B 165 13.36 35.59 35.46
N GLY B 166 13.55 36.88 35.74
CA GLY B 166 12.46 37.76 36.14
C GLY B 166 11.50 38.20 35.06
N TRP B 167 11.14 37.30 34.16
CA TRP B 167 10.14 37.59 33.15
C TRP B 167 8.88 38.12 33.80
N GLU B 168 8.21 39.04 33.12
CA GLU B 168 6.92 39.55 33.57
C GLU B 168 6.00 39.83 32.39
N LEU B 169 5.02 38.96 32.20
CA LEU B 169 4.03 39.12 31.15
C LEU B 169 2.86 39.97 31.63
N GLU B 170 2.79 41.22 31.16
CA GLU B 170 1.82 42.20 31.66
C GLU B 170 0.41 42.04 31.09
N GLU B 171 0.31 41.72 29.81
CA GLU B 171 -0.98 41.65 29.14
C GLU B 171 -0.92 40.66 28.02
N VAL B 172 -2.03 39.95 27.82
CA VAL B 172 -2.19 39.21 26.59
C VAL B 172 -3.50 39.60 25.92
N LEU B 173 -3.40 40.26 24.78
CA LEU B 173 -4.58 40.65 24.04
C LEU B 173 -4.86 39.67 22.91
N LEU B 174 -6.15 39.43 22.66
CA LEU B 174 -6.57 38.62 21.54
C LEU B 174 -7.48 39.48 20.67
N LEU B 175 -7.09 39.70 19.43
CA LEU B 175 -7.84 40.58 18.53
C LEU B 175 -8.69 39.84 17.49
N ASP B 176 -9.97 40.17 17.42
CA ASP B 176 -10.85 39.55 16.44
C ASP B 176 -10.88 40.32 15.10
N MET B 177 -10.09 39.85 14.14
CA MET B 177 -10.03 40.46 12.81
C MET B 177 -11.13 39.98 11.86
N SER B 178 -12.12 39.26 12.37
CA SER B 178 -13.16 38.76 11.46
C SER B 178 -14.31 39.74 11.36
N LEU B 179 -14.36 40.67 12.30
CA LEU B 179 -15.35 41.73 12.31
C LEU B 179 -14.74 43.05 11.83
N ASP B 180 -15.59 44.00 11.45
CA ASP B 180 -15.14 45.34 11.13
C ASP B 180 -14.69 46.00 12.42
N ASP B 181 -13.98 47.11 12.29
CA ASP B 181 -13.55 47.87 13.46
C ASP B 181 -14.18 49.26 13.46
N GLY B 182 -15.48 49.31 13.25
CA GLY B 182 -16.23 50.54 13.32
C GLY B 182 -16.67 50.87 14.74
N ASP B 183 -16.63 49.86 15.61
CA ASP B 183 -16.92 50.05 17.02
C ASP B 183 -15.66 50.43 17.79
N SER B 184 -14.56 50.56 17.06
CA SER B 184 -13.26 50.91 17.62
C SER B 184 -12.77 49.90 18.67
N LYS B 185 -13.13 48.64 18.50
CA LYS B 185 -12.80 47.64 19.51
C LYS B 185 -11.29 47.44 19.59
N ILE B 186 -10.63 47.27 18.44
CA ILE B 186 -9.20 47.00 18.43
C ILE B 186 -8.45 48.12 19.15
N GLN B 187 -8.79 49.35 18.79
CA GLN B 187 -8.20 50.52 19.44
C GLN B 187 -8.32 50.48 20.96
N ASN B 188 -9.50 50.14 21.46
CA ASN B 188 -9.73 50.16 22.90
C ASN B 188 -9.02 49.05 23.64
N GLN B 189 -8.66 47.99 22.91
CA GLN B 189 -7.84 46.94 23.49
C GLN B 189 -6.36 47.36 23.52
N LEU B 190 -5.90 47.92 22.40
CA LEU B 190 -4.52 48.32 22.27
C LEU B 190 -4.13 49.37 23.28
N LYS B 191 -5.09 50.24 23.63
CA LYS B 191 -4.80 51.36 24.51
C LYS B 191 -4.60 50.90 25.95
N LYS B 192 -4.52 49.59 26.13
CA LYS B 192 -4.32 49.00 27.46
C LYS B 192 -2.87 48.53 27.72
N LEU B 193 -2.06 48.50 26.67
CA LEU B 193 -0.67 48.03 26.77
C LEU B 193 0.28 49.06 27.42
N GLN B 194 1.20 48.57 28.25
CA GLN B 194 2.11 49.45 29.00
C GLN B 194 3.56 49.05 28.76
N SER B 195 3.78 47.78 28.47
CA SER B 195 5.13 47.23 28.32
C SER B 195 5.93 47.93 27.24
N PRO B 196 7.25 47.94 27.38
CA PRO B 196 8.15 48.45 26.35
C PRO B 196 8.44 47.40 25.26
N ILE B 197 8.17 46.12 25.54
CA ILE B 197 8.22 45.08 24.50
C ILE B 197 6.86 44.46 24.22
N ILE B 198 6.54 44.30 22.94
CA ILE B 198 5.28 43.71 22.53
C ILE B 198 5.50 42.62 21.49
N LEU B 199 5.15 41.38 21.80
CA LEU B 199 5.25 40.30 20.82
C LEU B 199 3.92 40.24 20.07
N LEU B 200 3.99 40.33 18.76
CA LEU B 200 2.78 40.35 17.95
C LEU B 200 2.74 39.07 17.15
N TYR B 201 1.65 38.29 17.29
CA TYR B 201 1.44 37.11 16.43
C TYR B 201 0.17 37.24 15.60
N CYS B 202 0.34 37.34 14.28
CA CYS B 202 -0.78 37.53 13.36
C CYS B 202 -0.20 37.43 11.96
N THR B 203 -1.02 37.66 10.94
CA THR B 203 -0.53 37.62 9.56
C THR B 203 -0.02 38.99 9.14
N LYS B 204 0.66 39.01 8.01
CA LYS B 204 1.27 40.24 7.55
C LYS B 204 0.21 41.28 7.26
N GLU B 205 -0.86 40.87 6.58
CA GLU B 205 -1.93 41.79 6.25
C GLU B 205 -2.61 42.30 7.52
N GLU B 206 -2.69 41.45 8.53
CA GLU B 206 -3.28 41.86 9.81
C GLU B 206 -2.40 42.85 10.54
N ALA B 207 -1.09 42.60 10.53
CA ALA B 207 -0.11 43.44 11.20
C ALA B 207 -0.16 44.85 10.67
N THR B 208 -0.38 44.99 9.36
CA THR B 208 -0.34 46.34 8.82
C THR B 208 -1.53 47.12 9.35
N TYR B 209 -2.66 46.45 9.58
CA TYR B 209 -3.79 47.15 10.17
C TYR B 209 -3.55 47.44 11.65
N ILE B 210 -2.99 46.45 12.35
CA ILE B 210 -2.77 46.62 13.77
C ILE B 210 -1.81 47.78 13.98
N PHE B 211 -0.69 47.79 13.25
CA PHE B 211 0.31 48.86 13.39
C PHE B 211 -0.28 50.24 13.09
N GLU B 212 -1.05 50.36 12.01
CA GLU B 212 -1.72 51.63 11.72
C GLU B 212 -2.51 52.18 12.91
N VAL B 213 -3.14 51.27 13.64
CA VAL B 213 -3.95 51.61 14.80
C VAL B 213 -3.12 51.93 16.03
N ALA B 214 -2.13 51.09 16.29
CA ALA B 214 -1.25 51.30 17.43
C ALA B 214 -0.58 52.68 17.33
N ASN B 215 -0.19 53.08 16.12
CA ASN B 215 0.39 54.39 15.94
C ASN B 215 -0.58 55.53 16.32
N SER B 216 -1.82 55.42 15.86
CA SER B 216 -2.83 56.40 16.21
C SER B 216 -3.07 56.45 17.71
N VAL B 217 -2.44 55.55 18.44
CA VAL B 217 -2.61 55.42 19.89
C VAL B 217 -1.26 55.59 20.62
N GLY B 218 -0.23 55.93 19.84
CA GLY B 218 1.09 56.26 20.37
C GLY B 218 1.94 55.09 20.86
N LEU B 219 1.85 53.96 20.18
CA LEU B 219 2.55 52.76 20.62
C LEU B 219 3.61 52.25 19.66
N THR B 220 3.96 53.04 18.66
CA THR B 220 4.90 52.56 17.65
C THR B 220 6.31 53.08 17.87
N GLY B 221 6.43 54.34 18.31
CA GLY B 221 7.72 55.01 18.39
C GLY B 221 8.73 54.47 19.38
N TYR B 222 9.59 55.35 19.87
CA TYR B 222 10.55 54.98 20.91
C TYR B 222 9.80 54.74 22.22
N GLY B 223 10.31 53.82 23.02
CA GLY B 223 9.63 53.45 24.24
C GLY B 223 8.82 52.18 24.02
N TYR B 224 8.59 51.85 22.76
CA TYR B 224 7.86 50.65 22.41
C TYR B 224 8.58 49.85 21.32
N THR B 225 8.94 48.61 21.64
CA THR B 225 9.57 47.72 20.67
C THR B 225 8.67 46.52 20.32
N TRP B 226 8.34 46.36 19.04
CA TRP B 226 7.57 45.23 18.56
C TRP B 226 8.44 44.14 17.94
N ILE B 227 8.25 42.92 18.40
CA ILE B 227 8.92 41.76 17.84
C ILE B 227 7.87 40.86 17.18
N VAL B 228 8.20 40.31 16.02
CA VAL B 228 7.16 39.74 15.19
C VAL B 228 7.71 38.50 14.49
N PRO B 229 6.84 37.56 14.06
CA PRO B 229 7.40 36.33 13.48
C PRO B 229 7.64 36.39 11.96
N SER B 230 8.31 35.37 11.46
CA SER B 230 8.67 35.32 10.05
C SER B 230 7.52 35.72 9.11
N LEU B 231 6.33 35.23 9.36
CA LEU B 231 5.22 35.44 8.43
C LEU B 231 4.71 36.87 8.41
N VAL B 232 4.96 37.65 9.46
CA VAL B 232 4.63 39.09 9.42
C VAL B 232 5.62 39.83 8.49
N ALA B 233 6.90 39.60 8.70
CA ALA B 233 7.92 40.13 7.81
C ALA B 233 7.68 39.68 6.37
N GLY B 234 7.37 38.41 6.19
CA GLY B 234 7.16 37.85 4.87
C GLY B 234 8.32 38.11 3.93
N ASP B 235 7.99 38.49 2.70
CA ASP B 235 8.95 39.00 1.75
C ASP B 235 9.57 40.33 2.24
N THR B 236 10.86 40.28 2.57
CA THR B 236 11.61 41.45 3.08
C THR B 236 11.76 42.60 2.07
N ASP B 237 11.52 42.33 0.80
CA ASP B 237 11.46 43.39 -0.21
C ASP B 237 10.09 44.04 -0.36
N THR B 238 9.17 43.73 0.54
CA THR B 238 7.86 44.36 0.52
C THR B 238 7.57 44.76 1.94
N VAL B 239 7.66 46.06 2.18
CA VAL B 239 7.54 46.61 3.51
C VAL B 239 6.35 47.55 3.51
N PRO B 240 5.26 47.13 4.15
CA PRO B 240 4.11 48.02 4.23
C PRO B 240 4.56 49.30 4.91
N SER B 241 4.00 50.44 4.52
CA SER B 241 4.43 51.73 5.06
C SER B 241 4.04 51.87 6.53
N GLU B 242 3.04 51.13 6.95
CA GLU B 242 2.57 51.23 8.33
C GLU B 242 3.43 50.44 9.32
N PHE B 243 4.33 49.58 8.85
CA PHE B 243 5.27 48.95 9.76
C PHE B 243 6.11 50.01 10.45
N PRO B 244 6.22 49.93 11.78
CA PRO B 244 7.03 50.89 12.51
C PRO B 244 8.52 50.69 12.25
N THR B 245 9.26 51.79 12.15
CA THR B 245 10.71 51.72 12.16
C THR B 245 11.14 51.11 13.49
N GLY B 246 12.17 50.26 13.47
CA GLY B 246 12.63 49.62 14.68
C GLY B 246 11.97 48.27 14.93
N LEU B 247 11.16 47.83 13.98
CA LEU B 247 10.51 46.54 14.10
C LEU B 247 11.53 45.41 14.07
N ILE B 248 11.43 44.47 15.01
CA ILE B 248 12.30 43.30 14.97
C ILE B 248 11.55 42.06 14.50
N SER B 249 12.25 41.16 13.82
CA SER B 249 11.63 39.98 13.27
C SER B 249 12.59 38.83 13.13
N VAL B 250 12.11 37.63 13.39
CA VAL B 250 12.84 36.42 13.04
C VAL B 250 12.58 36.20 11.54
N SER B 251 13.38 35.37 10.91
CA SER B 251 13.23 35.17 9.47
C SER B 251 14.02 33.97 8.97
N TYR B 252 13.39 33.17 8.12
CA TYR B 252 14.08 32.06 7.51
C TYR B 252 15.08 32.66 6.52
N ASP B 253 16.34 32.26 6.65
CA ASP B 253 17.46 32.91 5.94
C ASP B 253 17.48 32.73 4.42
N GLU B 254 16.54 33.40 3.74
CA GLU B 254 16.49 33.40 2.28
C GLU B 254 17.78 33.99 1.71
N TRP B 255 18.63 34.49 2.60
CA TRP B 255 19.88 35.12 2.20
C TRP B 255 20.86 34.10 1.65
N ASP B 256 21.37 33.23 2.54
CA ASP B 256 22.39 32.27 2.16
C ASP B 256 21.79 31.01 1.55
N TYR B 257 20.47 30.87 1.64
CA TYR B 257 19.77 29.67 1.19
C TYR B 257 18.73 30.03 0.12
N GLY B 258 19.18 30.12 -1.13
CA GLY B 258 18.34 30.62 -2.19
C GLY B 258 17.42 29.59 -2.81
N LEU B 259 16.55 30.08 -3.69
CA LEU B 259 15.57 29.21 -4.34
C LEU B 259 16.19 27.96 -4.97
N PRO B 260 17.20 28.12 -5.84
CA PRO B 260 17.71 26.93 -6.53
C PRO B 260 18.25 25.87 -5.56
N ALA B 261 18.84 26.32 -4.46
CA ALA B 261 19.25 25.38 -3.42
C ALA B 261 18.04 24.64 -2.84
N ARG B 262 16.98 25.39 -2.49
CA ARG B 262 15.78 24.84 -1.87
C ARG B 262 15.07 23.83 -2.76
N VAL B 263 14.88 24.18 -4.04
CA VAL B 263 14.33 23.21 -4.98
C VAL B 263 15.21 21.95 -5.04
N ARG B 264 16.52 22.12 -4.99
CA ARG B 264 17.43 20.97 -4.94
C ARG B 264 17.01 20.02 -3.83
N ASP B 265 17.07 20.50 -2.59
CA ASP B 265 16.72 19.70 -1.41
C ASP B 265 15.28 19.22 -1.47
N GLY B 266 14.44 19.98 -2.15
CA GLY B 266 13.06 19.57 -2.31
C GLY B 266 13.02 18.26 -3.07
N ILE B 267 13.64 18.26 -4.25
CA ILE B 267 13.69 17.08 -5.09
C ILE B 267 14.40 15.93 -4.39
N ALA B 268 15.39 16.26 -3.58
CA ALA B 268 16.15 15.23 -2.86
C ALA B 268 15.26 14.49 -1.87
N ILE B 269 14.50 15.23 -1.09
CA ILE B 269 13.68 14.66 -0.04
C ILE B 269 12.60 13.73 -0.57
N ILE B 270 11.98 14.09 -1.69
CA ILE B 270 10.90 13.27 -2.24
C ILE B 270 11.49 12.02 -2.88
N THR B 271 12.71 12.15 -3.42
CA THR B 271 13.42 11.04 -4.05
C THR B 271 14.07 10.10 -3.03
N THR B 272 14.81 10.66 -2.08
CA THR B 272 15.39 9.86 -1.00
C THR B 272 14.29 9.09 -0.30
N ALA B 273 13.21 9.79 0.04
CA ALA B 273 12.12 9.18 0.77
C ALA B 273 11.56 8.01 0.01
N ALA B 274 11.29 8.21 -1.28
CA ALA B 274 10.75 7.14 -2.12
C ALA B 274 11.71 5.95 -2.13
N SER B 275 12.98 6.23 -2.37
CA SER B 275 14.01 5.19 -2.37
C SER B 275 13.96 4.35 -1.09
N ASP B 276 14.08 5.03 0.05
CA ASP B 276 14.11 4.36 1.35
C ASP B 276 12.94 3.41 1.52
N MET B 277 11.82 3.73 0.88
CA MET B 277 10.60 2.96 1.04
C MET B 277 10.41 1.81 0.03
N LEU B 278 11.10 1.85 -1.10
CA LEU B 278 11.08 0.72 -2.02
C LEU B 278 12.06 -0.30 -1.46
N SER B 279 13.10 0.20 -0.81
CA SER B 279 14.20 -0.63 -0.34
C SER B 279 13.93 -1.18 1.05
N GLU B 280 12.69 -1.08 1.49
CA GLU B 280 12.27 -1.75 2.72
C GLU B 280 10.85 -2.28 2.60
N HIS B 281 10.20 -2.04 1.47
CA HIS B 281 8.84 -2.54 1.27
C HIS B 281 8.58 -3.08 -0.13
N SER B 282 9.59 -2.96 -1.00
CA SER B 282 9.52 -3.51 -2.37
C SER B 282 8.37 -2.89 -3.16
N PHE B 283 7.99 -1.68 -2.75
CA PHE B 283 6.92 -0.92 -3.41
C PHE B 283 6.87 0.54 -2.98
N ILE B 284 6.13 1.33 -3.77
CA ILE B 284 6.00 2.77 -3.57
C ILE B 284 4.54 3.13 -3.84
N PRO B 285 3.97 4.06 -3.04
CA PRO B 285 2.55 4.39 -3.21
C PRO B 285 2.26 4.87 -4.62
N GLU B 286 1.22 4.35 -5.24
CA GLU B 286 0.91 4.74 -6.60
C GLU B 286 0.15 6.05 -6.66
N PRO B 287 0.76 7.06 -7.32
CA PRO B 287 0.13 8.35 -7.59
C PRO B 287 -1.23 8.22 -8.27
N LYS B 288 -2.26 8.51 -7.48
CA LYS B 288 -3.61 8.74 -7.96
C LYS B 288 -3.62 9.67 -9.17
N SER B 289 -4.24 9.23 -10.25
CA SER B 289 -4.30 10.02 -11.47
C SER B 289 -5.47 11.00 -11.50
N SER B 290 -6.21 11.09 -10.39
CA SER B 290 -7.39 11.94 -10.36
C SER B 290 -7.77 12.47 -8.97
N CYS B 291 -8.24 13.71 -8.93
CA CYS B 291 -8.77 14.33 -7.73
C CYS B 291 -10.28 14.15 -7.67
N TYR B 292 -10.90 14.05 -8.84
CA TYR B 292 -12.33 13.81 -8.93
C TYR B 292 -12.75 12.41 -8.41
N ASN B 293 -11.79 11.54 -8.10
CA ASN B 293 -12.10 10.17 -7.72
C ASN B 293 -11.67 9.76 -6.29
N THR B 294 -11.24 10.72 -5.48
CA THR B 294 -10.57 10.41 -4.20
C THR B 294 -11.45 9.85 -3.08
N HIS B 295 -12.76 9.75 -3.32
CA HIS B 295 -13.67 9.22 -2.31
C HIS B 295 -13.76 7.70 -2.31
N GLU B 296 -13.87 7.12 -3.50
CA GLU B 296 -13.86 5.67 -3.68
C GLU B 296 -12.44 5.16 -3.41
N LYS B 297 -11.51 5.64 -4.23
CA LYS B 297 -10.14 5.14 -4.24
C LYS B 297 -9.42 5.21 -2.88
N ARG B 298 -10.05 5.78 -1.87
CA ARG B 298 -9.33 5.97 -0.61
C ARG B 298 -9.05 4.78 0.33
N ILE B 299 -9.75 3.66 0.13
CA ILE B 299 -9.38 2.42 0.81
C ILE B 299 -7.96 2.00 0.41
N TYR B 300 -7.55 2.43 -0.78
CA TYR B 300 -6.30 2.01 -1.36
C TYR B 300 -5.16 3.02 -1.22
N GLN B 301 -5.31 4.03 -0.37
CA GLN B 301 -4.31 5.12 -0.25
C GLN B 301 -3.80 5.32 1.17
N SER B 302 -2.58 5.80 1.28
CA SER B 302 -1.91 5.82 2.57
C SER B 302 -1.01 7.03 2.84
N ASN B 303 -0.93 7.36 4.12
CA ASN B 303 0.01 8.32 4.67
C ASN B 303 1.46 7.82 4.65
N MET B 304 1.69 6.62 4.11
CA MET B 304 2.88 5.83 4.49
C MET B 304 4.24 6.52 4.30
N LEU B 305 4.41 7.22 3.19
CA LEU B 305 5.64 7.95 2.89
C LEU B 305 6.06 9.00 3.95
N ASN B 306 5.13 9.43 4.81
CA ASN B 306 5.44 10.42 5.82
C ASN B 306 6.63 10.02 6.68
N ARG B 307 6.71 8.74 7.06
CA ARG B 307 7.76 8.29 7.98
C ARG B 307 9.17 8.43 7.38
N TYR B 308 9.24 8.49 6.06
CA TYR B 308 10.51 8.64 5.35
C TYR B 308 10.76 10.09 4.93
N LEU B 309 9.71 10.75 4.45
CA LEU B 309 9.80 12.17 4.13
C LEU B 309 10.35 12.99 5.30
N ILE B 310 10.17 12.46 6.50
CA ILE B 310 10.43 13.15 7.75
C ILE B 310 11.90 13.03 8.20
N ASN B 311 12.63 12.10 7.61
CA ASN B 311 14.00 11.83 8.07
C ASN B 311 14.97 11.49 6.95
N VAL B 312 15.23 12.50 6.12
CA VAL B 312 16.16 12.40 4.99
C VAL B 312 17.47 13.16 5.28
N THR B 313 18.59 12.44 5.33
CA THR B 313 19.91 13.07 5.34
C THR B 313 20.41 13.20 3.90
N PHE B 314 20.79 14.41 3.49
CA PHE B 314 21.29 14.61 2.12
C PHE B 314 22.54 15.49 2.08
N GLU B 315 23.57 15.01 1.39
CA GLU B 315 24.85 15.71 1.25
C GLU B 315 25.40 16.14 2.60
N GLY B 316 25.26 15.26 3.60
CA GLY B 316 25.75 15.54 4.94
C GLY B 316 24.97 16.63 5.68
N ARG B 317 23.84 17.04 5.10
CA ARG B 317 22.94 17.98 5.79
C ARG B 317 21.69 17.25 6.29
N ASP B 318 21.28 17.54 7.53
CA ASP B 318 20.07 16.91 8.07
C ASP B 318 18.84 17.71 7.68
N LEU B 319 18.20 17.28 6.61
CA LEU B 319 17.09 18.01 6.02
C LEU B 319 15.74 17.48 6.54
N SER B 320 15.69 17.05 7.80
CA SER B 320 14.50 16.38 8.34
C SER B 320 13.40 17.31 8.86
N PHE B 321 12.20 16.74 9.02
CA PHE B 321 11.01 17.48 9.46
C PHE B 321 10.45 16.95 10.78
N SER B 322 9.69 17.80 11.48
CA SER B 322 8.83 17.34 12.58
C SER B 322 7.56 16.69 12.03
N GLU B 323 6.81 15.98 12.87
CA GLU B 323 5.53 15.42 12.41
C GLU B 323 4.56 16.57 12.07
N ASP B 324 4.65 17.65 12.85
CA ASP B 324 3.87 18.88 12.63
C ASP B 324 4.15 19.57 11.29
N GLY B 325 5.18 19.12 10.60
CA GLY B 325 5.39 19.48 9.22
C GLY B 325 6.25 20.71 9.02
N TYR B 326 7.01 21.09 10.04
CA TYR B 326 7.96 22.20 9.89
C TYR B 326 9.37 21.63 9.95
N GLN B 327 10.35 22.43 9.59
CA GLN B 327 11.74 21.98 9.54
C GLN B 327 12.34 21.82 10.92
N MET B 328 13.19 20.80 11.08
CA MET B 328 13.82 20.51 12.37
C MET B 328 14.90 21.50 12.76
N HIS B 329 15.81 21.76 11.82
CA HIS B 329 16.91 22.69 12.08
C HIS B 329 16.99 23.74 10.99
N PRO B 330 16.07 24.72 11.03
CA PRO B 330 16.17 25.88 10.16
C PRO B 330 17.29 26.79 10.61
N LYS B 331 18.01 27.37 9.65
CA LYS B 331 18.93 28.45 9.94
C LYS B 331 18.14 29.75 9.90
N LEU B 332 18.12 30.47 11.02
CA LEU B 332 17.29 31.67 11.15
C LEU B 332 18.11 32.95 11.17
N VAL B 333 17.54 34.04 10.66
CA VAL B 333 18.24 35.33 10.74
C VAL B 333 17.37 36.37 11.49
N ILE B 334 17.97 37.11 12.43
CA ILE B 334 17.21 38.17 13.09
C ILE B 334 17.36 39.49 12.36
N ILE B 335 16.25 40.06 11.92
CA ILE B 335 16.31 41.26 11.11
C ILE B 335 15.69 42.46 11.81
N LEU B 336 16.18 43.64 11.46
CA LEU B 336 15.72 44.88 12.06
C LEU B 336 15.41 45.87 10.97
N LEU B 337 14.21 46.43 11.00
CA LEU B 337 13.77 47.37 10.01
C LEU B 337 14.40 48.75 10.27
N ASN B 338 15.25 49.21 9.35
CA ASN B 338 16.01 50.44 9.60
C ASN B 338 15.26 51.71 9.21
N LYS B 339 15.89 52.85 9.45
CA LYS B 339 15.32 54.18 9.22
C LYS B 339 15.04 54.47 7.75
N GLU B 340 15.80 53.82 6.87
CA GLU B 340 15.58 53.93 5.43
C GLU B 340 14.54 52.89 4.98
N ARG B 341 13.94 52.20 5.96
CA ARG B 341 12.84 51.25 5.75
C ARG B 341 13.21 50.03 4.90
N LYS B 342 14.46 49.61 5.05
CA LYS B 342 14.96 48.39 4.46
C LYS B 342 15.23 47.42 5.63
N TRP B 343 15.04 46.12 5.39
CA TRP B 343 15.27 45.15 6.47
C TRP B 343 16.74 44.81 6.58
N GLU B 344 17.28 44.94 7.79
CA GLU B 344 18.69 44.75 8.05
C GLU B 344 18.95 43.54 8.94
N ARG B 345 19.90 42.69 8.56
CA ARG B 345 20.30 41.53 9.37
C ARG B 345 21.10 41.96 10.61
N VAL B 346 20.71 41.49 11.79
CA VAL B 346 21.36 41.87 13.06
C VAL B 346 21.61 40.69 14.00
N GLY B 347 21.41 39.47 13.52
CA GLY B 347 21.60 38.29 14.35
C GLY B 347 21.40 36.98 13.64
N LYS B 348 21.99 35.93 14.18
CA LYS B 348 21.81 34.58 13.64
C LYS B 348 21.45 33.63 14.76
N TRP B 349 20.49 32.76 14.48
CA TRP B 349 20.18 31.62 15.33
C TRP B 349 20.61 30.36 14.59
N LYS B 350 21.54 29.60 15.19
CA LYS B 350 22.11 28.41 14.55
C LYS B 350 21.56 27.12 15.16
N ASP B 351 22.26 26.60 16.17
CA ASP B 351 21.85 25.36 16.81
C ASP B 351 21.49 25.62 18.27
N LYS B 352 20.24 26.00 18.50
CA LYS B 352 19.81 26.47 19.81
C LYS B 352 20.70 27.62 20.34
N SER B 353 21.53 28.17 19.45
CA SER B 353 22.52 29.18 19.80
C SER B 353 22.31 30.49 19.05
N LEU B 354 21.96 31.55 19.78
CA LEU B 354 21.74 32.87 19.20
C LEU B 354 22.97 33.75 19.31
N GLN B 355 23.47 34.23 18.17
CA GLN B 355 24.62 35.13 18.18
C GLN B 355 24.27 36.48 17.55
N MET B 356 24.20 37.53 18.37
CA MET B 356 23.78 38.85 17.89
C MET B 356 24.96 39.66 17.42
N LYS B 357 24.67 40.71 16.67
CA LYS B 357 25.69 41.60 16.13
C LYS B 357 26.05 42.68 17.16
N TYR B 358 25.04 43.32 17.73
CA TYR B 358 25.26 44.43 18.64
C TYR B 358 25.20 44.03 20.10
N TYR B 359 26.00 44.70 20.92
CA TYR B 359 25.90 44.51 22.35
C TYR B 359 24.89 45.50 22.89
N VAL B 360 25.02 46.73 22.42
CA VAL B 360 24.03 47.75 22.70
C VAL B 360 23.07 47.83 21.51
N TRP B 361 21.77 47.89 21.79
CA TRP B 361 20.74 47.86 20.76
C TRP B 361 20.61 49.17 19.98
N PRO B 362 20.55 49.08 18.64
CA PRO B 362 20.54 50.21 17.69
C PRO B 362 19.33 51.13 17.76
N ARG B 363 19.56 52.42 17.51
CA ARG B 363 18.48 53.38 17.33
C ARG B 363 18.33 53.85 15.89
N PRO C 2 -0.44 -34.88 -48.40
CA PRO C 2 0.66 -34.90 -47.44
C PRO C 2 0.29 -34.23 -46.12
N LYS C 3 0.57 -34.91 -45.01
CA LYS C 3 0.26 -34.37 -43.69
C LYS C 3 1.06 -33.11 -43.42
N ILE C 4 0.43 -32.14 -42.78
CA ILE C 4 1.09 -30.87 -42.46
C ILE C 4 1.32 -30.68 -40.97
N VAL C 5 2.55 -30.93 -40.53
CA VAL C 5 2.93 -30.73 -39.15
C VAL C 5 3.49 -29.33 -38.93
N ASN C 6 3.04 -28.66 -37.88
CA ASN C 6 3.43 -27.29 -37.63
C ASN C 6 4.48 -27.16 -36.54
N ILE C 7 5.47 -26.33 -36.78
CA ILE C 7 6.46 -26.01 -35.77
C ILE C 7 6.22 -24.60 -35.26
N GLY C 8 6.17 -24.45 -33.93
CA GLY C 8 5.89 -23.16 -33.33
C GLY C 8 7.18 -22.46 -32.93
N ALA C 9 7.15 -21.13 -32.89
CA ALA C 9 8.30 -20.37 -32.40
C ALA C 9 7.87 -19.11 -31.68
N VAL C 10 8.73 -18.63 -30.79
CA VAL C 10 8.52 -17.40 -30.09
C VAL C 10 9.85 -16.70 -30.10
N LEU C 11 9.99 -15.73 -30.99
CA LEU C 11 11.28 -15.14 -31.28
C LEU C 11 11.36 -13.66 -30.90
N SER C 12 12.53 -13.06 -31.08
CA SER C 12 12.79 -11.70 -30.62
C SER C 12 12.20 -10.62 -31.48
N THR C 13 12.40 -10.72 -32.79
CA THR C 13 11.97 -9.68 -33.72
C THR C 13 11.26 -10.31 -34.91
N LYS C 14 10.60 -9.47 -35.70
CA LYS C 14 9.97 -9.95 -36.91
C LYS C 14 11.02 -10.55 -37.87
N LYS C 15 12.25 -10.02 -37.85
CA LYS C 15 13.32 -10.52 -38.73
C LYS C 15 13.72 -11.96 -38.38
N HIS C 16 13.65 -12.28 -37.10
CA HIS C 16 13.99 -13.60 -36.64
C HIS C 16 12.87 -14.58 -36.97
N GLU C 17 11.62 -14.11 -36.90
CA GLU C 17 10.51 -14.91 -37.36
C GLU C 17 10.79 -15.32 -38.79
N GLN C 18 11.43 -14.41 -39.53
CA GLN C 18 11.75 -14.65 -40.93
C GLN C 18 12.88 -15.66 -41.10
N ILE C 19 13.97 -15.48 -40.35
CA ILE C 19 15.05 -16.47 -40.34
C ILE C 19 14.53 -17.86 -39.99
N PHE C 20 13.52 -17.89 -39.11
CA PHE C 20 12.82 -19.11 -38.74
C PHE C 20 11.98 -19.64 -39.88
N ARG C 21 11.19 -18.77 -40.50
CA ARG C 21 10.36 -19.14 -41.64
C ARG C 21 11.19 -19.77 -42.76
N GLU C 22 12.39 -19.23 -43.00
CA GLU C 22 13.26 -19.76 -44.05
C GLU C 22 13.90 -21.08 -43.63
N ALA C 23 14.26 -21.19 -42.35
CA ALA C 23 14.84 -22.43 -41.84
C ALA C 23 13.90 -23.61 -42.06
N VAL C 24 12.61 -23.40 -41.82
CA VAL C 24 11.62 -24.45 -42.04
C VAL C 24 11.55 -24.75 -43.53
N ASN C 25 11.75 -23.73 -44.36
CA ASN C 25 11.83 -23.93 -45.79
C ASN C 25 13.03 -24.83 -46.18
N GLN C 26 14.19 -24.58 -45.58
CA GLN C 26 15.37 -25.36 -45.92
C GLN C 26 15.23 -26.83 -45.47
N ALA C 27 14.53 -27.03 -44.35
CA ALA C 27 14.26 -28.39 -43.86
C ALA C 27 13.35 -29.16 -44.82
N ASN C 28 12.30 -28.51 -45.29
CA ASN C 28 11.40 -29.14 -46.26
C ASN C 28 12.10 -29.62 -47.52
N LYS C 29 13.19 -28.94 -47.88
CA LYS C 29 13.94 -29.27 -49.09
C LYS C 29 14.87 -30.47 -48.90
N ARG C 30 15.60 -30.50 -47.78
CA ARG C 30 16.53 -31.60 -47.56
C ARG C 30 15.81 -32.92 -47.26
N HIS C 31 14.65 -32.85 -46.64
CA HIS C 31 13.87 -34.04 -46.31
C HIS C 31 12.85 -34.38 -47.40
N PHE C 32 12.46 -35.64 -47.47
CA PHE C 32 11.48 -36.10 -48.46
C PHE C 32 10.07 -35.63 -48.14
N THR C 33 9.79 -34.36 -48.44
CA THR C 33 8.50 -33.74 -48.18
C THR C 33 7.40 -34.30 -49.08
N LYS C 35 4.26 -36.78 -48.56
CA LYS C 35 4.21 -37.58 -47.34
C LYS C 35 3.91 -36.73 -46.11
N ILE C 36 4.95 -36.17 -45.51
CA ILE C 36 4.83 -35.32 -44.34
C ILE C 36 5.59 -34.03 -44.58
N GLN C 37 5.00 -32.88 -44.24
CA GLN C 37 5.59 -31.59 -44.59
C GLN C 37 5.43 -30.49 -43.53
N LEU C 38 6.53 -29.83 -43.19
CA LEU C 38 6.57 -28.89 -42.07
C LEU C 38 6.07 -27.49 -42.44
N GLN C 39 5.38 -26.87 -41.49
CA GLN C 39 4.85 -25.52 -41.67
C GLN C 39 5.16 -24.64 -40.46
N ALA C 40 5.77 -23.49 -40.72
CA ALA C 40 6.16 -22.54 -39.68
C ALA C 40 4.94 -21.89 -39.02
N THR C 41 5.13 -21.40 -37.81
CA THR C 41 4.09 -20.73 -37.05
C THR C 41 4.76 -20.00 -35.89
N SER C 42 4.72 -18.67 -35.91
CA SER C 42 5.51 -17.90 -34.96
C SER C 42 4.78 -16.70 -34.38
N VAL C 43 5.39 -16.15 -33.33
CA VAL C 43 5.01 -14.90 -32.73
C VAL C 43 6.27 -14.31 -32.10
N THR C 44 6.15 -13.10 -31.56
CA THR C 44 7.26 -12.47 -30.84
C THR C 44 6.86 -12.37 -29.38
N HIS C 45 7.83 -12.14 -28.51
CA HIS C 45 7.51 -12.04 -27.09
C HIS C 45 6.44 -10.99 -26.80
N ARG C 46 5.48 -11.38 -25.96
CA ARG C 46 4.42 -10.50 -25.51
C ARG C 46 4.91 -9.66 -24.34
N PRO C 47 4.17 -8.60 -24.03
CA PRO C 47 4.59 -7.67 -22.98
C PRO C 47 4.87 -8.39 -21.66
N ASN C 48 3.88 -9.07 -21.11
CA ASN C 48 4.06 -9.72 -19.81
C ASN C 48 3.81 -11.25 -19.82
N ALA C 49 4.08 -11.90 -18.69
CA ALA C 49 3.91 -13.35 -18.61
C ALA C 49 2.48 -13.86 -18.88
N ILE C 50 1.48 -13.22 -18.25
CA ILE C 50 0.11 -13.69 -18.43
C ILE C 50 -0.31 -13.53 -19.88
N GLN C 51 0.34 -12.61 -20.61
CA GLN C 51 -0.02 -12.41 -22.00
C GLN C 51 0.69 -13.43 -22.88
N MET C 52 1.95 -13.70 -22.55
CA MET C 52 2.72 -14.66 -23.30
C MET C 52 2.09 -16.06 -23.23
N ALA C 53 1.61 -16.46 -22.05
CA ALA C 53 0.98 -17.76 -21.87
C ALA C 53 -0.27 -17.83 -22.74
N LEU C 54 -1.12 -16.83 -22.62
CA LEU C 54 -2.30 -16.72 -23.47
C LEU C 54 -1.94 -16.77 -24.94
N SER C 55 -0.84 -16.11 -25.31
CA SER C 55 -0.42 -16.07 -26.70
C SER C 55 -0.01 -17.45 -27.25
N VAL C 56 0.62 -18.28 -26.41
CA VAL C 56 0.92 -19.65 -26.81
C VAL C 56 -0.37 -20.43 -27.09
N CYS C 57 -1.41 -20.15 -26.33
CA CYS C 57 -2.67 -20.86 -26.50
C CYS C 57 -3.45 -20.44 -27.75
N GLU C 58 -3.41 -19.15 -28.07
CA GLU C 58 -4.20 -18.60 -29.17
C GLU C 58 -3.47 -18.68 -30.50
N ASP C 59 -2.15 -18.55 -30.45
CA ASP C 59 -1.38 -18.39 -31.68
C ASP C 59 -0.58 -19.62 -32.10
N LEU C 60 -0.22 -20.49 -31.16
CA LEU C 60 0.64 -21.64 -31.47
C LEU C 60 -0.06 -22.99 -31.31
N ILE C 61 -0.65 -23.19 -30.15
CA ILE C 61 -1.30 -24.46 -29.85
C ILE C 61 -2.61 -24.58 -30.63
N SER C 62 -3.22 -23.45 -30.96
CA SER C 62 -4.44 -23.48 -31.74
C SER C 62 -4.12 -23.82 -33.19
N SER C 63 -2.84 -24.00 -33.47
CA SER C 63 -2.41 -24.38 -34.82
C SER C 63 -1.74 -25.76 -34.80
N GLN C 64 -1.90 -26.46 -33.68
CA GLN C 64 -1.36 -27.82 -33.46
C GLN C 64 0.12 -27.96 -33.79
N VAL C 65 0.96 -27.39 -32.94
CA VAL C 65 2.39 -27.43 -33.15
C VAL C 65 3.02 -28.61 -32.43
N TYR C 66 3.93 -29.30 -33.10
CA TYR C 66 4.62 -30.45 -32.52
C TYR C 66 5.72 -30.04 -31.55
N ALA C 67 6.24 -28.83 -31.71
CA ALA C 67 7.24 -28.26 -30.79
C ALA C 67 7.26 -26.72 -30.84
N ILE C 68 8.02 -26.11 -29.94
CA ILE C 68 8.11 -24.66 -29.93
C ILE C 68 9.53 -24.15 -29.64
N LEU C 69 10.13 -23.47 -30.60
CA LEU C 69 11.40 -22.82 -30.34
C LEU C 69 11.14 -21.56 -29.53
N VAL C 70 11.97 -21.29 -28.54
CA VAL C 70 11.78 -20.12 -27.72
C VAL C 70 13.11 -19.43 -27.52
N SER C 71 13.17 -18.17 -27.92
CA SER C 71 14.39 -17.38 -27.77
C SER C 71 14.32 -16.60 -26.47
N HIS C 72 15.35 -15.83 -26.20
CA HIS C 72 15.40 -14.96 -25.04
C HIS C 72 15.51 -13.54 -25.58
N PRO C 73 14.52 -12.70 -25.25
CA PRO C 73 14.48 -11.32 -25.79
C PRO C 73 15.56 -10.42 -25.16
N LEU C 80 11.49 -10.85 -18.39
CA LEU C 80 10.69 -11.81 -19.16
C LEU C 80 11.53 -12.99 -19.65
N THR C 81 11.04 -14.21 -19.39
CA THR C 81 11.73 -15.46 -19.68
C THR C 81 10.85 -16.47 -20.42
N PRO C 82 11.41 -17.63 -20.79
CA PRO C 82 10.65 -18.71 -21.43
C PRO C 82 9.65 -19.42 -20.50
N THR C 83 9.74 -19.20 -19.19
CA THR C 83 8.89 -19.95 -18.26
C THR C 83 7.43 -20.09 -18.61
N PRO C 84 6.75 -18.99 -18.98
CA PRO C 84 5.33 -19.14 -19.32
C PRO C 84 5.15 -20.07 -20.52
N ILE C 85 6.11 -20.06 -21.44
CA ILE C 85 6.02 -20.90 -22.62
C ILE C 85 6.24 -22.35 -22.21
N SER C 86 7.36 -22.59 -21.52
CA SER C 86 7.65 -23.88 -20.90
C SER C 86 6.44 -24.47 -20.16
N TYR C 87 5.86 -23.70 -19.24
CA TYR C 87 4.69 -24.15 -18.49
C TYR C 87 3.50 -24.50 -19.39
N THR C 88 3.11 -23.56 -20.27
CA THR C 88 1.94 -23.77 -21.10
C THR C 88 2.14 -24.98 -22.00
N ALA C 89 3.28 -25.03 -22.68
CA ALA C 89 3.59 -26.17 -23.54
C ALA C 89 3.69 -27.47 -22.75
N GLY C 90 4.25 -27.38 -21.53
CA GLY C 90 4.47 -28.56 -20.72
C GLY C 90 3.18 -29.16 -20.20
N PHE C 91 2.18 -28.31 -20.03
CA PHE C 91 0.87 -28.74 -19.59
C PHE C 91 0.39 -29.85 -20.52
N TYR C 92 0.82 -29.77 -21.77
CA TYR C 92 0.38 -30.67 -22.84
C TYR C 92 1.47 -31.64 -23.23
N ARG C 93 2.68 -31.39 -22.74
CA ARG C 93 3.87 -32.20 -23.09
C ARG C 93 4.28 -31.96 -24.52
N ILE C 94 4.01 -30.77 -25.04
CA ILE C 94 4.65 -30.29 -26.26
C ILE C 94 6.05 -29.79 -25.90
N PRO C 95 7.08 -30.35 -26.56
CA PRO C 95 8.45 -29.97 -26.19
C PRO C 95 8.78 -28.52 -26.56
N VAL C 96 9.54 -27.86 -25.68
CA VAL C 96 10.11 -26.56 -25.95
C VAL C 96 11.62 -26.64 -26.21
N ILE C 97 12.10 -25.98 -27.27
CA ILE C 97 13.53 -25.87 -27.55
C ILE C 97 13.98 -24.42 -27.25
N GLY C 98 14.65 -24.23 -26.11
CA GLY C 98 15.24 -22.94 -25.77
C GLY C 98 16.49 -22.64 -26.59
N LEU C 99 16.51 -21.49 -27.27
CA LEU C 99 17.61 -21.14 -28.17
C LEU C 99 18.80 -20.46 -27.48
N THR C 100 18.53 -19.70 -26.42
CA THR C 100 19.56 -18.83 -25.83
C THR C 100 19.52 -18.69 -24.30
N THR C 101 18.53 -19.27 -23.64
CA THR C 101 18.49 -19.20 -22.18
C THR C 101 19.54 -20.12 -21.56
N ARG C 102 20.26 -19.62 -20.56
CA ARG C 102 21.38 -20.34 -19.99
C ARG C 102 21.15 -20.56 -18.52
N MET C 103 20.02 -20.13 -18.00
CA MET C 103 19.79 -20.30 -16.58
C MET C 103 19.60 -21.79 -16.26
N SER C 104 20.19 -22.24 -15.16
CA SER C 104 20.18 -23.65 -14.83
C SER C 104 18.80 -24.16 -14.41
N ILE C 105 17.98 -23.27 -13.86
CA ILE C 105 16.61 -23.59 -13.51
C ILE C 105 15.96 -24.45 -14.58
N TYR C 106 16.36 -24.26 -15.84
CA TYR C 106 15.72 -24.96 -16.95
C TYR C 106 16.20 -26.41 -17.17
N SER C 107 17.08 -26.89 -16.30
CA SER C 107 17.57 -28.27 -16.38
C SER C 107 16.77 -29.13 -15.44
N ASP C 108 15.97 -28.46 -14.62
CA ASP C 108 15.11 -29.09 -13.62
C ASP C 108 13.90 -29.78 -14.27
N LYS C 109 14.04 -31.08 -14.50
CA LYS C 109 13.08 -31.89 -15.24
C LYS C 109 11.69 -31.85 -14.60
N SER C 110 11.66 -31.30 -13.40
CA SER C 110 10.52 -31.31 -12.50
C SER C 110 9.59 -30.12 -12.72
N ILE C 111 10.13 -28.96 -13.08
CA ILE C 111 9.28 -27.83 -13.40
C ILE C 111 9.30 -27.56 -14.91
N HIS C 112 10.41 -27.94 -15.55
CA HIS C 112 10.51 -27.90 -17.00
C HIS C 112 10.70 -29.31 -17.59
N LEU C 113 9.58 -30.03 -17.76
CA LEU C 113 9.57 -31.38 -18.32
C LEU C 113 10.12 -31.55 -19.73
N SER C 114 9.37 -31.00 -20.68
CA SER C 114 9.64 -31.16 -22.10
C SER C 114 10.52 -30.02 -22.60
N PHE C 115 11.64 -29.76 -21.94
CA PHE C 115 12.49 -28.63 -22.32
C PHE C 115 13.91 -29.04 -22.74
N LEU C 116 14.26 -28.79 -24.00
CA LEU C 116 15.63 -28.93 -24.46
C LEU C 116 16.18 -27.56 -24.93
N ARG C 117 17.48 -27.35 -24.79
CA ARG C 117 18.07 -26.14 -25.35
C ARG C 117 19.38 -26.38 -26.11
N THR C 118 19.65 -25.51 -27.09
CA THR C 118 20.85 -25.61 -27.92
C THR C 118 22.04 -24.84 -27.34
N VAL C 119 21.84 -24.23 -26.19
CA VAL C 119 22.95 -23.65 -25.43
C VAL C 119 23.02 -24.33 -24.05
N PRO C 120 24.24 -24.47 -23.50
CA PRO C 120 24.35 -25.14 -22.20
C PRO C 120 24.12 -24.16 -21.04
N PRO C 121 23.58 -24.65 -19.92
CA PRO C 121 23.38 -23.71 -18.79
C PRO C 121 24.72 -23.21 -18.25
N TYR C 122 24.73 -22.03 -17.67
CA TYR C 122 25.95 -21.48 -17.08
C TYR C 122 26.76 -22.45 -16.21
N SER C 123 26.08 -23.38 -15.55
CA SER C 123 26.80 -24.31 -14.66
C SER C 123 27.78 -25.21 -15.40
N HIS C 124 27.52 -25.45 -16.69
CA HIS C 124 28.40 -26.29 -17.51
C HIS C 124 29.75 -25.65 -17.75
N GLN C 125 29.86 -24.37 -17.44
CA GLN C 125 31.13 -23.64 -17.48
C GLN C 125 32.17 -24.29 -16.58
N ALA C 126 31.73 -25.20 -15.70
CA ALA C 126 32.65 -25.94 -14.82
C ALA C 126 33.49 -26.98 -15.56
N LEU C 127 32.94 -27.56 -16.63
CA LEU C 127 33.67 -28.49 -17.47
C LEU C 127 34.95 -27.84 -17.97
N VAL C 128 34.86 -26.53 -18.20
CA VAL C 128 35.96 -25.70 -18.70
C VAL C 128 36.92 -25.27 -17.58
N TRP C 129 36.37 -24.88 -16.43
CA TRP C 129 37.19 -24.56 -15.27
C TRP C 129 38.04 -25.75 -14.86
N PHE C 130 37.43 -26.92 -14.89
CA PHE C 130 38.13 -28.15 -14.54
C PHE C 130 39.35 -28.35 -15.43
N GLU C 131 39.16 -28.25 -16.74
CA GLU C 131 40.27 -28.35 -17.70
C GLU C 131 41.42 -27.38 -17.43
N MET C 132 41.08 -26.18 -16.97
CA MET C 132 42.08 -25.18 -16.64
C MET C 132 42.93 -25.65 -15.48
N MET C 133 42.27 -26.21 -14.47
CA MET C 133 42.93 -26.65 -13.24
C MET C 133 43.91 -27.78 -13.52
N ARG C 134 43.62 -28.58 -14.54
CA ARG C 134 44.53 -29.62 -14.98
C ARG C 134 45.62 -29.03 -15.86
N LEU C 135 45.22 -28.19 -16.81
CA LEU C 135 46.17 -27.56 -17.72
C LEU C 135 47.21 -26.73 -16.98
N PHE C 136 46.77 -26.02 -15.94
CA PHE C 136 47.67 -25.13 -15.20
C PHE C 136 48.15 -25.71 -13.89
N ASN C 137 47.77 -26.96 -13.65
CA ASN C 137 48.01 -27.64 -12.38
C ASN C 137 47.76 -26.73 -11.20
N TRP C 138 46.57 -26.12 -11.20
CA TRP C 138 46.02 -25.50 -10.01
C TRP C 138 45.31 -26.61 -9.27
N ASN C 139 45.99 -27.19 -8.28
CA ASN C 139 45.42 -28.33 -7.58
C ASN C 139 44.59 -27.91 -6.39
N HIS C 140 44.78 -26.68 -5.93
CA HIS C 140 44.01 -26.14 -4.81
C HIS C 140 43.33 -24.81 -5.15
N VAL C 141 42.00 -24.80 -5.13
CA VAL C 141 41.21 -23.63 -5.49
C VAL C 141 40.19 -23.27 -4.43
N ILE C 142 39.73 -22.03 -4.44
CA ILE C 142 38.63 -21.59 -3.59
C ILE C 142 37.43 -21.27 -4.46
N LEU C 143 36.31 -21.95 -4.23
CA LEU C 143 35.11 -21.67 -5.01
C LEU C 143 34.27 -20.63 -4.29
N ILE C 144 33.78 -19.63 -5.02
CA ILE C 144 32.89 -18.62 -4.44
C ILE C 144 31.63 -18.50 -5.29
N VAL C 145 30.50 -18.87 -4.70
CA VAL C 145 29.24 -18.94 -5.43
C VAL C 145 28.13 -18.21 -4.68
N SER C 146 27.20 -17.65 -5.43
CA SER C 146 26.06 -17.00 -4.82
C SER C 146 25.10 -18.05 -4.33
N ASP C 147 24.55 -17.86 -3.13
CA ASP C 147 23.56 -18.78 -2.60
C ASP C 147 22.20 -18.54 -3.26
N ASP C 148 22.12 -18.91 -4.53
CA ASP C 148 20.85 -18.97 -5.24
C ASP C 148 20.91 -20.23 -6.09
N HIS C 149 19.86 -20.50 -6.85
CA HIS C 149 19.83 -21.72 -7.64
C HIS C 149 21.12 -21.84 -8.43
N GLU C 150 21.32 -20.87 -9.33
CA GLU C 150 22.44 -20.84 -10.27
C GLU C 150 23.80 -21.04 -9.62
N GLY C 151 24.05 -20.32 -8.53
CA GLY C 151 25.32 -20.41 -7.83
C GLY C 151 25.57 -21.82 -7.30
N ARG C 152 24.51 -22.45 -6.82
CA ARG C 152 24.60 -23.81 -6.31
C ARG C 152 24.69 -24.81 -7.46
N ALA C 153 24.11 -24.49 -8.61
CA ALA C 153 24.20 -25.39 -9.77
C ALA C 153 25.65 -25.56 -10.23
N ALA C 154 26.39 -24.45 -10.17
CA ALA C 154 27.79 -24.43 -10.53
C ALA C 154 28.57 -25.20 -9.49
N GLN C 155 28.26 -24.95 -8.23
CA GLN C 155 28.92 -25.65 -7.12
C GLN C 155 28.81 -27.15 -7.30
N LYS C 156 27.59 -27.64 -7.51
CA LYS C 156 27.41 -29.07 -7.72
C LYS C 156 28.23 -29.52 -8.94
N LYS C 157 28.01 -28.90 -10.11
CA LYS C 157 28.72 -29.34 -11.32
C LYS C 157 30.22 -29.49 -11.09
N LEU C 158 30.84 -28.47 -10.51
CA LEU C 158 32.26 -28.55 -10.27
C LEU C 158 32.61 -29.75 -9.38
N GLU C 159 31.98 -29.83 -8.22
CA GLU C 159 32.29 -30.89 -7.27
C GLU C 159 32.10 -32.29 -7.85
N THR C 160 30.97 -32.50 -8.51
CA THR C 160 30.76 -33.74 -9.23
C THR C 160 31.98 -34.06 -10.09
N LEU C 161 32.54 -33.05 -10.75
CA LEU C 161 33.74 -33.24 -11.56
C LEU C 161 34.96 -33.59 -10.70
N LEU C 162 35.09 -32.93 -9.54
CA LEU C 162 36.23 -33.16 -8.66
C LEU C 162 36.06 -34.39 -7.76
N GLU C 163 35.07 -35.23 -8.07
CA GLU C 163 34.82 -36.46 -7.30
C GLU C 163 34.75 -37.68 -8.22
N GLY C 187 44.28 -35.66 -7.36
CA GLY C 187 44.20 -34.58 -8.34
C GLY C 187 43.74 -33.29 -7.72
N PRO C 188 43.28 -32.33 -8.55
CA PRO C 188 42.80 -31.02 -8.09
C PRO C 188 41.55 -31.06 -7.20
N LYS C 189 41.52 -30.23 -6.16
CA LYS C 189 40.41 -30.20 -5.20
C LYS C 189 40.03 -28.78 -4.76
N ALA C 190 38.84 -28.63 -4.21
CA ALA C 190 38.34 -27.33 -3.76
C ALA C 190 38.52 -27.19 -2.26
N ASP C 191 39.57 -26.51 -1.82
CA ASP C 191 39.84 -26.35 -0.39
C ASP C 191 38.60 -25.93 0.38
N LYS C 192 38.10 -24.72 0.12
CA LYS C 192 36.84 -24.28 0.73
C LYS C 192 35.83 -23.90 -0.34
N VAL C 193 34.59 -23.66 0.09
CA VAL C 193 33.52 -23.30 -0.83
C VAL C 193 32.60 -22.29 -0.15
N LEU C 194 32.94 -21.01 -0.27
CA LEU C 194 32.19 -19.94 0.36
C LEU C 194 30.93 -19.56 -0.44
N GLN C 195 29.87 -19.19 0.25
CA GLN C 195 28.64 -18.73 -0.39
C GLN C 195 28.24 -17.40 0.20
N PHE C 196 27.45 -16.61 -0.53
CA PHE C 196 26.98 -15.33 -0.03
C PHE C 196 25.54 -15.06 -0.45
N GLU C 197 24.86 -14.19 0.30
CA GLU C 197 23.51 -13.81 -0.06
C GLU C 197 23.52 -12.92 -1.31
N PRO C 198 22.67 -13.25 -2.28
CA PRO C 198 22.45 -12.36 -3.44
C PRO C 198 22.04 -10.96 -2.99
N GLY C 199 22.64 -9.95 -3.60
CA GLY C 199 22.30 -8.57 -3.33
C GLY C 199 23.11 -7.94 -2.21
N THR C 200 24.03 -8.69 -1.63
CA THR C 200 24.87 -8.15 -0.56
C THR C 200 25.98 -7.26 -1.11
N LYS C 201 26.27 -6.16 -0.43
CA LYS C 201 27.33 -5.26 -0.89
C LYS C 201 28.52 -5.20 0.07
N ASN C 202 28.28 -5.39 1.36
CA ASN C 202 29.39 -5.56 2.29
C ASN C 202 29.86 -7.02 2.28
N LEU C 203 30.55 -7.39 1.21
CA LEU C 203 31.06 -8.75 1.06
C LEU C 203 32.47 -8.86 1.61
N THR C 204 32.78 -8.02 2.61
CA THR C 204 34.13 -7.95 3.15
C THR C 204 34.39 -9.09 4.11
N ALA C 205 33.32 -9.57 4.76
CA ALA C 205 33.42 -10.67 5.69
C ALA C 205 33.74 -11.96 4.94
N LEU C 206 32.97 -12.21 3.90
CA LEU C 206 33.15 -13.42 3.09
C LEU C 206 34.54 -13.49 2.49
N LEU C 207 35.04 -12.35 2.01
CA LEU C 207 36.33 -12.33 1.34
C LEU C 207 37.50 -12.44 2.31
N LEU C 208 37.33 -11.83 3.48
CA LEU C 208 38.33 -11.90 4.53
C LEU C 208 38.56 -13.35 4.96
N GLU C 209 37.52 -14.19 4.80
CA GLU C 209 37.68 -15.63 5.01
C GLU C 209 38.67 -16.23 4.01
N ALA C 210 38.36 -16.12 2.73
CA ALA C 210 39.21 -16.66 1.67
C ALA C 210 40.64 -16.10 1.65
N LYS C 211 40.81 -14.84 2.05
CA LYS C 211 42.15 -14.25 2.06
C LYS C 211 43.08 -15.09 2.93
N GLU C 212 42.52 -15.67 3.98
CA GLU C 212 43.29 -16.43 4.97
C GLU C 212 43.93 -17.71 4.40
N LEU C 213 43.19 -18.40 3.53
CA LEU C 213 43.59 -19.71 3.02
C LEU C 213 44.84 -19.65 2.14
N GLU C 214 45.63 -20.72 2.20
CA GLU C 214 46.90 -20.81 1.47
C GLU C 214 46.69 -20.64 -0.04
N ALA C 215 45.67 -21.30 -0.58
CA ALA C 215 45.39 -21.27 -2.02
C ALA C 215 45.16 -19.86 -2.52
N ARG C 216 45.62 -19.60 -3.74
CA ARG C 216 45.51 -18.27 -4.32
C ARG C 216 44.56 -18.22 -5.53
N VAL C 217 44.17 -19.38 -6.05
CA VAL C 217 43.24 -19.44 -7.18
C VAL C 217 41.77 -19.42 -6.74
N ILE C 218 41.00 -18.52 -7.33
CA ILE C 218 39.62 -18.27 -6.91
C ILE C 218 38.64 -18.36 -8.08
N ILE C 219 37.64 -19.21 -7.95
CA ILE C 219 36.61 -19.37 -8.96
C ILE C 219 35.29 -18.80 -8.46
N LEU C 220 34.69 -17.92 -9.25
CA LEU C 220 33.50 -17.18 -8.83
C LEU C 220 32.29 -17.46 -9.68
N SER C 221 31.13 -17.67 -9.04
CA SER C 221 29.87 -17.78 -9.77
C SER C 221 28.78 -16.84 -9.26
N ALA C 222 28.52 -15.78 -10.02
CA ALA C 222 27.54 -14.79 -9.63
C ALA C 222 27.02 -14.02 -10.82
N SER C 223 25.90 -13.32 -10.61
CA SER C 223 25.37 -12.46 -11.65
C SER C 223 26.22 -11.18 -11.75
N GLU C 224 25.99 -10.35 -12.77
CA GLU C 224 26.84 -9.16 -12.96
C GLU C 224 26.90 -8.31 -11.69
N ASP C 225 25.75 -8.10 -11.06
CA ASP C 225 25.68 -7.18 -9.92
C ASP C 225 26.41 -7.68 -8.69
N ASP C 226 26.33 -8.98 -8.44
CA ASP C 226 27.00 -9.60 -7.29
C ASP C 226 28.49 -9.85 -7.55
N ALA C 227 28.82 -10.22 -8.78
CA ALA C 227 30.21 -10.29 -9.24
C ALA C 227 30.91 -8.95 -8.99
N THR C 228 30.21 -7.86 -9.30
CA THR C 228 30.73 -6.52 -9.09
C THR C 228 31.08 -6.26 -7.63
N ALA C 229 30.15 -6.57 -6.74
CA ALA C 229 30.35 -6.37 -5.31
C ALA C 229 31.54 -7.17 -4.78
N VAL C 230 31.67 -8.41 -5.26
CA VAL C 230 32.82 -9.22 -4.92
C VAL C 230 34.10 -8.54 -5.37
N TYR C 231 34.12 -8.09 -6.63
CA TYR C 231 35.29 -7.43 -7.21
C TYR C 231 35.70 -6.19 -6.42
N LYS C 232 34.74 -5.32 -6.17
CA LYS C 232 35.00 -4.11 -5.37
C LYS C 232 35.51 -4.47 -3.98
N SER C 233 34.80 -5.33 -3.27
CA SER C 233 35.23 -5.76 -1.95
C SER C 233 36.60 -6.42 -2.02
N ALA C 234 36.75 -7.34 -2.97
CA ALA C 234 38.01 -8.07 -3.15
C ALA C 234 39.15 -7.11 -3.41
N ALA C 235 38.83 -5.97 -4.00
CA ALA C 235 39.84 -4.98 -4.36
C ALA C 235 40.41 -4.26 -3.14
N MET C 236 39.54 -3.83 -2.24
CA MET C 236 39.96 -3.15 -1.03
C MET C 236 40.93 -4.03 -0.25
N LEU C 237 40.62 -5.32 -0.18
CA LEU C 237 41.39 -6.29 0.60
C LEU C 237 42.66 -6.79 -0.10
N ASP C 238 43.07 -6.11 -1.17
CA ASP C 238 44.31 -6.43 -1.88
C ASP C 238 44.41 -7.87 -2.38
N MET C 239 43.29 -8.39 -2.86
CA MET C 239 43.25 -9.73 -3.41
C MET C 239 43.01 -9.66 -4.93
N THR C 240 43.27 -8.50 -5.51
CA THR C 240 43.06 -8.29 -6.93
C THR C 240 44.41 -8.26 -7.64
N GLY C 241 45.48 -8.38 -6.85
CA GLY C 241 46.82 -8.19 -7.35
C GLY C 241 47.62 -9.43 -7.62
N ALA C 242 48.95 -9.30 -7.57
CA ALA C 242 49.86 -10.37 -7.93
C ALA C 242 49.83 -11.53 -6.93
N GLY C 243 49.98 -12.75 -7.45
CA GLY C 243 49.92 -13.94 -6.61
C GLY C 243 48.59 -14.67 -6.72
N TYR C 244 47.52 -13.90 -6.87
CA TYR C 244 46.17 -14.45 -7.03
C TYR C 244 45.85 -14.84 -8.46
N VAL C 245 44.75 -15.56 -8.61
CA VAL C 245 44.22 -15.90 -9.92
C VAL C 245 42.71 -15.91 -9.83
N TRP C 246 42.06 -15.15 -10.71
CA TRP C 246 40.60 -15.12 -10.75
C TRP C 246 40.07 -15.83 -11.98
N LEU C 247 39.36 -16.93 -11.73
CA LEU C 247 38.76 -17.73 -12.80
C LEU C 247 37.25 -17.57 -12.66
N VAL C 248 36.56 -17.31 -13.75
CA VAL C 248 35.21 -16.80 -13.66
C VAL C 248 34.42 -17.24 -14.89
N GLY C 249 33.10 -17.03 -14.91
CA GLY C 249 32.30 -17.47 -16.04
C GLY C 249 32.06 -16.36 -17.04
N GLU C 250 30.92 -16.38 -17.71
CA GLU C 250 30.58 -15.34 -18.69
C GLU C 250 29.85 -14.15 -18.05
N ARG C 251 28.98 -14.44 -17.09
CA ARG C 251 28.21 -13.41 -16.42
C ARG C 251 29.09 -12.44 -15.67
N GLU C 252 30.14 -12.97 -15.05
CA GLU C 252 30.98 -12.22 -14.13
C GLU C 252 31.94 -11.27 -14.86
N ILE C 253 31.85 -11.24 -16.19
CA ILE C 253 32.64 -10.32 -17.01
C ILE C 253 31.72 -9.62 -18.00
N SER C 254 30.50 -9.38 -17.56
CA SER C 254 29.47 -8.72 -18.37
C SER C 254 29.04 -7.40 -17.74
N GLY C 255 28.68 -6.44 -18.59
CA GLY C 255 28.22 -5.14 -18.14
C GLY C 255 29.13 -4.45 -17.12
N SER C 256 28.60 -4.21 -15.94
CA SER C 256 29.33 -3.46 -14.91
C SER C 256 30.44 -4.32 -14.30
N ALA C 257 30.32 -5.63 -14.45
CA ALA C 257 31.29 -6.54 -13.87
C ALA C 257 32.68 -6.23 -14.38
N LEU C 258 32.76 -5.92 -15.67
CA LEU C 258 34.04 -5.74 -16.30
C LEU C 258 34.70 -4.43 -15.85
N ARG C 259 33.88 -3.43 -15.54
CA ARG C 259 34.40 -2.15 -15.08
C ARG C 259 35.25 -2.33 -13.83
N TYR C 260 34.82 -3.25 -12.96
CA TYR C 260 35.44 -3.38 -11.66
C TYR C 260 36.30 -4.62 -11.52
N ALA C 261 36.29 -5.46 -12.55
CA ALA C 261 37.05 -6.72 -12.53
C ALA C 261 38.54 -6.47 -12.36
N PRO C 262 39.22 -7.33 -11.58
CA PRO C 262 40.68 -7.25 -11.42
C PRO C 262 41.39 -7.50 -12.74
N ASP C 263 42.50 -6.81 -12.98
CA ASP C 263 43.19 -6.98 -14.25
C ASP C 263 43.82 -8.36 -14.26
N GLY C 264 43.68 -9.06 -15.39
CA GLY C 264 44.25 -10.37 -15.55
C GLY C 264 43.29 -11.48 -15.20
N ILE C 265 42.03 -11.11 -14.95
CA ILE C 265 41.00 -12.11 -14.70
C ILE C 265 40.83 -13.01 -15.93
N ILE C 266 40.32 -14.22 -15.72
CA ILE C 266 40.04 -15.12 -16.83
C ILE C 266 38.57 -15.54 -16.79
N GLY C 267 37.86 -15.31 -17.89
CA GLY C 267 36.46 -15.66 -17.97
C GLY C 267 36.15 -16.38 -19.25
N LEU C 268 34.87 -16.59 -19.52
CA LEU C 268 34.48 -17.42 -20.63
C LEU C 268 33.47 -16.70 -21.51
N GLN C 269 33.35 -17.16 -22.74
CA GLN C 269 32.28 -16.72 -23.63
C GLN C 269 31.84 -17.86 -24.51
N LEU C 270 30.56 -18.22 -24.41
CA LEU C 270 29.98 -19.28 -25.21
C LEU C 270 29.98 -18.86 -26.68
N ILE C 271 30.69 -19.60 -27.52
CA ILE C 271 30.75 -19.21 -28.93
C ILE C 271 29.39 -19.38 -29.59
N ASN C 272 28.90 -18.32 -30.22
CA ASN C 272 27.59 -18.34 -30.84
C ASN C 272 26.46 -18.33 -29.85
N GLY C 273 26.79 -18.25 -28.56
CA GLY C 273 25.78 -18.27 -27.53
C GLY C 273 24.68 -17.25 -27.75
N LYS C 274 25.02 -16.13 -28.37
CA LYS C 274 24.05 -15.07 -28.53
C LYS C 274 23.54 -14.93 -29.97
N ASN C 275 24.07 -15.74 -30.87
CA ASN C 275 23.60 -15.75 -32.25
C ASN C 275 22.24 -16.46 -32.38
N GLU C 276 21.19 -15.76 -32.00
CA GLU C 276 19.83 -16.29 -32.11
C GLU C 276 19.60 -16.85 -33.50
N SER C 277 20.15 -16.17 -34.49
CA SER C 277 19.95 -16.55 -35.88
C SER C 277 20.52 -17.94 -36.17
N ALA C 278 21.78 -18.17 -35.77
CA ALA C 278 22.40 -19.48 -35.93
C ALA C 278 21.64 -20.56 -35.14
N HIS C 279 21.34 -20.27 -33.88
CA HIS C 279 20.64 -21.22 -33.04
C HIS C 279 19.24 -21.59 -33.55
N ILE C 280 18.56 -20.66 -34.22
CA ILE C 280 17.28 -20.96 -34.89
C ILE C 280 17.53 -21.93 -36.02
N SER C 281 18.58 -21.68 -36.78
CA SER C 281 18.94 -22.53 -37.91
C SER C 281 19.12 -23.97 -37.44
N ASP C 282 19.72 -24.15 -36.27
CA ASP C 282 20.02 -25.49 -35.78
C ASP C 282 18.81 -26.16 -35.13
N ALA C 283 18.11 -25.44 -34.26
CA ALA C 283 16.96 -26.01 -33.60
C ALA C 283 15.95 -26.52 -34.63
N VAL C 284 15.72 -25.73 -35.67
CA VAL C 284 14.84 -26.17 -36.74
C VAL C 284 15.31 -27.50 -37.38
N ALA C 285 16.57 -27.54 -37.80
CA ALA C 285 17.13 -28.73 -38.44
C ALA C 285 17.00 -29.95 -37.54
N VAL C 286 17.35 -29.78 -36.26
CA VAL C 286 17.22 -30.87 -35.30
C VAL C 286 15.77 -31.30 -35.15
N VAL C 287 14.87 -30.34 -34.96
CA VAL C 287 13.46 -30.66 -34.76
C VAL C 287 12.90 -31.42 -35.98
N ALA C 288 13.17 -30.88 -37.17
CA ALA C 288 12.69 -31.49 -38.42
C ALA C 288 13.15 -32.94 -38.54
N GLN C 289 14.46 -33.16 -38.41
CA GLN C 289 15.01 -34.50 -38.37
C GLN C 289 14.24 -35.34 -37.37
N ALA C 290 14.25 -34.95 -36.11
CA ALA C 290 13.55 -35.68 -35.07
C ALA C 290 12.07 -35.92 -35.41
N ILE C 291 11.49 -34.99 -36.15
CA ILE C 291 10.10 -35.14 -36.57
C ILE C 291 9.96 -36.32 -37.51
N HIS C 292 10.83 -36.36 -38.52
CA HIS C 292 10.79 -37.44 -39.50
C HIS C 292 11.12 -38.82 -38.92
N GLU C 293 12.04 -38.87 -37.95
CA GLU C 293 12.31 -40.10 -37.25
C GLU C 293 11.07 -40.49 -36.45
N LEU C 294 10.24 -39.49 -36.13
CA LEU C 294 9.04 -39.78 -35.36
C LEU C 294 7.99 -40.46 -36.24
N PHE C 295 7.79 -39.94 -37.43
CA PHE C 295 6.74 -40.45 -38.30
C PHE C 295 7.09 -41.76 -39.00
N GLU C 296 8.28 -42.28 -38.73
CA GLU C 296 8.63 -43.63 -39.19
C GLU C 296 7.83 -44.62 -38.34
N MET C 297 7.87 -44.41 -37.03
CA MET C 297 7.09 -45.18 -36.08
C MET C 297 5.58 -45.09 -36.31
N GLU C 298 4.83 -45.80 -35.47
CA GLU C 298 3.39 -45.96 -35.65
C GLU C 298 2.62 -45.45 -34.44
N ASN C 299 1.31 -45.38 -34.57
CA ASN C 299 0.45 -44.87 -33.51
C ASN C 299 0.86 -43.45 -33.11
N ILE C 300 1.05 -42.61 -34.11
CA ILE C 300 1.45 -41.21 -33.91
C ILE C 300 0.24 -40.27 -33.95
N THR C 301 -0.18 -39.80 -32.78
CA THR C 301 -1.32 -38.89 -32.66
C THR C 301 -0.93 -37.42 -32.88
N ASP C 302 -1.93 -36.55 -32.90
CA ASP C 302 -1.72 -35.11 -33.07
C ASP C 302 -1.75 -34.34 -31.75
N PRO C 303 -0.94 -33.28 -31.67
CA PRO C 303 -1.06 -32.32 -30.57
C PRO C 303 -2.45 -31.74 -30.61
N PRO C 304 -2.98 -31.39 -29.44
CA PRO C 304 -4.31 -30.80 -29.34
C PRO C 304 -4.41 -29.51 -30.16
N ARG C 305 -5.58 -29.24 -30.72
CA ARG C 305 -5.83 -27.97 -31.40
C ARG C 305 -6.45 -27.00 -30.41
N GLY C 306 -5.65 -26.03 -29.98
CA GLY C 306 -6.09 -25.00 -29.05
C GLY C 306 -6.16 -25.49 -27.62
N CYS C 307 -6.17 -24.55 -26.68
CA CYS C 307 -6.20 -24.89 -25.25
C CYS C 307 -7.60 -25.23 -24.72
N VAL C 308 -8.62 -24.54 -25.21
CA VAL C 308 -9.96 -24.68 -24.64
C VAL C 308 -10.57 -26.09 -24.75
N GLY C 309 -11.08 -26.60 -23.63
CA GLY C 309 -11.70 -27.91 -23.62
C GLY C 309 -10.75 -29.10 -23.51
N ASN C 310 -9.48 -28.88 -23.81
CA ASN C 310 -8.47 -29.93 -23.76
C ASN C 310 -7.61 -29.89 -22.49
N THR C 311 -7.72 -30.94 -21.69
CA THR C 311 -6.97 -31.05 -20.45
C THR C 311 -6.11 -32.32 -20.40
N ASN C 312 -6.18 -33.14 -21.45
CA ASN C 312 -5.30 -34.29 -21.58
C ASN C 312 -3.98 -33.89 -22.21
N ILE C 313 -2.93 -34.65 -21.92
CA ILE C 313 -1.65 -34.37 -22.54
C ILE C 313 -1.65 -34.90 -23.96
N TRP C 314 -0.72 -34.39 -24.77
CA TRP C 314 -0.49 -34.95 -26.08
C TRP C 314 0.09 -36.34 -25.86
N LYS C 315 -0.68 -37.38 -26.18
CA LYS C 315 -0.26 -38.77 -25.92
C LYS C 315 1.08 -39.17 -26.59
N THR C 316 1.41 -38.52 -27.70
CA THR C 316 2.67 -38.76 -28.41
C THR C 316 3.81 -37.87 -27.88
N GLY C 317 3.46 -36.87 -27.07
CA GLY C 317 4.44 -36.00 -26.46
C GLY C 317 5.71 -36.69 -25.96
N PRO C 318 5.58 -37.52 -24.92
CA PRO C 318 6.73 -38.17 -24.30
C PRO C 318 7.57 -38.95 -25.30
N LEU C 319 6.93 -39.64 -26.22
CA LEU C 319 7.68 -40.36 -27.25
C LEU C 319 8.54 -39.36 -28.01
N PHE C 320 7.92 -38.28 -28.46
CA PHE C 320 8.63 -37.25 -29.19
C PHE C 320 9.78 -36.64 -28.38
N LYS C 321 9.54 -36.41 -27.09
CA LYS C 321 10.62 -35.88 -26.26
C LYS C 321 11.82 -36.81 -26.32
N ARG C 322 11.56 -38.11 -26.43
CA ARG C 322 12.62 -39.12 -26.41
C ARG C 322 13.41 -39.14 -27.69
N VAL C 323 12.71 -38.91 -28.80
CA VAL C 323 13.34 -38.90 -30.11
C VAL C 323 14.26 -37.70 -30.22
N LEU C 324 13.80 -36.58 -29.66
CA LEU C 324 14.57 -35.35 -29.62
C LEU C 324 15.78 -35.50 -28.71
N MET C 325 15.56 -36.03 -27.53
CA MET C 325 16.65 -36.14 -26.57
C MET C 325 17.83 -36.92 -27.15
N SER C 326 17.58 -37.80 -28.10
CA SER C 326 18.62 -38.68 -28.60
C SER C 326 18.95 -38.39 -30.05
N SER C 327 18.43 -37.28 -30.55
CA SER C 327 18.73 -36.80 -31.89
C SER C 327 20.14 -36.29 -31.97
N LYS C 328 20.78 -36.49 -33.12
CA LYS C 328 22.14 -35.98 -33.31
C LYS C 328 22.24 -35.22 -34.62
N TYR C 329 22.85 -34.04 -34.61
CA TYR C 329 23.05 -33.28 -35.84
C TYR C 329 24.42 -32.63 -35.85
N PRO C 330 25.40 -33.25 -36.53
CA PRO C 330 26.79 -32.80 -36.52
C PRO C 330 27.07 -31.69 -37.54
N ASP C 331 26.31 -31.67 -38.62
CA ASP C 331 26.56 -30.70 -39.68
C ASP C 331 26.01 -29.32 -39.32
N GLY C 332 26.04 -28.99 -38.04
CA GLY C 332 25.37 -27.80 -37.52
C GLY C 332 26.20 -26.52 -37.49
N VAL C 333 25.51 -25.40 -37.69
CA VAL C 333 26.10 -24.07 -37.75
C VAL C 333 26.87 -23.69 -36.47
N THR C 334 26.34 -24.11 -35.33
CA THR C 334 26.95 -23.75 -34.05
C THR C 334 27.80 -24.88 -33.47
N GLY C 335 28.06 -25.92 -34.27
CA GLY C 335 28.87 -27.04 -33.83
C GLY C 335 28.13 -28.38 -33.90
N ARG C 336 28.68 -29.40 -33.24
CA ARG C 336 28.00 -30.70 -33.18
C ARG C 336 26.86 -30.60 -32.15
N ILE C 337 25.68 -31.08 -32.50
CA ILE C 337 24.51 -30.93 -31.63
C ILE C 337 23.97 -32.24 -31.07
N GLU C 338 24.32 -32.54 -29.82
CA GLU C 338 23.73 -33.66 -29.09
C GLU C 338 23.16 -33.13 -27.77
N PHE C 339 22.35 -33.93 -27.08
CA PHE C 339 21.80 -33.51 -25.79
C PHE C 339 22.16 -34.45 -24.66
N ASN C 340 22.36 -33.89 -23.47
CA ASN C 340 22.70 -34.73 -22.33
C ASN C 340 21.44 -35.20 -21.60
N GLU C 341 21.63 -35.87 -20.46
CA GLU C 341 20.52 -36.41 -19.68
C GLU C 341 19.45 -35.36 -19.29
N ASP C 342 19.81 -34.08 -19.27
CA ASP C 342 18.89 -33.05 -18.80
C ASP C 342 18.28 -32.22 -19.92
N GLY C 343 18.49 -32.61 -21.17
CA GLY C 343 17.97 -31.85 -22.28
C GLY C 343 18.93 -30.74 -22.72
N ASP C 344 20.03 -30.59 -21.99
CA ASP C 344 21.02 -29.55 -22.25
C ASP C 344 22.05 -29.92 -23.30
N ARG C 345 22.32 -28.97 -24.18
CA ARG C 345 23.33 -29.07 -25.23
C ARG C 345 24.69 -29.61 -24.76
N LYS C 346 25.23 -30.59 -25.50
CA LYS C 346 26.60 -31.07 -25.29
C LYS C 346 27.55 -30.52 -26.34
N PHE C 347 28.84 -30.46 -26.01
CA PHE C 347 29.88 -30.11 -26.98
C PHE C 347 29.84 -28.64 -27.41
N ALA C 348 29.39 -27.76 -26.52
CA ALA C 348 29.38 -26.34 -26.80
C ALA C 348 30.80 -25.82 -26.66
N GLN C 349 31.12 -24.74 -27.37
CA GLN C 349 32.49 -24.25 -27.34
C GLN C 349 32.63 -22.88 -26.70
N TYR C 350 33.73 -22.69 -25.99
CA TYR C 350 33.94 -21.50 -25.19
C TYR C 350 35.22 -20.75 -25.56
N SER C 351 35.09 -19.42 -25.62
CA SER C 351 36.25 -18.55 -25.71
C SER C 351 36.82 -18.38 -24.32
N ILE C 352 38.13 -18.55 -24.19
CA ILE C 352 38.79 -18.25 -22.95
C ILE C 352 39.34 -16.82 -23.01
N MET C 353 38.77 -15.93 -22.18
CA MET C 353 39.08 -14.51 -22.18
C MET C 353 40.00 -14.07 -21.05
N ASN C 354 40.78 -13.04 -21.31
CA ASN C 354 41.75 -12.55 -20.35
C ASN C 354 41.77 -11.03 -20.44
N LEU C 355 41.54 -10.37 -19.30
CA LEU C 355 41.54 -8.91 -19.27
C LEU C 355 42.95 -8.39 -19.17
N GLN C 356 43.51 -7.99 -20.31
CA GLN C 356 44.83 -7.37 -20.34
C GLN C 356 44.72 -5.88 -20.63
N ASN C 357 45.22 -5.08 -19.69
CA ASN C 357 45.11 -3.63 -19.80
C ASN C 357 43.64 -3.25 -19.72
N ARG C 358 43.06 -2.89 -20.85
CA ARG C 358 41.65 -2.51 -20.88
C ARG C 358 40.90 -3.13 -22.04
N LYS C 359 41.30 -4.32 -22.45
CA LYS C 359 40.53 -5.09 -23.43
C LYS C 359 40.46 -6.57 -23.05
N LEU C 360 39.34 -7.20 -23.39
CA LEU C 360 39.25 -8.64 -23.25
C LEU C 360 39.93 -9.30 -24.45
N VAL C 361 40.74 -10.31 -24.17
CA VAL C 361 41.59 -10.89 -25.19
C VAL C 361 41.47 -12.41 -25.16
N GLN C 362 41.16 -13.00 -26.31
CA GLN C 362 40.99 -14.45 -26.40
C GLN C 362 42.29 -15.26 -26.43
N VAL C 363 42.62 -15.90 -25.31
CA VAL C 363 43.88 -16.61 -25.19
C VAL C 363 43.71 -18.09 -25.47
N GLY C 364 42.49 -18.50 -25.83
CA GLY C 364 42.28 -19.90 -26.12
C GLY C 364 40.83 -20.24 -26.39
N ILE C 365 40.60 -21.52 -26.67
CA ILE C 365 39.26 -22.04 -26.91
C ILE C 365 39.12 -23.39 -26.21
N PHE C 366 37.93 -23.66 -25.72
CA PHE C 366 37.59 -25.01 -25.27
C PHE C 366 36.77 -25.61 -26.40
N ASN C 367 37.26 -26.66 -27.06
CA ASN C 367 36.59 -27.17 -28.26
C ASN C 367 35.43 -28.12 -28.01
N GLY C 368 35.20 -28.43 -26.75
CA GLY C 368 34.12 -29.33 -26.38
C GLY C 368 34.67 -30.51 -25.59
N SER C 369 35.98 -30.70 -25.68
CA SER C 369 36.64 -31.82 -25.03
C SER C 369 37.99 -31.39 -24.48
N TYR C 370 38.69 -30.51 -25.22
CA TYR C 370 40.05 -30.13 -24.88
C TYR C 370 40.26 -28.62 -25.02
N ILE C 371 41.26 -28.12 -24.29
CA ILE C 371 41.59 -26.70 -24.34
C ILE C 371 42.67 -26.46 -25.36
N ILE C 372 42.56 -25.37 -26.10
CA ILE C 372 43.52 -25.04 -27.13
C ILE C 372 44.01 -23.59 -27.01
N GLN C 373 45.15 -23.41 -26.33
CA GLN C 373 45.76 -22.10 -26.23
C GLN C 373 46.17 -21.65 -27.63
N ASN C 374 46.10 -20.34 -27.87
CA ASN C 374 46.60 -19.80 -29.13
C ASN C 374 47.87 -18.98 -28.90
N ASP C 375 48.33 -18.25 -29.91
CA ASP C 375 49.62 -17.57 -29.84
C ASP C 375 49.70 -16.46 -28.79
N ARG C 376 48.56 -15.85 -28.49
CA ARG C 376 48.48 -14.78 -27.51
C ARG C 376 48.85 -15.29 -26.12
N LYS C 377 49.77 -14.58 -25.46
CA LYS C 377 50.25 -14.97 -24.14
C LYS C 377 49.35 -14.39 -23.06
N ILE C 378 49.09 -15.18 -22.02
CA ILE C 378 48.26 -14.75 -20.89
C ILE C 378 48.98 -13.77 -19.97
N ILE C 379 48.25 -12.80 -19.43
CA ILE C 379 48.77 -11.91 -18.39
C ILE C 379 47.94 -12.07 -17.12
N TRP C 380 48.60 -12.43 -16.02
CA TRP C 380 47.93 -12.62 -14.75
C TRP C 380 47.79 -11.32 -14.00
N PRO C 381 47.02 -11.34 -12.90
CA PRO C 381 46.96 -10.15 -12.05
C PRO C 381 48.35 -9.77 -11.55
N GLY C 382 48.66 -8.47 -11.53
CA GLY C 382 49.97 -8.00 -11.16
C GLY C 382 51.03 -8.38 -12.18
N PRO D 3 -16.46 -0.46 4.77
CA PRO D 3 -15.98 -0.58 3.39
C PRO D 3 -16.30 -1.94 2.80
N SER D 4 -16.31 -2.03 1.48
CA SER D 4 -16.62 -3.28 0.78
C SER D 4 -15.44 -3.77 -0.09
N ILE D 5 -15.10 -5.04 0.05
CA ILE D 5 -14.09 -5.66 -0.82
C ILE D 5 -14.67 -6.82 -1.63
N GLY D 6 -14.44 -6.79 -2.94
CA GLY D 6 -14.95 -7.84 -3.80
C GLY D 6 -14.19 -9.15 -3.72
N ILE D 7 -14.92 -10.25 -3.60
CA ILE D 7 -14.33 -11.58 -3.55
C ILE D 7 -15.03 -12.54 -4.52
N ALA D 8 -14.27 -13.06 -5.49
CA ALA D 8 -14.82 -13.98 -6.46
C ALA D 8 -14.65 -15.42 -5.98
N VAL D 9 -15.76 -16.12 -5.84
CA VAL D 9 -15.75 -17.55 -5.55
C VAL D 9 -16.00 -18.27 -6.86
N ILE D 10 -14.98 -18.94 -7.36
CA ILE D 10 -15.08 -19.63 -8.64
C ILE D 10 -15.34 -21.12 -8.41
N LEU D 11 -16.30 -21.67 -9.13
CA LEU D 11 -16.71 -23.07 -8.96
C LEU D 11 -16.71 -23.79 -10.30
N VAL D 12 -15.85 -24.80 -10.41
CA VAL D 12 -15.79 -25.61 -11.61
C VAL D 12 -16.67 -26.84 -11.45
N GLY D 13 -17.48 -27.10 -12.47
CA GLY D 13 -18.36 -28.28 -12.47
C GLY D 13 -19.48 -28.25 -11.45
N THR D 14 -20.00 -29.43 -11.13
CA THR D 14 -21.10 -29.59 -10.19
C THR D 14 -20.88 -28.82 -8.89
N SER D 15 -21.89 -28.07 -8.47
CA SER D 15 -21.82 -27.29 -7.24
C SER D 15 -23.19 -26.87 -6.74
N ASP D 16 -23.49 -27.17 -5.47
CA ASP D 16 -24.73 -26.74 -4.84
C ASP D 16 -24.64 -25.25 -4.47
N GLU D 17 -24.91 -24.39 -5.45
CA GLU D 17 -24.74 -22.95 -5.27
C GLU D 17 -25.73 -22.34 -4.27
N VAL D 18 -26.77 -23.09 -3.93
CA VAL D 18 -27.78 -22.60 -2.97
C VAL D 18 -27.37 -22.89 -1.53
N ALA D 19 -26.76 -24.05 -1.31
CA ALA D 19 -26.28 -24.41 0.02
C ALA D 19 -25.08 -23.56 0.42
N ILE D 20 -24.39 -23.00 -0.56
CA ILE D 20 -23.17 -22.21 -0.31
C ILE D 20 -23.43 -20.83 0.29
N LYS D 21 -24.34 -20.06 -0.29
CA LYS D 21 -24.66 -18.74 0.25
C LYS D 21 -25.22 -18.82 1.68
N PHE D 29 -20.98 -13.22 10.43
CA PHE D 29 -20.96 -12.02 9.60
C PHE D 29 -19.84 -11.03 9.94
N HIS D 30 -19.98 -9.79 9.51
CA HIS D 30 -18.91 -8.81 9.62
C HIS D 30 -19.00 -7.86 10.81
N HIS D 31 -18.19 -8.16 11.84
CA HIS D 31 -17.92 -7.23 12.91
C HIS D 31 -16.65 -6.49 12.52
N LEU D 32 -15.93 -7.07 11.57
CA LEU D 32 -14.63 -6.56 11.13
C LEU D 32 -14.68 -5.21 10.41
N SER D 33 -13.53 -4.71 9.96
CA SER D 33 -13.41 -3.36 9.41
C SER D 33 -13.73 -3.26 7.92
N VAL D 34 -14.09 -4.39 7.32
CA VAL D 34 -14.45 -4.40 5.89
C VAL D 34 -15.50 -5.49 5.65
N VAL D 35 -16.27 -5.33 4.59
CA VAL D 35 -17.37 -6.24 4.31
C VAL D 35 -17.22 -6.91 2.94
N PRO D 36 -17.33 -8.25 2.91
CA PRO D 36 -17.23 -9.02 1.66
C PRO D 36 -18.44 -8.83 0.76
N ARG D 37 -18.21 -8.37 -0.47
CA ARG D 37 -19.23 -8.36 -1.50
C ARG D 37 -18.97 -9.57 -2.41
N VAL D 38 -19.44 -10.74 -1.97
CA VAL D 38 -19.16 -12.01 -2.65
C VAL D 38 -19.95 -12.18 -3.94
N GLU D 39 -19.31 -12.73 -4.97
CA GLU D 39 -19.97 -13.07 -6.21
C GLU D 39 -19.61 -14.51 -6.63
N LEU D 40 -20.61 -15.40 -6.68
CA LEU D 40 -20.40 -16.79 -7.07
C LEU D 40 -20.33 -16.96 -8.57
N VAL D 41 -19.18 -17.42 -9.05
CA VAL D 41 -18.89 -17.52 -10.48
C VAL D 41 -18.70 -18.97 -10.86
N ALA D 42 -19.29 -19.38 -11.98
CA ALA D 42 -19.15 -20.75 -12.46
C ALA D 42 -18.24 -20.83 -13.68
N MET D 43 -17.38 -21.83 -13.72
CA MET D 43 -16.47 -22.00 -14.84
C MET D 43 -16.58 -23.40 -15.41
N ASN D 44 -16.65 -23.50 -16.72
CA ASN D 44 -16.86 -24.80 -17.35
C ASN D 44 -15.57 -25.59 -17.60
N GLU D 45 -14.59 -24.98 -18.25
CA GLU D 45 -13.39 -25.72 -18.62
C GLU D 45 -12.22 -25.42 -17.67
N THR D 46 -11.20 -26.28 -17.68
CA THR D 46 -10.06 -26.08 -16.79
C THR D 46 -8.67 -26.12 -17.44
N ASP D 47 -8.58 -25.72 -18.70
CA ASP D 47 -7.28 -25.56 -19.36
C ASP D 47 -6.66 -24.22 -18.96
N PRO D 48 -5.35 -24.02 -19.24
CA PRO D 48 -4.70 -22.78 -18.84
C PRO D 48 -5.41 -21.53 -19.37
N LYS D 49 -5.78 -21.55 -20.65
CA LYS D 49 -6.41 -20.39 -21.25
C LYS D 49 -7.73 -20.08 -20.55
N SER D 50 -8.55 -21.10 -20.38
CA SER D 50 -9.84 -20.91 -19.74
C SER D 50 -9.67 -20.27 -18.36
N ILE D 51 -8.81 -20.85 -17.54
CA ILE D 51 -8.64 -20.36 -16.17
C ILE D 51 -8.03 -18.96 -16.15
N ILE D 52 -7.08 -18.69 -17.04
CA ILE D 52 -6.46 -17.39 -17.08
C ILE D 52 -7.44 -16.37 -17.63
N THR D 53 -8.14 -16.74 -18.70
CA THR D 53 -9.09 -15.86 -19.35
C THR D 53 -10.22 -15.45 -18.42
N ARG D 54 -10.72 -16.39 -17.64
CA ARG D 54 -11.85 -16.14 -16.76
C ARG D 54 -11.49 -15.23 -15.58
N ILE D 55 -10.32 -15.50 -14.99
CA ILE D 55 -9.86 -14.72 -13.85
C ILE D 55 -9.45 -13.31 -14.25
N CYS D 56 -8.77 -13.17 -15.38
CA CYS D 56 -8.38 -11.83 -15.80
C CYS D 56 -9.58 -10.92 -16.09
N ASP D 57 -10.58 -11.46 -16.77
CA ASP D 57 -11.78 -10.69 -17.10
C ASP D 57 -12.62 -10.34 -15.89
N LEU D 58 -12.74 -11.27 -14.95
CA LEU D 58 -13.47 -10.97 -13.72
C LEU D 58 -12.75 -9.84 -12.98
N MET D 59 -11.47 -9.63 -13.32
CA MET D 59 -10.67 -8.59 -12.70
C MET D 59 -10.79 -7.27 -13.44
N SER D 60 -10.91 -7.33 -14.76
CA SER D 60 -11.19 -6.13 -15.54
C SER D 60 -12.70 -5.85 -15.54
N ASP D 61 -13.35 -6.21 -14.43
CA ASP D 61 -14.72 -5.82 -14.14
C ASP D 61 -14.75 -5.32 -12.70
N ARG D 62 -15.45 -6.02 -11.82
CA ARG D 62 -15.42 -5.69 -10.39
C ARG D 62 -13.97 -5.65 -9.89
N LYS D 63 -13.71 -4.91 -8.82
CA LYS D 63 -12.38 -4.91 -8.23
C LYS D 63 -12.27 -6.09 -7.29
N ILE D 64 -11.42 -7.06 -7.65
CA ILE D 64 -11.31 -8.29 -6.89
C ILE D 64 -10.11 -8.27 -5.95
N GLN D 65 -10.35 -8.28 -4.65
CA GLN D 65 -9.27 -8.32 -3.67
C GLN D 65 -8.80 -9.75 -3.38
N GLY D 66 -9.57 -10.73 -3.85
CA GLY D 66 -9.20 -12.12 -3.67
C GLY D 66 -10.06 -13.10 -4.45
N VAL D 67 -9.56 -14.32 -4.57
CA VAL D 67 -10.30 -15.38 -5.26
C VAL D 67 -10.42 -16.63 -4.38
N VAL D 68 -11.61 -17.19 -4.35
CA VAL D 68 -11.77 -18.49 -3.71
C VAL D 68 -12.14 -19.50 -4.77
N PHE D 69 -11.34 -20.56 -4.87
CA PHE D 69 -11.37 -21.44 -6.02
C PHE D 69 -11.60 -22.90 -5.63
N ALA D 70 -12.64 -23.49 -6.23
CA ALA D 70 -13.00 -24.89 -6.02
C ALA D 70 -13.36 -25.58 -7.33
N ASP D 71 -12.77 -26.74 -7.57
CA ASP D 71 -13.14 -27.59 -8.70
C ASP D 71 -13.46 -29.01 -8.20
N ASP D 72 -14.03 -29.84 -9.06
CA ASP D 72 -14.28 -31.24 -8.71
C ASP D 72 -13.18 -32.17 -9.21
N THR D 73 -12.63 -31.83 -10.37
CA THR D 73 -11.57 -32.58 -11.05
C THR D 73 -10.31 -32.96 -10.26
N ASP D 74 -9.70 -34.08 -10.64
CA ASP D 74 -8.40 -34.48 -10.12
C ASP D 74 -7.14 -33.87 -10.73
N GLN D 75 -7.28 -32.75 -11.44
CA GLN D 75 -6.16 -32.18 -12.21
C GLN D 75 -5.26 -31.27 -11.40
N GLU D 76 -4.21 -31.84 -10.81
CA GLU D 76 -3.31 -31.11 -9.95
C GLU D 76 -2.65 -29.91 -10.64
N ALA D 77 -2.78 -29.83 -11.96
CA ALA D 77 -2.26 -28.68 -12.72
C ALA D 77 -2.95 -27.37 -12.36
N ILE D 78 -4.25 -27.44 -12.07
CA ILE D 78 -5.02 -26.26 -11.68
C ILE D 78 -4.28 -25.49 -10.60
N ALA D 79 -3.75 -26.19 -9.60
CA ALA D 79 -2.98 -25.52 -8.57
C ALA D 79 -1.85 -24.71 -9.19
N GLN D 80 -1.18 -25.29 -10.19
CA GLN D 80 -0.01 -24.67 -10.75
C GLN D 80 -0.40 -23.46 -11.58
N ILE D 81 -1.52 -23.56 -12.27
CA ILE D 81 -2.04 -22.46 -13.05
C ILE D 81 -2.45 -21.31 -12.13
N LEU D 82 -3.00 -21.63 -10.96
CA LEU D 82 -3.41 -20.58 -10.03
C LEU D 82 -2.22 -19.87 -9.37
N ASP D 83 -1.15 -20.62 -9.11
CA ASP D 83 0.03 -20.04 -8.50
C ASP D 83 0.62 -19.01 -9.44
N PHE D 84 0.65 -19.36 -10.72
CA PHE D 84 1.17 -18.51 -11.78
C PHE D 84 0.31 -17.24 -11.91
N ILE D 85 -1.01 -17.42 -11.99
CA ILE D 85 -1.91 -16.31 -12.08
C ILE D 85 -1.76 -15.44 -10.83
N SER D 86 -1.66 -16.07 -9.66
CA SER D 86 -1.53 -15.31 -8.42
C SER D 86 -0.25 -14.48 -8.41
N ALA D 87 0.87 -15.09 -8.75
CA ALA D 87 2.15 -14.39 -8.74
C ALA D 87 2.22 -13.25 -9.77
N GLN D 88 1.59 -13.43 -10.92
CA GLN D 88 1.64 -12.44 -11.98
C GLN D 88 0.81 -11.18 -11.70
N THR D 89 -0.30 -11.34 -10.99
CA THR D 89 -1.26 -10.26 -10.75
C THR D 89 -1.33 -9.83 -9.27
N LEU D 90 -0.48 -10.43 -8.44
CA LEU D 90 -0.46 -10.14 -7.01
C LEU D 90 -1.84 -10.11 -6.35
N THR D 91 -2.67 -11.07 -6.78
CA THR D 91 -4.00 -11.29 -6.22
C THR D 91 -4.00 -12.56 -5.35
N PRO D 92 -4.48 -12.46 -4.11
CA PRO D 92 -4.53 -13.65 -3.27
C PRO D 92 -5.47 -14.67 -3.89
N ILE D 93 -5.07 -15.93 -3.88
CA ILE D 93 -5.94 -17.01 -4.35
C ILE D 93 -5.95 -18.18 -3.38
N LEU D 94 -7.14 -18.64 -2.99
CA LEU D 94 -7.24 -19.80 -2.11
C LEU D 94 -7.72 -21.02 -2.86
N GLY D 95 -6.89 -22.06 -2.92
CA GLY D 95 -7.26 -23.31 -3.53
C GLY D 95 -7.81 -24.22 -2.44
N ILE D 96 -9.13 -24.41 -2.44
CA ILE D 96 -9.81 -25.06 -1.33
C ILE D 96 -10.36 -26.47 -1.59
N HIS D 97 -10.41 -26.91 -2.84
CA HIS D 97 -11.11 -28.14 -3.18
C HIS D 97 -10.84 -28.64 -4.60
N GLY D 98 -10.54 -29.94 -4.74
CA GLY D 98 -10.27 -30.56 -6.04
C GLY D 98 -8.82 -30.41 -6.44
N GLY D 99 -8.57 -30.23 -7.73
CA GLY D 99 -7.23 -30.05 -8.26
C GLY D 99 -6.49 -28.83 -7.71
N SER D 100 -7.24 -27.81 -7.32
CA SER D 100 -6.64 -26.57 -6.85
C SER D 100 -6.06 -26.72 -5.46
N SER D 101 -6.47 -27.78 -4.75
CA SER D 101 -6.01 -28.01 -3.39
C SER D 101 -4.92 -29.08 -3.31
N MET D 102 -4.67 -29.76 -4.43
CA MET D 102 -3.53 -30.67 -4.51
C MET D 102 -2.21 -29.93 -4.32
N ILE D 103 -1.56 -30.19 -3.19
CA ILE D 103 -0.39 -29.44 -2.75
C ILE D 103 0.57 -29.06 -3.88
N MET D 104 0.88 -27.78 -3.98
CA MET D 104 1.91 -27.35 -4.90
C MET D 104 3.21 -27.12 -4.14
N ALA D 105 4.24 -27.87 -4.50
CA ALA D 105 5.58 -27.64 -3.97
C ALA D 105 6.26 -26.46 -4.69
N ASP D 106 7.07 -25.73 -3.94
CA ASP D 106 7.86 -24.63 -4.49
C ASP D 106 7.01 -23.59 -5.25
N LYS D 107 6.05 -22.98 -4.55
CA LYS D 107 5.26 -21.89 -5.12
C LYS D 107 6.19 -20.71 -5.33
N ASP D 108 5.82 -19.86 -6.29
CA ASP D 108 6.59 -18.67 -6.64
C ASP D 108 6.80 -17.77 -5.42
N GLU D 109 7.91 -17.04 -5.41
CA GLU D 109 8.22 -16.11 -4.33
C GLU D 109 7.18 -14.99 -4.16
N SER D 110 6.62 -14.52 -5.28
CA SER D 110 5.66 -13.43 -5.28
C SER D 110 4.24 -13.96 -5.15
N SER D 111 4.13 -15.28 -5.07
CA SER D 111 2.87 -15.98 -4.98
C SER D 111 2.03 -15.54 -3.78
N MET D 112 0.72 -15.40 -4.00
CA MET D 112 -0.21 -15.17 -2.92
C MET D 112 -1.24 -16.29 -2.93
N PHE D 113 -0.78 -17.47 -3.32
CA PHE D 113 -1.60 -18.66 -3.48
C PHE D 113 -1.49 -19.57 -2.25
N PHE D 114 -2.64 -19.92 -1.67
CA PHE D 114 -2.69 -20.80 -0.49
C PHE D 114 -3.67 -21.92 -0.71
N GLN D 115 -3.37 -23.12 -0.19
CA GLN D 115 -4.27 -24.25 -0.37
C GLN D 115 -4.71 -24.91 0.93
N PHE D 116 -5.96 -25.38 0.95
CA PHE D 116 -6.46 -26.23 2.02
C PHE D 116 -5.86 -27.64 1.87
N GLY D 117 -5.13 -28.09 2.87
CA GLY D 117 -4.52 -29.40 2.76
C GLY D 117 -3.21 -29.43 3.51
N PRO D 118 -2.73 -30.64 3.81
CA PRO D 118 -1.50 -30.84 4.59
C PRO D 118 -0.27 -30.71 3.69
N SER D 119 0.86 -30.26 4.22
CA SER D 119 2.06 -30.18 3.41
C SER D 119 2.57 -31.57 3.07
N ILE D 120 3.32 -31.65 1.98
CA ILE D 120 4.00 -32.88 1.63
C ILE D 120 4.72 -33.44 2.85
N GLU D 121 5.25 -32.53 3.67
CA GLU D 121 6.12 -32.93 4.76
C GLU D 121 5.32 -33.56 5.90
N GLN D 122 4.11 -33.04 6.11
CA GLN D 122 3.21 -33.58 7.12
C GLN D 122 2.61 -34.93 6.69
N GLN D 123 2.32 -35.06 5.41
CA GLN D 123 1.80 -36.30 4.87
C GLN D 123 2.82 -37.43 4.99
N ALA D 124 4.10 -37.11 4.85
CA ALA D 124 5.17 -38.08 5.03
C ALA D 124 5.32 -38.41 6.51
N SER D 125 5.06 -37.42 7.35
CA SER D 125 5.16 -37.58 8.79
C SER D 125 4.05 -38.54 9.26
N VAL D 126 2.90 -38.45 8.61
CA VAL D 126 1.77 -39.28 8.95
C VAL D 126 2.05 -40.72 8.53
N MET D 127 2.46 -40.91 7.29
CA MET D 127 2.77 -42.23 6.78
C MET D 127 3.73 -43.01 7.67
N LEU D 128 4.77 -42.37 8.18
CA LEU D 128 5.68 -43.04 9.11
C LEU D 128 4.99 -43.37 10.44
N ASN D 129 3.91 -42.65 10.74
CA ASN D 129 3.15 -42.90 11.95
C ASN D 129 2.28 -44.14 11.82
N ILE D 130 1.58 -44.23 10.69
CA ILE D 130 0.86 -45.43 10.30
C ILE D 130 1.80 -46.63 10.32
N MET D 131 3.02 -46.41 9.89
CA MET D 131 4.02 -47.46 9.84
C MET D 131 4.43 -47.91 11.24
N GLU D 132 4.67 -46.96 12.12
CA GLU D 132 5.13 -47.30 13.47
C GLU D 132 4.02 -48.03 14.22
N GLU D 133 2.79 -47.65 13.91
CA GLU D 133 1.61 -48.19 14.56
C GLU D 133 1.53 -49.71 14.41
N TYR D 134 1.76 -50.18 13.18
CA TYR D 134 1.67 -51.61 12.90
C TYR D 134 3.05 -52.23 12.67
N ASP D 135 4.09 -51.59 13.20
CA ASP D 135 5.46 -52.12 13.16
C ASP D 135 5.98 -52.45 11.75
N TRP D 136 5.66 -51.59 10.79
CA TRP D 136 6.17 -51.71 9.43
C TRP D 136 7.46 -50.92 9.27
N TYR D 137 8.57 -51.48 9.71
CA TYR D 137 9.82 -50.73 9.77
C TYR D 137 10.66 -50.85 8.53
N ILE D 138 10.23 -51.69 7.59
CA ILE D 138 11.06 -51.98 6.42
C ILE D 138 10.35 -51.67 5.11
N PHE D 139 10.95 -50.79 4.30
CA PHE D 139 10.25 -50.24 3.15
C PHE D 139 11.10 -49.67 2.00
N SER D 140 10.39 -49.28 0.95
CA SER D 140 10.98 -48.62 -0.21
C SER D 140 10.20 -47.34 -0.52
N ILE D 141 10.79 -46.44 -1.31
CA ILE D 141 10.07 -45.26 -1.76
C ILE D 141 10.00 -45.30 -3.28
N VAL D 142 8.93 -44.77 -3.86
CA VAL D 142 8.91 -44.60 -5.30
C VAL D 142 8.26 -43.28 -5.69
N THR D 143 9.04 -42.37 -6.27
CA THR D 143 8.52 -41.10 -6.71
C THR D 143 8.71 -40.95 -8.21
N THR D 144 7.94 -40.06 -8.82
CA THR D 144 8.27 -39.54 -10.13
C THR D 144 8.95 -38.21 -9.86
N TYR D 145 9.08 -37.38 -10.88
CA TYR D 145 9.74 -36.08 -10.72
C TYR D 145 8.76 -35.00 -10.34
N PHE D 146 7.51 -35.37 -10.13
CA PHE D 146 6.51 -34.41 -9.70
C PHE D 146 6.98 -33.58 -8.50
N PRO D 147 6.90 -32.25 -8.61
CA PRO D 147 7.46 -31.34 -7.62
C PRO D 147 7.08 -31.74 -6.22
N GLY D 148 8.08 -31.77 -5.34
CA GLY D 148 7.84 -32.16 -3.97
C GLY D 148 8.42 -33.53 -3.73
N TYR D 149 8.78 -34.25 -4.79
CA TYR D 149 9.36 -35.56 -4.60
C TYR D 149 10.56 -35.46 -3.69
N GLN D 150 11.35 -34.41 -3.83
CA GLN D 150 12.50 -34.23 -2.95
C GLN D 150 12.09 -33.83 -1.54
N ASP D 151 11.08 -32.99 -1.44
CA ASP D 151 10.51 -32.68 -0.12
C ASP D 151 10.09 -33.97 0.59
N PHE D 152 9.44 -34.88 -0.14
CA PHE D 152 8.98 -36.14 0.38
C PHE D 152 10.12 -37.02 0.88
N VAL D 153 11.04 -37.35 0.00
CA VAL D 153 12.15 -38.24 0.35
C VAL D 153 12.99 -37.72 1.52
N ASN D 154 13.38 -36.44 1.47
CA ASN D 154 14.19 -35.85 2.53
C ASN D 154 13.53 -35.87 3.92
N LYS D 155 12.21 -35.70 3.97
CA LYS D 155 11.49 -35.75 5.25
C LYS D 155 11.51 -37.16 5.82
N ILE D 156 11.34 -38.15 4.94
CA ILE D 156 11.45 -39.55 5.33
C ILE D 156 12.88 -39.79 5.80
N ARG D 157 13.86 -39.39 4.99
CA ARG D 157 15.27 -39.67 5.30
C ARG D 157 15.77 -39.01 6.58
N SER D 158 15.30 -37.80 6.86
CA SER D 158 15.76 -37.08 8.05
C SER D 158 15.07 -37.57 9.31
N THR D 159 13.93 -38.23 9.13
CA THR D 159 13.14 -38.75 10.25
C THR D 159 13.70 -40.07 10.74
N ILE D 160 13.98 -40.96 9.81
CA ILE D 160 14.69 -42.19 10.10
C ILE D 160 16.00 -41.96 10.86
N GLU D 161 16.81 -41.01 10.40
CA GLU D 161 18.14 -40.80 10.98
C GLU D 161 18.05 -40.37 12.43
N ASN D 162 16.99 -39.63 12.75
CA ASN D 162 16.71 -39.25 14.13
C ASN D 162 16.36 -40.47 15.00
N SER D 163 15.83 -41.51 14.36
CA SER D 163 15.10 -42.57 15.06
C SER D 163 15.94 -43.75 15.56
N PHE D 164 15.51 -44.28 16.71
CA PHE D 164 16.08 -45.48 17.27
C PHE D 164 15.15 -46.63 16.95
N VAL D 165 14.08 -46.34 16.20
CA VAL D 165 13.07 -47.35 15.86
C VAL D 165 13.62 -48.43 14.92
N GLY D 166 14.77 -48.17 14.33
CA GLY D 166 15.41 -49.16 13.48
C GLY D 166 14.64 -49.39 12.18
N TRP D 167 14.41 -48.29 11.46
CA TRP D 167 13.81 -48.35 10.14
C TRP D 167 14.86 -48.86 9.16
N GLU D 168 14.42 -49.41 8.03
CA GLU D 168 15.35 -49.79 6.99
C GLU D 168 14.79 -49.44 5.62
N LEU D 169 15.34 -48.39 5.02
CA LEU D 169 14.96 -47.98 3.67
C LEU D 169 15.74 -48.78 2.63
N GLU D 170 15.04 -49.65 1.90
CA GLU D 170 15.72 -50.57 1.00
C GLU D 170 16.10 -49.93 -0.32
N GLU D 171 15.09 -49.52 -1.09
CA GLU D 171 15.31 -48.84 -2.36
C GLU D 171 14.55 -47.52 -2.38
N VAL D 172 15.10 -46.54 -3.11
CA VAL D 172 14.40 -45.32 -3.43
C VAL D 172 14.46 -45.19 -4.94
N LEU D 173 13.31 -45.27 -5.61
CA LEU D 173 13.32 -45.16 -7.06
C LEU D 173 12.80 -43.80 -7.54
N LEU D 174 13.39 -43.32 -8.63
CA LEU D 174 12.98 -42.08 -9.25
C LEU D 174 12.57 -42.44 -10.66
N LEU D 175 11.30 -42.26 -10.97
CA LEU D 175 10.75 -42.66 -12.27
C LEU D 175 10.55 -41.47 -13.19
N ASP D 176 11.25 -41.45 -14.31
CA ASP D 176 11.09 -40.34 -15.27
C ASP D 176 9.85 -40.59 -16.14
N MET D 177 8.75 -39.98 -15.75
CA MET D 177 7.49 -40.15 -16.46
C MET D 177 7.34 -39.15 -17.58
N SER D 178 8.44 -38.48 -17.95
CA SER D 178 8.35 -37.47 -19.01
C SER D 178 8.74 -38.05 -20.38
N LEU D 179 9.16 -39.32 -20.38
CA LEU D 179 9.45 -40.07 -21.62
C LEU D 179 8.40 -41.19 -21.80
N ASP D 180 8.34 -41.77 -23.00
CA ASP D 180 7.44 -42.89 -23.22
C ASP D 180 8.05 -44.14 -22.61
N ASP D 181 7.28 -45.22 -22.59
CA ASP D 181 7.77 -46.50 -22.07
C ASP D 181 7.83 -47.57 -23.16
N GLY D 182 8.72 -47.37 -24.13
CA GLY D 182 8.92 -48.35 -25.17
C GLY D 182 9.97 -49.37 -24.77
N ASP D 183 11.00 -48.87 -24.09
CA ASP D 183 12.08 -49.70 -23.56
C ASP D 183 11.65 -50.50 -22.34
N SER D 184 10.42 -50.28 -21.88
CA SER D 184 9.94 -50.83 -20.62
C SER D 184 10.92 -50.54 -19.48
N LYS D 185 11.48 -49.33 -19.47
CA LYS D 185 12.41 -48.88 -18.42
C LYS D 185 11.79 -48.95 -17.02
N ILE D 186 10.52 -48.55 -16.92
CA ILE D 186 9.87 -48.47 -15.62
C ILE D 186 9.62 -49.86 -15.05
N GLN D 187 9.15 -50.77 -15.90
CA GLN D 187 9.01 -52.17 -15.54
C GLN D 187 10.26 -52.70 -14.86
N ASN D 188 11.42 -52.32 -15.39
CA ASN D 188 12.67 -52.79 -14.86
C ASN D 188 13.06 -52.14 -13.54
N GLN D 189 12.70 -50.88 -13.36
CA GLN D 189 13.03 -50.20 -12.12
C GLN D 189 12.22 -50.81 -10.98
N LEU D 190 10.95 -51.06 -11.25
CA LEU D 190 10.04 -51.68 -10.29
C LEU D 190 10.49 -53.09 -9.87
N LYS D 191 11.01 -53.87 -10.82
CA LYS D 191 11.45 -55.25 -10.55
C LYS D 191 12.54 -55.29 -9.48
N LYS D 192 13.05 -54.12 -9.12
CA LYS D 192 14.13 -54.02 -8.14
C LYS D 192 13.60 -54.02 -6.69
N LEU D 193 12.29 -53.85 -6.52
CA LEU D 193 11.70 -53.72 -5.20
C LEU D 193 11.48 -55.05 -4.46
N GLN D 194 12.02 -55.14 -3.25
CA GLN D 194 11.79 -56.27 -2.36
C GLN D 194 10.85 -56.08 -1.17
N SER D 195 10.99 -54.93 -0.53
CA SER D 195 10.23 -54.52 0.67
C SER D 195 8.73 -54.74 0.63
N PRO D 196 8.14 -55.00 1.81
CA PRO D 196 6.71 -55.24 1.93
C PRO D 196 5.88 -53.96 1.93
N ILE D 197 6.49 -52.84 2.31
CA ILE D 197 5.82 -51.55 2.25
C ILE D 197 6.45 -50.63 1.23
N ILE D 198 5.66 -50.10 0.33
CA ILE D 198 6.16 -49.15 -0.65
C ILE D 198 5.42 -47.80 -0.57
N LEU D 199 6.15 -46.73 -0.25
CA LEU D 199 5.60 -45.38 -0.25
C LEU D 199 5.75 -44.74 -1.62
N LEU D 200 4.62 -44.40 -2.24
CA LEU D 200 4.61 -43.87 -3.59
C LEU D 200 4.19 -42.41 -3.63
N TYR D 201 5.02 -41.56 -4.24
CA TYR D 201 4.71 -40.13 -4.43
C TYR D 201 4.76 -39.71 -5.91
N CYS D 202 3.60 -39.32 -6.43
CA CYS D 202 3.44 -39.05 -7.86
C CYS D 202 2.03 -38.52 -8.02
N THR D 203 1.60 -38.27 -9.25
CA THR D 203 0.25 -37.74 -9.42
C THR D 203 -0.70 -38.90 -9.57
N LYS D 204 -1.99 -38.60 -9.50
CA LYS D 204 -3.01 -39.62 -9.69
C LYS D 204 -2.87 -40.30 -11.06
N GLU D 205 -2.86 -39.52 -12.13
CA GLU D 205 -2.76 -40.12 -13.45
C GLU D 205 -1.45 -40.89 -13.59
N GLU D 206 -0.38 -40.40 -12.98
CA GLU D 206 0.89 -41.15 -12.98
C GLU D 206 0.76 -42.48 -12.20
N ALA D 207 0.14 -42.43 -11.03
CA ALA D 207 -0.02 -43.61 -10.21
C ALA D 207 -0.78 -44.70 -10.97
N THR D 208 -1.83 -44.33 -11.68
CA THR D 208 -2.55 -45.36 -12.40
C THR D 208 -1.61 -46.11 -13.34
N TYR D 209 -0.67 -45.39 -13.98
CA TYR D 209 0.28 -46.08 -14.85
C TYR D 209 1.20 -46.97 -14.03
N ILE D 210 1.87 -46.40 -13.03
CA ILE D 210 2.77 -47.16 -12.19
C ILE D 210 2.13 -48.45 -11.66
N PHE D 211 0.89 -48.35 -11.20
CA PHE D 211 0.21 -49.52 -10.63
C PHE D 211 0.02 -50.62 -11.66
N GLU D 212 -0.50 -50.27 -12.83
CA GLU D 212 -0.61 -51.22 -13.92
C GLU D 212 0.70 -51.98 -14.15
N VAL D 213 1.82 -51.26 -14.20
CA VAL D 213 3.11 -51.89 -14.43
C VAL D 213 3.48 -52.76 -13.25
N ALA D 214 3.06 -52.35 -12.06
CA ALA D 214 3.32 -53.12 -10.85
C ALA D 214 2.45 -54.39 -10.73
N ASN D 215 1.22 -54.33 -11.22
CA ASN D 215 0.32 -55.47 -11.24
C ASN D 215 0.86 -56.52 -12.20
N SER D 216 1.64 -56.06 -13.18
CA SER D 216 2.25 -56.93 -14.19
C SER D 216 3.51 -57.64 -13.68
N VAL D 217 4.13 -57.04 -12.68
CA VAL D 217 5.38 -57.56 -12.14
C VAL D 217 5.11 -58.19 -10.77
N GLY D 218 3.82 -58.32 -10.45
CA GLY D 218 3.35 -58.99 -9.25
C GLY D 218 3.67 -58.32 -7.95
N LEU D 219 3.40 -57.01 -7.86
CA LEU D 219 3.75 -56.27 -6.66
C LEU D 219 2.55 -55.66 -5.96
N THR D 220 1.34 -56.10 -6.31
CA THR D 220 0.17 -55.41 -5.79
C THR D 220 -0.75 -56.24 -4.87
N GLY D 221 -0.50 -57.55 -4.80
CA GLY D 221 -1.30 -58.42 -3.98
C GLY D 221 -1.02 -58.38 -2.49
N TYR D 222 -1.39 -59.47 -1.79
CA TYR D 222 -1.07 -59.63 -0.38
C TYR D 222 0.44 -59.52 -0.26
N GLY D 223 0.92 -59.00 0.87
CA GLY D 223 2.36 -58.96 1.09
C GLY D 223 3.09 -57.78 0.46
N TYR D 224 2.38 -57.00 -0.34
CA TYR D 224 2.88 -55.69 -0.77
C TYR D 224 1.83 -54.65 -0.48
N THR D 225 2.17 -53.71 0.39
CA THR D 225 1.26 -52.62 0.72
C THR D 225 1.81 -51.28 0.26
N TRP D 226 0.99 -50.56 -0.52
CA TRP D 226 1.34 -49.26 -1.02
C TRP D 226 0.69 -48.16 -0.21
N ILE D 227 1.48 -47.17 0.16
CA ILE D 227 0.97 -45.98 0.84
C ILE D 227 1.21 -44.74 -0.01
N VAL D 228 0.17 -43.94 -0.12
CA VAL D 228 0.05 -42.95 -1.17
C VAL D 228 -0.48 -41.63 -0.58
N PRO D 229 0.08 -40.50 -1.03
CA PRO D 229 -0.39 -39.21 -0.49
C PRO D 229 -1.76 -38.80 -1.04
N SER D 230 -2.29 -37.73 -0.45
CA SER D 230 -3.61 -37.20 -0.78
C SER D 230 -3.90 -37.07 -2.28
N LEU D 231 -2.97 -36.53 -3.05
CA LEU D 231 -3.23 -36.20 -4.45
C LEU D 231 -3.32 -37.44 -5.34
N VAL D 232 -2.89 -38.58 -4.83
CA VAL D 232 -3.05 -39.83 -5.57
C VAL D 232 -4.47 -40.30 -5.42
N ALA D 233 -4.93 -40.37 -4.17
CA ALA D 233 -6.32 -40.74 -3.93
C ALA D 233 -7.24 -39.78 -4.66
N GLY D 234 -6.95 -38.48 -4.53
CA GLY D 234 -7.72 -37.44 -5.19
C GLY D 234 -9.17 -37.46 -4.76
N ASP D 235 -10.08 -37.40 -5.73
CA ASP D 235 -11.51 -37.60 -5.50
C ASP D 235 -11.75 -39.08 -5.23
N THR D 236 -12.37 -39.38 -4.10
CA THR D 236 -12.56 -40.76 -3.69
C THR D 236 -13.74 -41.46 -4.42
N ASP D 237 -14.64 -40.66 -4.99
CA ASP D 237 -15.73 -41.19 -5.80
C ASP D 237 -15.26 -41.47 -7.23
N THR D 238 -13.95 -41.41 -7.44
CA THR D 238 -13.37 -41.75 -8.74
C THR D 238 -12.19 -42.67 -8.53
N VAL D 239 -12.41 -43.96 -8.65
CA VAL D 239 -11.37 -44.92 -8.34
C VAL D 239 -10.94 -45.66 -9.60
N PRO D 240 -9.70 -45.41 -10.04
CA PRO D 240 -9.15 -46.04 -11.24
C PRO D 240 -9.09 -47.54 -11.02
N SER D 241 -9.49 -48.35 -12.01
CA SER D 241 -9.57 -49.80 -11.79
C SER D 241 -8.22 -50.41 -11.44
N GLU D 242 -7.15 -49.72 -11.83
CA GLU D 242 -5.79 -50.20 -11.60
C GLU D 242 -5.28 -50.02 -10.17
N PHE D 243 -5.95 -49.21 -9.36
CA PHE D 243 -5.55 -49.07 -7.97
C PHE D 243 -5.65 -50.41 -7.27
N PRO D 244 -4.55 -50.86 -6.63
CA PRO D 244 -4.55 -52.12 -5.90
C PRO D 244 -5.48 -52.08 -4.69
N THR D 245 -6.37 -53.06 -4.60
CA THR D 245 -7.16 -53.24 -3.41
C THR D 245 -6.20 -53.35 -2.23
N GLY D 246 -6.48 -52.60 -1.16
CA GLY D 246 -5.57 -52.53 -0.04
C GLY D 246 -4.68 -51.29 -0.08
N LEU D 247 -4.95 -50.40 -1.03
CA LEU D 247 -4.26 -49.12 -1.09
C LEU D 247 -4.54 -48.26 0.14
N ILE D 248 -3.48 -47.80 0.80
CA ILE D 248 -3.65 -46.88 1.91
C ILE D 248 -3.34 -45.46 1.47
N SER D 249 -4.26 -44.54 1.70
CA SER D 249 -4.00 -43.15 1.38
C SER D 249 -4.21 -42.24 2.57
N VAL D 250 -3.74 -41.00 2.41
CA VAL D 250 -3.97 -39.96 3.39
C VAL D 250 -4.76 -38.89 2.68
N SER D 251 -6.04 -38.75 2.98
CA SER D 251 -6.86 -37.79 2.25
C SER D 251 -7.19 -36.57 3.09
N TYR D 252 -7.62 -35.53 2.41
CA TYR D 252 -8.16 -34.37 3.08
C TYR D 252 -9.68 -34.51 3.03
N ASP D 253 -10.26 -34.79 4.18
CA ASP D 253 -11.66 -35.22 4.27
C ASP D 253 -12.67 -34.18 3.82
N GLU D 254 -13.50 -34.58 2.86
CA GLU D 254 -14.71 -33.83 2.53
C GLU D 254 -15.80 -34.35 3.46
N TRP D 255 -15.40 -35.19 4.41
CA TRP D 255 -16.35 -35.90 5.26
C TRP D 255 -16.78 -35.11 6.49
N ASP D 256 -15.91 -34.20 6.96
CA ASP D 256 -16.25 -33.37 8.11
C ASP D 256 -16.06 -31.88 7.80
N TYR D 257 -15.64 -31.60 6.57
CA TYR D 257 -15.31 -30.24 6.15
C TYR D 257 -15.73 -30.06 4.70
N GLY D 258 -17.01 -29.77 4.48
CA GLY D 258 -17.58 -29.76 3.15
C GLY D 258 -17.28 -28.51 2.37
N LEU D 259 -17.64 -28.53 1.09
CA LEU D 259 -17.41 -27.36 0.24
C LEU D 259 -17.94 -26.06 0.89
N PRO D 260 -19.23 -26.03 1.28
CA PRO D 260 -19.78 -24.79 1.83
C PRO D 260 -19.03 -24.30 3.09
N ALA D 261 -18.57 -25.22 3.92
CA ALA D 261 -17.76 -24.87 5.07
C ALA D 261 -16.46 -24.21 4.61
N ARG D 262 -15.78 -24.86 3.68
CA ARG D 262 -14.54 -24.35 3.10
C ARG D 262 -14.71 -22.98 2.47
N VAL D 263 -15.71 -22.86 1.60
CA VAL D 263 -15.97 -21.60 0.92
C VAL D 263 -16.27 -20.46 1.89
N ARG D 264 -16.94 -20.76 3.00
CA ARG D 264 -17.19 -19.76 4.03
C ARG D 264 -15.85 -19.39 4.68
N ASP D 265 -15.01 -20.38 4.94
CA ASP D 265 -13.73 -20.14 5.61
C ASP D 265 -12.73 -19.39 4.71
N GLY D 266 -12.83 -19.61 3.41
CA GLY D 266 -11.98 -18.93 2.47
C GLY D 266 -12.35 -17.46 2.31
N ILE D 267 -13.60 -17.12 2.62
CA ILE D 267 -14.02 -15.72 2.61
C ILE D 267 -13.63 -15.07 3.93
N ALA D 268 -13.59 -15.88 5.00
CA ALA D 268 -13.17 -15.39 6.30
C ALA D 268 -11.67 -15.14 6.32
N ILE D 269 -10.92 -15.91 5.53
CA ILE D 269 -9.49 -15.67 5.36
C ILE D 269 -9.24 -14.31 4.67
N ILE D 270 -9.79 -14.16 3.46
CA ILE D 270 -9.57 -12.97 2.64
C ILE D 270 -10.14 -11.71 3.29
N THR D 271 -11.34 -11.82 3.86
CA THR D 271 -11.95 -10.67 4.53
C THR D 271 -11.19 -10.26 5.78
N ALA D 273 -8.08 -10.90 6.47
CA ALA D 273 -6.78 -10.39 6.06
C ALA D 273 -6.90 -8.90 5.76
N ALA D 274 -7.74 -8.56 4.80
CA ALA D 274 -7.96 -7.17 4.38
C ALA D 274 -8.24 -6.26 5.58
N SER D 275 -9.13 -6.68 6.46
CA SER D 275 -9.45 -5.95 7.69
C SER D 275 -8.19 -5.71 8.51
N ASP D 276 -7.44 -6.76 8.77
CA ASP D 276 -6.23 -6.64 9.58
C ASP D 276 -5.29 -5.60 9.02
N MET D 277 -5.09 -5.62 7.71
CA MET D 277 -4.12 -4.75 7.08
C MET D 277 -4.62 -3.31 7.00
N LEU D 278 -5.93 -3.14 6.82
CA LEU D 278 -6.56 -1.83 6.80
C LEU D 278 -6.49 -1.21 8.19
N SER D 279 -6.79 -2.01 9.20
CA SER D 279 -6.82 -1.58 10.59
C SER D 279 -5.44 -1.21 11.12
N GLU D 280 -4.39 -1.54 10.38
CA GLU D 280 -3.01 -1.24 10.82
C GLU D 280 -2.27 -0.27 9.91
N HIS D 281 -2.60 -0.27 8.62
CA HIS D 281 -1.90 0.56 7.65
C HIS D 281 -2.87 1.43 6.88
N SER D 282 -4.11 1.45 7.36
CA SER D 282 -5.11 2.37 6.82
C SER D 282 -5.18 2.33 5.30
N PHE D 283 -4.89 1.16 4.74
CA PHE D 283 -5.09 0.91 3.31
C PHE D 283 -4.99 -0.57 2.93
N ILE D 284 -5.49 -0.91 1.75
CA ILE D 284 -5.33 -2.24 1.17
C ILE D 284 -4.93 -2.09 -0.29
N PRO D 285 -4.17 -3.06 -0.82
CA PRO D 285 -3.70 -3.00 -2.20
C PRO D 285 -4.84 -2.81 -3.18
N GLU D 286 -4.60 -2.02 -4.21
CA GLU D 286 -5.63 -1.76 -5.22
C GLU D 286 -5.60 -2.89 -6.23
N PRO D 287 -6.72 -3.62 -6.33
CA PRO D 287 -6.79 -4.79 -7.20
C PRO D 287 -6.36 -4.53 -8.65
N LYS D 288 -5.46 -5.36 -9.16
CA LYS D 288 -4.96 -5.24 -10.52
C LYS D 288 -6.12 -5.02 -11.47
N SER D 289 -6.30 -3.78 -11.91
CA SER D 289 -7.35 -3.45 -12.86
C SER D 289 -7.29 -4.37 -14.07
N SER D 290 -6.11 -4.89 -14.35
CA SER D 290 -5.93 -5.79 -15.47
C SER D 290 -4.67 -6.64 -15.38
N CYS D 291 -4.55 -7.55 -16.34
CA CYS D 291 -3.39 -8.41 -16.48
C CYS D 291 -2.63 -7.94 -17.70
N TYR D 292 -2.46 -6.62 -17.83
CA TYR D 292 -1.72 -6.04 -18.94
C TYR D 292 -0.64 -5.09 -18.41
N ASN D 293 0.14 -5.58 -17.45
CA ASN D 293 1.21 -4.80 -16.84
C ASN D 293 2.41 -5.67 -16.44
N LYS D 297 4.46 -1.69 -14.50
CA LYS D 297 3.78 -0.95 -13.45
C LYS D 297 3.84 -1.72 -12.14
N ARG D 298 5.03 -2.23 -11.81
CA ARG D 298 5.19 -3.18 -10.72
C ARG D 298 5.80 -2.57 -9.45
N ILE D 299 6.50 -1.45 -9.60
CA ILE D 299 7.05 -0.75 -8.44
C ILE D 299 5.95 -0.33 -7.46
N TYR D 300 4.71 -0.62 -7.82
CA TYR D 300 3.58 -0.15 -7.04
C TYR D 300 2.97 -1.25 -6.18
N GLN D 301 2.78 -2.44 -6.76
CA GLN D 301 2.24 -3.55 -5.96
C GLN D 301 3.27 -4.13 -5.03
N SER D 302 2.79 -4.65 -3.90
CA SER D 302 3.66 -5.23 -2.90
C SER D 302 3.22 -6.64 -2.60
N ASN D 303 3.86 -7.25 -1.60
CA ASN D 303 3.49 -8.58 -1.14
C ASN D 303 2.81 -8.48 0.22
N MET D 304 2.57 -7.24 0.65
CA MET D 304 2.17 -6.93 2.03
C MET D 304 1.00 -7.74 2.58
N LEU D 305 0.00 -8.04 1.75
CA LEU D 305 -1.17 -8.74 2.26
C LEU D 305 -0.87 -10.13 2.85
N ASN D 306 0.11 -10.85 2.29
CA ASN D 306 0.45 -12.21 2.73
C ASN D 306 0.55 -12.36 4.24
N ARG D 307 1.39 -11.52 4.85
CA ARG D 307 1.60 -11.52 6.29
C ARG D 307 0.28 -11.65 7.06
N TYR D 308 -0.81 -11.20 6.46
CA TYR D 308 -2.11 -11.20 7.12
C TYR D 308 -2.99 -12.38 6.74
N LEU D 309 -2.90 -12.80 5.48
CA LEU D 309 -3.66 -13.96 4.98
C LEU D 309 -3.24 -15.21 5.72
N ILE D 310 -2.09 -15.13 6.37
CA ILE D 310 -1.43 -16.29 6.93
C ILE D 310 -1.78 -16.51 8.39
N ASN D 311 -2.28 -15.48 9.06
CA ASN D 311 -2.48 -15.52 10.50
C ASN D 311 -3.95 -15.37 10.91
N VAL D 312 -4.86 -15.70 9.99
CA VAL D 312 -6.28 -15.48 10.22
C VAL D 312 -6.90 -16.42 11.24
N THR D 313 -7.42 -15.85 12.32
CA THR D 313 -8.16 -16.62 13.31
C THR D 313 -9.65 -16.22 13.31
N PHE D 314 -10.51 -17.21 13.07
CA PHE D 314 -11.93 -16.98 12.77
C PHE D 314 -12.85 -17.46 13.91
N GLU D 315 -13.01 -18.78 13.99
CA GLU D 315 -13.55 -19.42 15.18
C GLU D 315 -12.47 -20.40 15.65
N ASP D 318 -8.16 -21.78 14.34
CA ASP D 318 -6.90 -21.27 13.80
C ASP D 318 -6.70 -21.66 12.34
N LEU D 319 -7.01 -20.73 11.43
CA LEU D 319 -6.99 -21.02 10.00
C LEU D 319 -5.67 -20.71 9.30
N SER D 320 -4.64 -20.40 10.08
CA SER D 320 -3.36 -19.96 9.53
C SER D 320 -2.66 -20.92 8.55
N PHE D 321 -1.73 -20.38 7.78
CA PHE D 321 -0.96 -21.16 6.83
C PHE D 321 0.53 -21.14 7.11
N SER D 322 1.29 -21.85 6.30
CA SER D 322 2.73 -21.62 6.21
C SER D 322 2.95 -20.65 5.06
N GLU D 323 4.12 -20.02 5.00
CA GLU D 323 4.42 -19.18 3.85
C GLU D 323 4.54 -20.06 2.60
N ASP D 324 4.69 -21.36 2.82
CA ASP D 324 4.72 -22.34 1.72
C ASP D 324 3.37 -22.52 1.03
N GLY D 325 2.29 -22.24 1.74
CA GLY D 325 0.98 -22.12 1.13
C GLY D 325 0.07 -23.28 1.41
N TYR D 326 0.24 -23.90 2.58
CA TYR D 326 -0.58 -25.03 2.98
C TYR D 326 -1.07 -24.77 4.40
N GLN D 327 -2.18 -25.41 4.77
CA GLN D 327 -2.75 -25.21 6.10
C GLN D 327 -1.84 -25.74 7.18
N MET D 328 -1.76 -24.99 8.28
CA MET D 328 -1.01 -25.45 9.44
C MET D 328 -1.73 -26.60 10.15
N HIS D 329 -3.04 -26.49 10.29
CA HIS D 329 -3.76 -27.42 11.15
C HIS D 329 -4.93 -28.12 10.48
N PRO D 330 -4.62 -28.95 9.48
CA PRO D 330 -5.66 -29.64 8.72
C PRO D 330 -5.99 -30.94 9.42
N LYS D 331 -7.25 -31.37 9.35
CA LYS D 331 -7.65 -32.69 9.82
C LYS D 331 -7.45 -33.71 8.71
N LEU D 332 -6.76 -34.78 9.03
CA LEU D 332 -6.46 -35.80 8.04
C LEU D 332 -7.19 -37.10 8.40
N VAL D 333 -7.80 -37.70 7.39
CA VAL D 333 -8.40 -39.03 7.54
C VAL D 333 -7.58 -40.04 6.76
N ILE D 334 -7.20 -41.16 7.41
CA ILE D 334 -6.55 -42.25 6.71
C ILE D 334 -7.59 -43.14 6.07
N ILE D 335 -7.38 -43.50 4.81
CA ILE D 335 -8.36 -44.28 4.06
C ILE D 335 -7.74 -45.52 3.46
N LEU D 336 -8.55 -46.58 3.38
CA LEU D 336 -8.13 -47.83 2.81
C LEU D 336 -9.05 -48.12 1.66
N LEU D 337 -8.49 -48.48 0.50
CA LEU D 337 -9.30 -48.93 -0.61
C LEU D 337 -9.55 -50.41 -0.37
N ASN D 338 -10.81 -50.79 -0.24
CA ASN D 338 -11.12 -52.17 0.19
C ASN D 338 -11.56 -53.13 -0.92
N LYS D 339 -11.95 -54.35 -0.53
CA LYS D 339 -12.31 -55.40 -1.49
C LYS D 339 -13.55 -54.99 -2.29
N GLU D 340 -14.52 -54.40 -1.61
CA GLU D 340 -15.71 -53.89 -2.29
C GLU D 340 -15.38 -52.59 -3.08
N ARG D 341 -14.10 -52.21 -3.08
CA ARG D 341 -13.54 -51.08 -3.87
C ARG D 341 -14.13 -49.67 -3.67
N LYS D 342 -14.48 -49.38 -2.43
CA LYS D 342 -14.83 -48.04 -2.03
C LYS D 342 -13.73 -47.60 -1.07
N TRP D 343 -13.49 -46.31 -0.96
CA TRP D 343 -12.53 -45.83 0.01
C TRP D 343 -13.17 -45.78 1.38
N GLU D 344 -12.52 -46.41 2.36
CA GLU D 344 -13.07 -46.55 3.71
C GLU D 344 -12.21 -45.82 4.74
N ARG D 345 -12.85 -45.09 5.64
CA ARG D 345 -12.11 -44.36 6.67
C ARG D 345 -11.63 -45.34 7.74
N VAL D 346 -10.32 -45.42 7.96
CA VAL D 346 -9.76 -46.35 8.94
C VAL D 346 -8.81 -45.67 9.92
N GLY D 347 -8.76 -44.33 9.91
CA GLY D 347 -7.96 -43.57 10.86
C GLY D 347 -8.22 -42.07 10.86
N LYS D 348 -7.72 -41.39 11.91
CA LYS D 348 -7.85 -39.93 12.05
C LYS D 348 -6.53 -39.34 12.53
N TRP D 349 -6.14 -38.19 11.99
CA TRP D 349 -4.90 -37.56 12.41
C TRP D 349 -5.14 -36.24 13.14
N LEU D 354 -2.33 -39.37 15.82
CA LEU D 354 -2.77 -40.57 15.06
C LEU D 354 -3.59 -41.64 15.83
N GLN D 355 -4.85 -41.83 15.43
CA GLN D 355 -5.73 -42.79 16.07
C GLN D 355 -6.36 -43.74 15.05
N MET D 356 -5.93 -45.00 15.07
CA MET D 356 -6.35 -45.96 14.06
C MET D 356 -7.52 -46.83 14.48
N LYS D 357 -8.43 -47.07 13.55
CA LYS D 357 -9.56 -47.96 13.77
C LYS D 357 -9.11 -49.37 14.14
N TYR D 358 -8.14 -49.90 13.39
CA TYR D 358 -7.63 -51.25 13.62
C TYR D 358 -6.37 -51.31 14.50
N TYR D 359 -6.23 -52.42 15.23
CA TYR D 359 -5.04 -52.71 16.03
C TYR D 359 -4.20 -53.82 15.39
N VAL D 360 -4.84 -54.72 14.66
CA VAL D 360 -4.13 -55.66 13.80
C VAL D 360 -4.57 -55.30 12.40
N TRP D 361 -3.62 -54.98 11.53
CA TRP D 361 -3.99 -54.57 10.18
C TRP D 361 -4.59 -55.75 9.43
N PRO D 362 -5.81 -55.56 8.95
CA PRO D 362 -6.65 -56.58 8.29
C PRO D 362 -6.06 -56.98 6.96
N ARG D 363 -6.40 -58.17 6.48
CA ARG D 363 -5.83 -58.67 5.24
C ARG D 363 -6.63 -58.18 4.04
N MET D 364 -5.93 -57.53 3.12
CA MET D 364 -6.54 -56.81 2.00
C MET D 364 -5.83 -57.18 0.70
C1 NAG E . -39.70 29.74 28.20
C2 NAG E . -40.21 30.85 27.29
C3 NAG E . -40.22 32.21 27.97
C4 NAG E . -40.79 32.13 29.39
C5 NAG E . -40.20 30.94 30.16
C6 NAG E . -40.83 30.77 31.54
C7 NAG E . -39.85 30.59 24.91
C8 NAG E . -38.86 30.58 23.78
N2 NAG E . -39.37 30.91 26.12
O3 NAG E . -40.90 33.17 27.18
O4 NAG E . -40.46 33.33 30.05
O5 NAG E . -40.36 29.75 29.45
O6 NAG E . -42.18 30.40 31.39
O7 NAG E . -41.03 30.32 24.74
C1 NAG E . -41.52 33.97 30.77
C2 NAG E . -40.97 35.08 31.65
C3 NAG E . -42.12 35.92 32.20
C4 NAG E . -43.06 36.32 31.09
C5 NAG E . -43.57 35.04 30.43
C6 NAG E . -44.60 35.27 29.34
C7 NAG E . -38.90 34.53 32.80
C8 NAG E . -38.27 33.72 33.90
N2 NAG E . -40.22 34.46 32.72
O3 NAG E . -41.64 37.07 32.89
O4 NAG E . -44.11 37.09 31.61
O5 NAG E . -42.46 34.42 29.84
O6 NAG E . -43.98 35.93 28.26
O7 NAG E . -38.22 35.18 32.02
C1 BMA E . -44.89 38.18 32.13
C2 BMA E . -46.37 38.43 32.18
C3 BMA E . -46.58 39.87 32.62
C4 BMA E . -45.89 40.16 33.97
C5 BMA E . -44.40 39.68 33.92
C6 BMA E . -43.55 39.98 35.16
O2 BMA E . -47.07 37.41 32.85
O3 BMA E . -47.83 40.46 32.37
O4 BMA E . -45.95 41.49 34.39
O5 BMA E . -44.32 38.31 33.42
O6 BMA E . -42.63 38.99 35.55
C1 MAN E . -48.70 41.38 31.68
C2 MAN E . -50.14 41.71 32.10
C3 MAN E . -51.06 40.49 31.96
C4 MAN E . -50.82 39.73 30.64
C5 MAN E . -49.33 39.57 30.38
C6 MAN E . -49.03 38.81 29.08
O2 MAN E . -50.65 42.84 31.40
O3 MAN E . -52.43 40.86 32.13
O4 MAN E . -51.41 38.44 30.70
O5 MAN E . -48.69 40.84 30.38
O6 MAN E . -47.67 38.92 28.74
C1 MAN E . -41.64 39.10 36.60
C2 MAN E . -40.17 39.08 36.20
C3 MAN E . -39.77 37.70 35.72
C4 MAN E . -40.29 36.61 36.66
C5 MAN E . -41.76 36.83 37.01
C6 MAN E . -42.28 35.77 37.99
O2 MAN E . -39.38 39.40 37.31
O3 MAN E . -38.36 37.66 35.71
O4 MAN E . -40.13 35.35 36.05
O5 MAN E . -41.88 38.12 37.56
O6 MAN E . -41.65 35.88 39.25
C1 FUC E . -40.71 34.36 26.39
C2 FUC E . -41.14 35.80 26.67
C3 FUC E . -41.50 36.53 25.47
C4 FUC E . -42.25 35.72 24.52
C5 FUC E . -41.36 34.63 24.00
C6 FUC E . -42.18 33.55 23.35
O2 FUC E . -40.12 36.50 27.40
O3 FUC E . -42.20 37.79 25.74
O4 FUC E . -43.46 35.20 25.08
O5 FUC E . -40.45 34.08 24.99
NA NA F . -18.76 30.88 13.98
C1 NAG G . -40.35 20.70 8.93
C2 NAG G . -41.64 19.93 9.21
C3 NAG G . -42.76 20.27 8.23
C4 NAG G . -42.93 21.79 8.15
C5 NAG G . -41.57 22.47 7.94
C6 NAG G . -41.74 23.97 8.12
C7 NAG G . -41.16 17.93 10.44
C8 NAG G . -40.21 16.78 10.47
N2 NAG G . -41.34 18.51 9.26
O3 NAG G . -43.97 19.72 8.70
O4 NAG G . -43.85 22.19 7.15
O5 NAG G . -40.59 22.07 8.87
O6 NAG G . -41.36 24.56 6.89
O7 NAG G . -41.72 18.30 11.48
C1 NAG H . 0.20 33.46 -17.51
C2 NAG H . 0.49 32.98 -18.93
C3 NAG H . 1.95 33.27 -19.30
C4 NAG H . 2.20 34.76 -19.13
C5 NAG H . 1.89 35.15 -17.68
C6 NAG H . 2.19 36.63 -17.39
C7 NAG H . -0.01 31.10 -20.36
C8 NAG H . -0.37 29.64 -20.50
N2 NAG H . 0.16 31.59 -19.13
O3 NAG H . 2.26 32.85 -20.61
O4 NAG H . 3.55 35.05 -19.46
O5 NAG H . 0.54 34.84 -17.37
O6 NAG H . 1.69 37.47 -18.39
O7 NAG H . 0.13 31.80 -21.37
C1 NAG I . 15.53 8.56 10.28
C2 NAG I . 15.33 7.74 11.57
C3 NAG I . 16.52 6.88 12.03
C4 NAG I . 17.48 6.53 10.89
C5 NAG I . 17.78 7.82 10.15
C6 NAG I . 18.99 7.75 9.23
C7 NAG I . 13.86 8.56 13.34
C8 NAG I . 12.71 9.43 12.89
N2 NAG I . 14.99 8.65 12.65
O3 NAG I . 16.06 5.69 12.62
O4 NAG I . 18.66 5.95 11.42
O5 NAG I . 16.59 8.14 9.44
O6 NAG I . 19.10 6.48 8.63
O7 NAG I . 13.74 7.82 14.32
C1 QEL J . -9.71 25.30 0.48
N1 QEL J . -8.31 30.58 6.21
O1 QEL J . -6.97 30.23 8.69
C2 QEL J . -6.86 34.87 9.50
O2 QEL J . -7.16 35.98 11.68
C3 QEL J . -7.72 33.72 11.38
C4 QEL J . -8.43 27.37 1.88
C5 QEL J . -8.11 26.05 2.16
C6 QEL J . -8.73 25.00 1.47
C7 QEL J . -7.71 28.47 2.59
C8 QEL J . -8.51 29.36 3.61
C9 QEL J . -8.85 28.59 4.78
C01 QEL J . -10.03 26.61 0.20
C02 QEL J . -9.39 27.66 0.88
C10 QEL J . -9.24 29.45 5.96
C11 QEL J . -7.89 31.31 5.05
C12 QEL J . -7.55 30.46 3.90
C13 QEL J . -8.69 31.28 7.44
C14 QEL J . -7.60 31.26 8.47
C15 QEL J . -7.42 32.56 9.26
C16 QEL J . -6.97 33.69 8.71
C18 QEL J . -7.25 34.84 10.85
C19 QEL J . -7.82 32.54 10.58
C24 QEL J . -9.86 30.69 8.12
NA NA K . 15.43 -30.26 -20.12
C1 NAG L . 25.49 -15.56 -36.80
C2 NAG L . 25.34 -16.11 -38.23
C3 NAG L . 26.63 -16.09 -39.03
C4 NAG L . 27.39 -14.78 -38.82
C5 NAG L . 27.54 -14.57 -37.33
C6 NAG L . 28.50 -13.44 -36.99
C7 NAG L . 23.60 -17.79 -38.37
C8 NAG L . 23.31 -19.12 -39.02
N2 NAG L . 24.88 -17.48 -38.20
O3 NAG L . 26.34 -16.32 -40.39
O4 NAG L . 28.68 -14.85 -39.41
O5 NAG L . 26.25 -14.37 -36.79
O6 NAG L . 27.84 -12.48 -36.19
O7 NAG L . 22.69 -17.05 -38.02
C1 NAG M . -21.31 -23.55 -19.19
C2 NAG M . -22.30 -24.12 -20.19
C3 NAG M . -21.67 -24.11 -21.58
C4 NAG M . -21.18 -22.70 -21.92
C5 NAG M . -20.26 -22.17 -20.82
C6 NAG M . -19.82 -20.74 -21.10
C7 NAG M . -23.76 -25.66 -19.00
C8 NAG M . -23.60 -26.74 -17.97
N2 NAG M . -22.72 -25.45 -19.81
O3 NAG M . -22.61 -24.58 -22.54
O4 NAG M . -20.47 -22.66 -23.15
O5 NAG M . -20.90 -22.24 -19.57
O6 NAG M . -20.91 -20.01 -21.62
O7 NAG M . -24.81 -25.01 -19.06
C1 NAG N . -0.40 -13.19 14.61
C2 NAG N . -1.13 -12.59 15.84
C3 NAG N . -0.30 -11.74 16.80
C4 NAG N . 1.20 -11.97 16.68
C5 NAG N . 1.54 -11.95 15.19
C6 NAG N . 3.04 -11.81 14.92
C7 NAG N . -3.52 -11.99 15.65
C8 NAG N . -4.53 -11.96 14.52
N2 NAG N . -2.24 -11.80 15.32
O3 NAG N . -0.68 -11.98 18.15
O4 NAG N . 1.92 -10.99 17.39
O5 NAG N . 1.02 -13.13 14.62
O6 NAG N . 3.75 -12.87 15.50
O7 NAG N . -3.91 -12.18 16.81
C1 QEL O . 0.91 -21.46 -16.75
N1 QEL O . 3.37 -28.66 -15.16
O1 QEL O . 4.72 -29.53 -12.67
C2 QEL O . 4.19 -34.12 -13.71
O2 QEL O . 5.88 -35.85 -13.19
C3 QEL O . 6.39 -33.60 -13.04
C4 QEL O . 0.58 -24.16 -16.09
C5 QEL O . 1.11 -23.29 -15.14
C6 QEL O . 1.29 -21.93 -15.46
C7 QEL O . 0.36 -25.61 -15.74
C8 QEL O . 1.54 -26.64 -16.12
C9 QEL O . 2.83 -26.24 -15.63
C01 QEL O . 0.36 -22.33 -17.71
C02 QEL O . 0.19 -23.68 -17.38
C10 QEL O . 3.86 -27.35 -15.63
C11 QEL O . 2.11 -28.97 -15.76
C12 QEL O . 1.12 -27.90 -15.50
C13 QEL O . 4.42 -29.71 -15.01
C14 QEL O . 4.61 -30.28 -13.64
C15 QEL O . 4.81 -31.80 -13.53
C16 QEL O . 3.86 -32.73 -13.82
C18 QEL O . 5.47 -34.51 -13.32
C19 QEL O . 6.06 -32.22 -13.15
C24 QEL O . 5.78 -29.33 -15.42
#